data_2ZC0
#
_entry.id   2ZC0
#
_cell.length_a   77.694
_cell.length_b   112.519
_cell.length_c   207.287
_cell.angle_alpha   90.00
_cell.angle_beta   90.00
_cell.angle_gamma   90.00
#
_symmetry.space_group_name_H-M   'P 21 21 21'
#
loop_
_entity.id
_entity.type
_entity.pdbx_description
1 polymer 'Alanine glyoxylate transaminase'
2 non-polymer 'ZINC ION'
3 non-polymer "4'-DEOXY-4'-AMINOPYRIDOXAL-5'-PHOSPHATE"
4 non-polymer IMIDAZOLE
5 water water
#
_entity_poly.entity_id   1
_entity_poly.type   'polypeptide(L)'
_entity_poly.pdbx_seq_one_letter_code
;MDYTKYLAGRANWIKGSALADVMKKASELQKKGVKLISLAAGDPDPELIPRAVLGEIAKEVLEKEPKSVMYTPANGIPEL
REELAAFLKKYDHLEVSPENIVITIGGTGALDLLGRVLIDPGDVVITENPSYINTLLAFEQLGAKIEGVPVDNDGMRVDL
LEEKIKELKAKGQKVKLIYTIPTGQNPMGVTMSMERRKALLEIASKYDLLIIEDTAYNFMRYEGGDIVPLKALDNEGRVI
VAGTLSKVLGTGFRIGWIIAEGEILKKVLMQKQPIDFCAPAISQYIALEYLKRGYFEKYHLEGALLGYKEKRDIMLKALE
NHLPNAEFTKPIAGMFVMFFLPEGADGISFANELMEREGVVVVPGKPFYTDESGKNAIRLNFSRPSKEEIPIGIKKLAKL
YKEKFGE
;
_entity_poly.pdbx_strand_id   A,B,C,D
#
loop_
_chem_comp.id
_chem_comp.type
_chem_comp.name
_chem_comp.formula
IMD non-polymer IMIDAZOLE 'C3 H5 N2 1'
PMP non-polymer 4'-DEOXY-4'-AMINOPYRIDOXAL-5'-PHOSPHATE 'C8 H13 N2 O5 P'
ZN non-polymer 'ZINC ION' 'Zn 2'
#
# COMPACT_ATOMS: atom_id res chain seq x y z
N MET A 1 -26.59 -9.39 -4.59
CA MET A 1 -25.69 -8.20 -4.47
C MET A 1 -24.26 -8.62 -4.78
N ASP A 2 -23.49 -7.72 -5.38
CA ASP A 2 -22.11 -7.99 -5.75
C ASP A 2 -21.17 -7.40 -4.68
N TYR A 3 -20.74 -8.23 -3.73
CA TYR A 3 -19.87 -7.73 -2.66
C TYR A 3 -18.46 -7.48 -3.14
N THR A 4 -18.17 -7.95 -4.35
CA THR A 4 -16.84 -7.81 -4.91
C THR A 4 -16.42 -6.33 -4.99
N LYS A 5 -17.36 -5.45 -5.29
CA LYS A 5 -17.10 -4.01 -5.42
C LYS A 5 -16.67 -3.34 -4.12
N TYR A 6 -16.96 -3.97 -2.98
CA TYR A 6 -16.59 -3.40 -1.70
C TYR A 6 -15.24 -3.90 -1.20
N LEU A 7 -14.69 -4.92 -1.86
CA LEU A 7 -13.40 -5.48 -1.46
C LEU A 7 -12.26 -4.48 -1.54
N ALA A 8 -11.23 -4.69 -0.74
CA ALA A 8 -10.08 -3.80 -0.81
C ALA A 8 -9.28 -4.36 -1.99
N GLY A 9 -8.53 -3.51 -2.68
CA GLY A 9 -7.73 -4.00 -3.79
C GLY A 9 -6.83 -5.13 -3.31
N ARG A 10 -6.19 -4.95 -2.15
CA ARG A 10 -5.30 -5.97 -1.63
C ARG A 10 -5.98 -7.32 -1.36
N ALA A 11 -7.30 -7.37 -1.41
CA ALA A 11 -8.01 -8.62 -1.19
C ALA A 11 -7.70 -9.54 -2.38
N ASN A 12 -7.37 -8.93 -3.52
CA ASN A 12 -7.00 -9.66 -4.74
C ASN A 12 -5.69 -10.45 -4.58
N TRP A 13 -4.88 -10.11 -3.57
CA TRP A 13 -3.61 -10.81 -3.36
C TRP A 13 -3.87 -12.13 -2.62
N ILE A 14 -5.10 -12.28 -2.13
CA ILE A 14 -5.50 -13.51 -1.42
C ILE A 14 -5.95 -14.54 -2.44
N LYS A 15 -5.37 -15.73 -2.40
CA LYS A 15 -5.76 -16.76 -3.35
C LYS A 15 -5.97 -18.12 -2.72
N GLY A 16 -6.53 -19.03 -3.51
CA GLY A 16 -6.80 -20.38 -3.02
C GLY A 16 -5.57 -21.14 -2.56
N SER A 17 -5.80 -22.18 -1.77
CA SER A 17 -4.74 -23.03 -1.23
C SER A 17 -5.10 -24.50 -1.46
N ALA A 18 -4.27 -25.21 -2.22
CA ALA A 18 -4.52 -26.62 -2.50
C ALA A 18 -4.59 -27.40 -1.18
N LEU A 19 -3.72 -27.04 -0.23
CA LEU A 19 -3.67 -27.68 1.08
C LEU A 19 -5.00 -27.56 1.82
N ALA A 20 -5.58 -26.37 1.81
CA ALA A 20 -6.86 -26.12 2.46
C ALA A 20 -8.00 -26.69 1.61
N ASP A 21 -7.88 -26.57 0.29
CA ASP A 21 -8.89 -27.06 -0.63
C ASP A 21 -9.02 -28.58 -0.58
N VAL A 22 -7.89 -29.28 -0.46
CA VAL A 22 -7.89 -30.74 -0.40
C VAL A 22 -8.40 -31.23 0.95
N MET A 23 -8.08 -30.50 2.01
CA MET A 23 -8.51 -30.87 3.36
C MET A 23 -10.02 -30.77 3.49
N LYS A 24 -10.61 -29.79 2.81
CA LYS A 24 -12.06 -29.60 2.86
C LYS A 24 -12.76 -30.62 1.97
N LYS A 25 -12.10 -31.02 0.90
CA LYS A 25 -12.65 -32.00 -0.03
C LYS A 25 -12.58 -33.40 0.60
N ALA A 26 -11.80 -33.51 1.66
CA ALA A 26 -11.63 -34.78 2.35
C ALA A 26 -12.59 -34.85 3.54
N SER A 27 -12.76 -33.72 4.22
CA SER A 27 -13.67 -33.66 5.36
C SER A 27 -15.08 -33.96 4.85
N GLU A 28 -15.33 -33.64 3.60
CA GLU A 28 -16.64 -33.88 2.99
C GLU A 28 -16.78 -35.37 2.70
N LEU A 29 -15.66 -36.01 2.37
CA LEU A 29 -15.67 -37.44 2.08
C LEU A 29 -15.88 -38.23 3.38
N GLN A 30 -15.31 -37.72 4.46
CA GLN A 30 -15.43 -38.36 5.78
C GLN A 30 -16.88 -38.32 6.25
N LYS A 31 -17.53 -37.19 5.99
CA LYS A 31 -18.93 -37.03 6.38
C LYS A 31 -19.84 -37.72 5.40
N LYS A 32 -19.48 -37.67 4.12
CA LYS A 32 -20.29 -38.29 3.09
C LYS A 32 -20.17 -39.80 3.06
N GLY A 33 -20.03 -40.40 4.25
CA GLY A 33 -19.92 -41.84 4.36
C GLY A 33 -18.51 -42.41 4.35
N VAL A 34 -17.84 -42.28 3.21
CA VAL A 34 -16.49 -42.78 3.00
C VAL A 34 -15.52 -42.70 4.19
N LYS A 35 -14.73 -43.76 4.34
CA LYS A 35 -13.72 -43.86 5.39
C LYS A 35 -12.39 -43.94 4.64
N LEU A 36 -11.49 -43.01 4.92
CA LEU A 36 -10.20 -42.99 4.23
C LEU A 36 -8.97 -42.96 5.14
N ILE A 37 -7.83 -43.27 4.55
CA ILE A 37 -6.56 -43.26 5.27
C ILE A 37 -5.86 -41.96 4.86
N SER A 38 -5.52 -41.12 5.85
CA SER A 38 -4.89 -39.85 5.56
C SER A 38 -3.38 -39.73 5.79
N LEU A 39 -2.71 -39.23 4.77
CA LEU A 39 -1.27 -39.00 4.76
C LEU A 39 -1.09 -37.56 4.32
N ALA A 40 -2.05 -36.71 4.68
CA ALA A 40 -2.02 -35.31 4.26
C ALA A 40 -1.71 -34.29 5.35
N ALA A 41 -2.74 -33.85 6.04
CA ALA A 41 -2.61 -32.85 7.11
C ALA A 41 -1.38 -33.04 7.98
N GLY A 42 -0.85 -31.93 8.46
CA GLY A 42 0.32 -31.98 9.31
C GLY A 42 0.04 -32.02 10.80
N ASP A 43 -0.86 -32.90 11.21
CA ASP A 43 -1.22 -33.03 12.60
C ASP A 43 -0.37 -34.05 13.36
N PRO A 44 -0.21 -33.87 14.67
CA PRO A 44 0.58 -34.83 15.44
C PRO A 44 -0.40 -35.98 15.68
N ASP A 45 0.08 -37.13 16.18
CA ASP A 45 -0.82 -38.24 16.46
C ASP A 45 -1.53 -37.92 17.78
N PRO A 46 -2.86 -37.84 17.77
CA PRO A 46 -3.62 -37.53 18.98
C PRO A 46 -3.50 -38.60 20.07
N GLU A 47 -3.06 -39.79 19.68
CA GLU A 47 -2.88 -40.89 20.62
C GLU A 47 -1.48 -40.87 21.22
N LEU A 48 -0.55 -40.18 20.57
CA LEU A 48 0.81 -40.08 21.10
C LEU A 48 0.91 -38.88 22.03
N ILE A 49 -0.16 -38.12 22.11
CA ILE A 49 -0.22 -36.96 22.98
C ILE A 49 -0.98 -37.40 24.24
N PRO A 50 -0.46 -37.02 25.42
CA PRO A 50 -1.11 -37.40 26.69
C PRO A 50 -2.41 -36.65 26.90
N ARG A 51 -3.39 -36.92 26.05
CA ARG A 51 -4.68 -36.24 26.17
C ARG A 51 -5.19 -36.36 27.58
N ALA A 52 -5.26 -37.60 28.06
CA ALA A 52 -5.74 -37.86 29.41
C ALA A 52 -5.03 -36.95 30.40
N VAL A 53 -3.71 -36.87 30.30
CA VAL A 53 -2.91 -36.03 31.18
C VAL A 53 -3.27 -34.55 31.00
N LEU A 54 -3.27 -34.08 29.76
CA LEU A 54 -3.61 -32.68 29.46
C LEU A 54 -5.00 -32.36 29.96
N GLY A 55 -5.87 -33.37 29.92
CA GLY A 55 -7.23 -33.19 30.38
C GLY A 55 -7.28 -32.80 31.84
N GLU A 56 -6.65 -33.59 32.72
CA GLU A 56 -6.68 -33.26 34.15
C GLU A 56 -5.96 -31.94 34.45
N ILE A 57 -4.88 -31.62 33.73
CA ILE A 57 -4.21 -30.36 33.99
C ILE A 57 -5.13 -29.20 33.57
N ALA A 58 -5.87 -29.42 32.48
CA ALA A 58 -6.81 -28.41 31.99
C ALA A 58 -7.89 -28.17 33.05
N LYS A 59 -8.41 -29.25 33.62
CA LYS A 59 -9.42 -29.17 34.67
C LYS A 59 -8.87 -28.46 35.89
N GLU A 60 -7.67 -28.85 36.30
CA GLU A 60 -6.98 -28.28 37.46
C GLU A 60 -6.80 -26.78 37.27
N VAL A 61 -6.20 -26.40 36.15
CA VAL A 61 -5.96 -25.01 35.84
C VAL A 61 -7.23 -24.16 35.88
N LEU A 62 -8.31 -24.65 35.26
CA LEU A 62 -9.57 -23.90 35.23
C LEU A 62 -10.23 -23.67 36.59
N GLU A 63 -10.28 -24.72 37.42
CA GLU A 63 -10.91 -24.59 38.72
C GLU A 63 -10.05 -23.84 39.74
N LYS A 64 -8.73 -23.96 39.64
CA LYS A 64 -7.83 -23.31 40.61
C LYS A 64 -7.31 -21.93 40.22
N GLU A 65 -7.11 -21.68 38.93
CA GLU A 65 -6.59 -20.39 38.47
C GLU A 65 -7.64 -19.57 37.70
N PRO A 66 -8.18 -18.51 38.32
CA PRO A 66 -9.17 -17.65 37.68
C PRO A 66 -8.64 -16.98 36.40
N LYS A 67 -7.35 -16.68 36.40
CA LYS A 67 -6.73 -16.04 35.25
C LYS A 67 -6.76 -16.94 34.01
N SER A 68 -7.08 -18.23 34.19
CA SER A 68 -7.12 -19.12 33.04
C SER A 68 -8.35 -18.93 32.17
N VAL A 69 -9.26 -18.04 32.56
CA VAL A 69 -10.46 -17.81 31.77
C VAL A 69 -10.53 -16.36 31.30
N MET A 70 -9.48 -15.61 31.60
CA MET A 70 -9.45 -14.19 31.25
C MET A 70 -8.35 -13.78 30.28
N TYR A 71 -8.35 -12.51 29.90
CA TYR A 71 -7.32 -12.00 29.03
C TYR A 71 -5.96 -12.20 29.68
N THR A 72 -4.91 -12.12 28.88
CA THR A 72 -3.54 -12.25 29.36
C THR A 72 -2.79 -11.10 28.69
N PRO A 73 -1.60 -10.75 29.17
CA PRO A 73 -0.91 -9.67 28.48
C PRO A 73 -0.69 -10.08 27.02
N ALA A 74 -0.69 -9.10 26.11
CA ALA A 74 -0.51 -9.38 24.70
C ALA A 74 0.64 -10.35 24.40
N ASN A 75 1.74 -10.21 25.12
CA ASN A 75 2.88 -11.10 24.91
C ASN A 75 2.79 -12.45 25.62
N GLY A 76 1.72 -12.70 26.35
CA GLY A 76 1.59 -13.96 27.05
C GLY A 76 1.95 -13.85 28.53
N ILE A 77 1.32 -14.67 29.37
CA ILE A 77 1.61 -14.63 30.79
C ILE A 77 3.10 -14.77 31.05
N PRO A 78 3.64 -14.00 32.01
CA PRO A 78 5.06 -14.03 32.36
C PRO A 78 5.62 -15.42 32.70
N GLU A 79 4.85 -16.23 33.41
CA GLU A 79 5.33 -17.56 33.79
C GLU A 79 5.67 -18.40 32.56
N LEU A 80 4.80 -18.39 31.55
CA LEU A 80 5.00 -19.15 30.32
C LEU A 80 6.26 -18.67 29.59
N ARG A 81 6.42 -17.35 29.48
CA ARG A 81 7.58 -16.80 28.82
C ARG A 81 8.85 -17.26 29.52
N GLU A 82 8.84 -17.27 30.85
CA GLU A 82 10.01 -17.71 31.60
C GLU A 82 10.26 -19.21 31.39
N GLU A 83 9.21 -20.02 31.47
CA GLU A 83 9.37 -21.45 31.27
C GLU A 83 9.86 -21.78 29.87
N LEU A 84 9.37 -21.06 28.86
CA LEU A 84 9.78 -21.28 27.48
C LEU A 84 11.24 -20.92 27.29
N ALA A 85 11.67 -19.87 27.99
CA ALA A 85 13.04 -19.43 27.91
C ALA A 85 13.97 -20.54 28.44
N ALA A 86 13.58 -21.16 29.55
CA ALA A 86 14.36 -22.23 30.16
C ALA A 86 14.26 -23.47 29.29
N PHE A 87 13.06 -23.71 28.77
CA PHE A 87 12.83 -24.85 27.90
C PHE A 87 13.67 -24.74 26.64
N LEU A 88 13.83 -23.53 26.12
CA LEU A 88 14.62 -23.34 24.91
C LEU A 88 16.10 -23.48 25.19
N LYS A 89 16.54 -22.97 26.33
CA LYS A 89 17.95 -23.04 26.68
C LYS A 89 18.39 -24.48 26.91
N LYS A 90 17.50 -25.29 27.47
CA LYS A 90 17.82 -26.68 27.74
C LYS A 90 17.74 -27.61 26.56
N TYR A 91 16.59 -27.64 25.90
CA TYR A 91 16.36 -28.53 24.76
C TYR A 91 16.56 -27.98 23.34
N ASP A 92 17.04 -26.75 23.20
CA ASP A 92 17.25 -26.19 21.86
C ASP A 92 18.46 -25.26 21.78
N HIS A 93 19.37 -25.38 22.75
CA HIS A 93 20.58 -24.54 22.80
C HIS A 93 20.32 -23.06 22.62
N LEU A 94 19.20 -22.57 23.13
CA LEU A 94 18.90 -21.17 22.95
C LEU A 94 18.88 -20.35 24.24
N GLU A 95 19.79 -19.39 24.34
CA GLU A 95 19.85 -18.53 25.51
C GLU A 95 19.08 -17.27 25.13
N VAL A 96 17.83 -17.17 25.55
CA VAL A 96 17.01 -16.00 25.22
C VAL A 96 16.30 -15.46 26.46
N SER A 97 16.10 -14.16 26.51
CA SER A 97 15.41 -13.55 27.64
C SER A 97 13.90 -13.74 27.53
N PRO A 98 13.20 -13.91 28.66
CA PRO A 98 11.75 -14.09 28.63
C PRO A 98 11.03 -12.86 28.06
N GLU A 99 11.72 -11.73 28.11
CA GLU A 99 11.19 -10.46 27.60
C GLU A 99 11.14 -10.40 26.08
N ASN A 100 11.96 -11.22 25.41
CA ASN A 100 12.01 -11.23 23.96
C ASN A 100 11.15 -12.33 23.35
N ILE A 101 10.25 -12.89 24.16
CA ILE A 101 9.38 -13.95 23.70
C ILE A 101 7.96 -13.42 23.64
N VAL A 102 7.31 -13.56 22.49
CA VAL A 102 5.93 -13.12 22.30
C VAL A 102 5.10 -14.35 21.93
N ILE A 103 4.16 -14.70 22.81
CA ILE A 103 3.26 -15.84 22.63
C ILE A 103 2.19 -15.45 21.62
N THR A 104 2.22 -16.13 20.49
CA THR A 104 1.31 -15.88 19.38
C THR A 104 0.37 -17.06 19.16
N ILE A 105 -0.56 -16.87 18.23
CA ILE A 105 -1.54 -17.91 17.88
C ILE A 105 -0.82 -18.91 16.97
N GLY A 106 0.05 -19.72 17.56
CA GLY A 106 0.80 -20.70 16.79
C GLY A 106 1.94 -20.09 15.98
N GLY A 107 2.67 -20.94 15.26
CA GLY A 107 3.76 -20.45 14.43
C GLY A 107 3.19 -19.58 13.32
N THR A 108 1.94 -19.86 12.93
CA THR A 108 1.24 -19.12 11.87
C THR A 108 1.06 -17.66 12.27
N GLY A 109 0.49 -17.44 13.45
CA GLY A 109 0.28 -16.08 13.93
C GLY A 109 1.59 -15.34 14.03
N ALA A 110 2.61 -16.02 14.54
CA ALA A 110 3.95 -15.42 14.66
C ALA A 110 4.44 -14.93 13.32
N LEU A 111 4.28 -15.77 12.30
CA LEU A 111 4.72 -15.43 10.95
C LEU A 111 3.89 -14.30 10.33
N ASP A 112 2.59 -14.23 10.66
CA ASP A 112 1.72 -13.19 10.15
C ASP A 112 2.06 -11.86 10.85
N LEU A 113 2.26 -11.92 12.16
CA LEU A 113 2.62 -10.73 12.92
C LEU A 113 3.93 -10.15 12.36
N LEU A 114 4.92 -11.02 12.11
CA LEU A 114 6.19 -10.57 11.56
C LEU A 114 6.06 -9.99 10.15
N GLY A 115 5.25 -10.61 9.30
CA GLY A 115 5.09 -10.11 7.96
C GLY A 115 4.49 -8.72 7.93
N ARG A 116 3.55 -8.49 8.84
CA ARG A 116 2.89 -7.20 8.90
C ARG A 116 3.84 -6.06 9.31
N VAL A 117 4.83 -6.38 10.12
CA VAL A 117 5.77 -5.37 10.58
C VAL A 117 7.00 -5.27 9.69
N LEU A 118 7.28 -6.33 8.93
CA LEU A 118 8.47 -6.35 8.11
C LEU A 118 8.29 -6.26 6.60
N ILE A 119 7.08 -6.44 6.11
CA ILE A 119 6.85 -6.40 4.67
C ILE A 119 6.05 -5.20 4.13
N ASP A 120 6.61 -4.48 3.16
CA ASP A 120 5.88 -3.39 2.51
C ASP A 120 5.49 -4.03 1.17
N PRO A 121 4.28 -3.75 0.67
CA PRO A 121 3.89 -4.35 -0.61
C PRO A 121 4.97 -4.17 -1.71
N GLY A 122 5.36 -5.27 -2.36
CA GLY A 122 6.38 -5.20 -3.39
C GLY A 122 7.72 -5.74 -2.94
N ASP A 123 7.94 -5.78 -1.64
CA ASP A 123 9.19 -6.30 -1.10
C ASP A 123 9.38 -7.74 -1.58
N VAL A 124 10.63 -8.10 -1.86
CA VAL A 124 10.94 -9.46 -2.27
C VAL A 124 11.38 -10.17 -1.01
N VAL A 125 10.87 -11.36 -0.78
CA VAL A 125 11.30 -12.12 0.38
C VAL A 125 11.78 -13.44 -0.20
N ILE A 126 12.99 -13.85 0.17
CA ILE A 126 13.53 -15.09 -0.36
C ILE A 126 13.24 -16.25 0.58
N THR A 127 12.92 -17.40 -0.01
CA THR A 127 12.59 -18.60 0.73
C THR A 127 13.26 -19.79 0.06
N GLU A 128 13.06 -20.98 0.63
CA GLU A 128 13.59 -22.19 0.03
C GLU A 128 12.60 -22.54 -1.08
N ASN A 129 12.97 -23.47 -1.97
CA ASN A 129 12.05 -23.90 -3.03
C ASN A 129 12.12 -25.42 -3.09
N PRO A 130 11.02 -26.10 -2.68
CA PRO A 130 9.76 -25.52 -2.21
C PRO A 130 9.87 -25.01 -0.77
N SER A 131 8.75 -24.53 -0.23
CA SER A 131 8.68 -24.03 1.14
C SER A 131 7.24 -24.26 1.65
N TYR A 132 7.01 -24.00 2.94
CA TYR A 132 5.69 -24.20 3.55
C TYR A 132 4.66 -23.29 2.86
N ILE A 133 3.67 -23.87 2.18
CA ILE A 133 2.69 -23.06 1.47
C ILE A 133 2.00 -21.98 2.28
N ASN A 134 1.66 -22.25 3.53
CA ASN A 134 0.98 -21.24 4.29
C ASN A 134 1.81 -20.00 4.50
N THR A 135 3.13 -20.15 4.60
CA THR A 135 3.95 -18.96 4.78
C THR A 135 4.04 -18.20 3.47
N LEU A 136 4.11 -18.92 2.36
CA LEU A 136 4.20 -18.25 1.05
C LEU A 136 2.89 -17.47 0.80
N LEU A 137 1.77 -18.09 1.13
CA LEU A 137 0.45 -17.48 0.97
C LEU A 137 0.34 -16.28 1.92
N ALA A 138 0.76 -16.46 3.17
CA ALA A 138 0.69 -15.38 4.15
C ALA A 138 1.48 -14.16 3.69
N PHE A 139 2.71 -14.37 3.20
CA PHE A 139 3.53 -13.24 2.75
C PHE A 139 3.06 -12.59 1.45
N GLU A 140 2.49 -13.39 0.54
CA GLU A 140 2.03 -12.82 -0.70
C GLU A 140 0.72 -12.05 -0.53
N GLN A 141 -0.12 -12.44 0.42
CA GLN A 141 -1.35 -11.68 0.59
C GLN A 141 -1.01 -10.38 1.33
N LEU A 142 0.23 -10.27 1.79
CA LEU A 142 0.67 -9.04 2.44
C LEU A 142 1.38 -8.24 1.35
N GLY A 143 1.30 -8.72 0.11
CA GLY A 143 1.94 -8.00 -0.99
C GLY A 143 3.38 -8.35 -1.34
N ALA A 144 3.98 -9.28 -0.61
CA ALA A 144 5.37 -9.67 -0.88
C ALA A 144 5.54 -10.44 -2.19
N LYS A 145 6.77 -10.39 -2.71
CA LYS A 145 7.15 -11.09 -3.93
C LYS A 145 8.09 -12.21 -3.49
N ILE A 146 7.74 -13.45 -3.78
CA ILE A 146 8.58 -14.56 -3.36
C ILE A 146 9.60 -15.06 -4.38
N GLU A 147 10.85 -15.18 -3.93
CA GLU A 147 11.96 -15.70 -4.76
C GLU A 147 12.49 -16.92 -4.03
N GLY A 148 12.30 -18.10 -4.62
CA GLY A 148 12.77 -19.33 -3.99
C GLY A 148 14.20 -19.68 -4.34
N VAL A 149 14.83 -20.49 -3.49
CA VAL A 149 16.20 -20.97 -3.68
C VAL A 149 16.14 -22.49 -3.49
N PRO A 150 16.58 -23.27 -4.50
CA PRO A 150 16.57 -24.74 -4.47
C PRO A 150 17.19 -25.36 -3.21
N VAL A 151 16.70 -26.53 -2.84
CA VAL A 151 17.24 -27.25 -1.68
C VAL A 151 17.58 -28.70 -2.07
N ASP A 152 18.39 -29.36 -1.24
CA ASP A 152 18.72 -30.78 -1.44
C ASP A 152 18.57 -31.42 -0.06
N ASN A 153 19.01 -32.66 0.14
CA ASN A 153 18.86 -33.31 1.45
C ASN A 153 19.62 -32.59 2.57
N ASP A 154 20.42 -31.60 2.18
CA ASP A 154 21.17 -30.80 3.15
C ASP A 154 20.56 -29.41 3.33
N GLY A 155 19.30 -29.27 2.91
CA GLY A 155 18.62 -27.99 3.05
C GLY A 155 18.88 -27.04 1.91
N MET A 156 18.58 -25.77 2.14
CA MET A 156 18.78 -24.73 1.13
C MET A 156 20.20 -24.77 0.57
N ARG A 157 20.32 -24.54 -0.74
CA ARG A 157 21.61 -24.49 -1.41
C ARG A 157 22.14 -23.07 -1.22
N VAL A 158 22.81 -22.85 -0.09
CA VAL A 158 23.35 -21.53 0.25
C VAL A 158 24.16 -20.88 -0.86
N ASP A 159 24.86 -21.67 -1.67
CA ASP A 159 25.63 -21.08 -2.76
C ASP A 159 24.68 -20.47 -3.79
N LEU A 160 23.56 -21.14 -4.05
CA LEU A 160 22.59 -20.63 -4.99
C LEU A 160 21.87 -19.43 -4.36
N LEU A 161 21.90 -19.37 -3.03
CA LEU A 161 21.27 -18.27 -2.30
C LEU A 161 21.96 -16.96 -2.65
N GLU A 162 23.30 -16.95 -2.57
CA GLU A 162 24.08 -15.74 -2.87
C GLU A 162 23.98 -15.31 -4.32
N GLU A 163 23.83 -16.28 -5.22
CA GLU A 163 23.71 -15.99 -6.63
C GLU A 163 22.35 -15.35 -6.85
N LYS A 164 21.35 -15.85 -6.15
CA LYS A 164 20.01 -15.27 -6.28
C LYS A 164 20.07 -13.83 -5.79
N ILE A 165 20.65 -13.64 -4.61
CA ILE A 165 20.79 -12.32 -4.03
C ILE A 165 21.49 -11.36 -4.99
N LYS A 166 22.58 -11.81 -5.60
CA LYS A 166 23.31 -10.97 -6.56
C LYS A 166 22.45 -10.74 -7.79
N GLU A 167 21.67 -11.74 -8.14
CA GLU A 167 20.78 -11.64 -9.30
C GLU A 167 19.76 -10.51 -9.02
N LEU A 168 19.11 -10.56 -7.86
CA LEU A 168 18.12 -9.54 -7.50
C LEU A 168 18.70 -8.13 -7.43
N LYS A 169 19.85 -7.99 -6.79
CA LYS A 169 20.46 -6.66 -6.67
C LYS A 169 20.91 -6.12 -8.02
N ALA A 170 21.32 -6.99 -8.93
CA ALA A 170 21.74 -6.52 -10.25
C ALA A 170 20.54 -5.98 -11.03
N LYS A 171 19.34 -6.47 -10.71
CA LYS A 171 18.12 -5.99 -11.38
C LYS A 171 17.57 -4.78 -10.64
N GLY A 172 18.22 -4.42 -9.54
CA GLY A 172 17.78 -3.29 -8.76
C GLY A 172 16.63 -3.64 -7.83
N GLN A 173 16.47 -4.92 -7.54
CA GLN A 173 15.41 -5.39 -6.67
C GLN A 173 15.74 -5.23 -5.20
N LYS A 174 14.75 -4.87 -4.41
CA LYS A 174 14.94 -4.72 -2.99
C LYS A 174 14.53 -5.97 -2.24
N VAL A 175 15.43 -6.47 -1.41
CA VAL A 175 15.16 -7.66 -0.63
C VAL A 175 15.68 -7.42 0.78
N LYS A 176 15.04 -8.00 1.78
CA LYS A 176 15.55 -7.77 3.13
C LYS A 176 15.43 -8.97 4.03
N LEU A 177 14.48 -9.86 3.74
CA LEU A 177 14.28 -11.02 4.59
C LEU A 177 14.49 -12.33 3.87
N ILE A 178 14.83 -13.33 4.67
CA ILE A 178 15.03 -14.68 4.20
C ILE A 178 14.28 -15.53 5.22
N TYR A 179 13.30 -16.29 4.74
CA TYR A 179 12.50 -17.17 5.57
C TYR A 179 13.05 -18.58 5.32
N THR A 180 13.40 -19.28 6.39
CA THR A 180 13.94 -20.63 6.29
C THR A 180 13.44 -21.57 7.39
N ILE A 181 13.32 -22.85 7.04
CA ILE A 181 12.89 -23.91 7.95
C ILE A 181 14.07 -24.90 7.95
N PRO A 182 15.14 -24.59 8.69
CA PRO A 182 16.34 -25.43 8.78
C PRO A 182 16.14 -26.90 9.14
N THR A 183 15.33 -27.18 10.16
CA THR A 183 15.13 -28.56 10.59
C THR A 183 13.77 -29.21 10.28
N GLY A 184 13.84 -30.38 9.64
CA GLY A 184 12.65 -31.13 9.26
C GLY A 184 11.65 -30.27 8.51
N GLN A 185 12.09 -29.67 7.41
CA GLN A 185 11.25 -28.77 6.61
C GLN A 185 9.94 -29.36 6.13
N ASN A 186 8.95 -28.48 6.01
CA ASN A 186 7.64 -28.81 5.47
C ASN A 186 7.82 -28.09 4.14
N PRO A 187 7.63 -28.78 3.01
CA PRO A 187 7.24 -30.17 2.78
C PRO A 187 8.38 -31.16 2.52
N MET A 188 9.56 -30.68 2.18
CA MET A 188 10.68 -31.57 1.87
C MET A 188 11.15 -32.50 2.97
N GLY A 189 11.00 -32.08 4.21
CA GLY A 189 11.41 -32.92 5.33
C GLY A 189 12.91 -33.04 5.52
N VAL A 190 13.67 -32.21 4.80
CA VAL A 190 15.13 -32.20 4.89
C VAL A 190 15.57 -31.16 5.90
N THR A 191 16.78 -31.32 6.45
CA THR A 191 17.30 -30.36 7.42
C THR A 191 18.65 -29.81 7.03
N MET A 192 18.77 -28.49 7.09
CA MET A 192 19.99 -27.78 6.75
C MET A 192 21.15 -28.28 7.61
N SER A 193 22.31 -28.43 6.99
CA SER A 193 23.49 -28.88 7.71
C SER A 193 24.13 -27.70 8.43
N MET A 194 24.84 -27.98 9.52
CA MET A 194 25.49 -26.93 10.29
C MET A 194 26.41 -26.11 9.39
N GLU A 195 27.02 -26.78 8.42
CA GLU A 195 27.94 -26.12 7.49
C GLU A 195 27.22 -25.01 6.72
N ARG A 196 26.01 -25.30 6.24
CA ARG A 196 25.22 -24.33 5.48
C ARG A 196 24.60 -23.27 6.38
N ARG A 197 24.32 -23.66 7.61
CA ARG A 197 23.74 -22.75 8.58
C ARG A 197 24.74 -21.63 8.88
N LYS A 198 26.03 -21.95 8.94
CA LYS A 198 27.01 -20.90 9.19
C LYS A 198 27.23 -20.06 7.94
N ALA A 199 27.14 -20.69 6.78
CA ALA A 199 27.31 -19.99 5.51
C ALA A 199 26.13 -19.04 5.29
N LEU A 200 24.94 -19.46 5.70
CA LEU A 200 23.74 -18.64 5.58
C LEU A 200 23.93 -17.39 6.47
N LEU A 201 24.36 -17.62 7.71
CA LEU A 201 24.61 -16.51 8.61
C LEU A 201 25.64 -15.54 8.02
N GLU A 202 26.67 -16.07 7.35
CA GLU A 202 27.67 -15.18 6.76
C GLU A 202 27.05 -14.31 5.66
N ILE A 203 26.27 -14.94 4.79
CA ILE A 203 25.61 -14.22 3.70
C ILE A 203 24.66 -13.14 4.21
N ALA A 204 23.92 -13.45 5.27
CA ALA A 204 23.01 -12.49 5.85
C ALA A 204 23.82 -11.28 6.31
N SER A 205 24.93 -11.55 7.00
CA SER A 205 25.78 -10.47 7.49
C SER A 205 26.42 -9.72 6.33
N LYS A 206 26.86 -10.46 5.32
CA LYS A 206 27.52 -9.87 4.16
C LYS A 206 26.60 -8.94 3.38
N TYR A 207 25.33 -9.29 3.26
CA TYR A 207 24.39 -8.45 2.53
C TYR A 207 23.46 -7.67 3.43
N ASP A 208 23.65 -7.82 4.73
CA ASP A 208 22.83 -7.11 5.72
C ASP A 208 21.36 -7.43 5.49
N LEU A 209 20.99 -8.66 5.82
CA LEU A 209 19.63 -9.15 5.68
C LEU A 209 19.19 -9.75 7.00
N LEU A 210 17.88 -9.88 7.17
CA LEU A 210 17.32 -10.47 8.38
C LEU A 210 16.90 -11.88 7.99
N ILE A 211 16.90 -12.79 8.95
CA ILE A 211 16.52 -14.19 8.71
C ILE A 211 15.45 -14.57 9.70
N ILE A 212 14.32 -15.07 9.19
CA ILE A 212 13.23 -15.54 10.04
C ILE A 212 13.36 -17.07 10.03
N GLU A 213 13.76 -17.64 11.17
CA GLU A 213 13.96 -19.07 11.33
C GLU A 213 12.73 -19.78 11.90
N ASP A 214 12.17 -20.69 11.11
CA ASP A 214 10.99 -21.45 11.52
C ASP A 214 11.48 -22.72 12.23
N THR A 215 11.18 -22.81 13.52
CA THR A 215 11.59 -23.92 14.39
C THR A 215 10.43 -24.87 14.72
N ALA A 216 9.47 -24.97 13.82
CA ALA A 216 8.31 -25.84 14.03
C ALA A 216 8.64 -27.30 14.33
N TYR A 217 9.71 -27.83 13.73
CA TYR A 217 10.06 -29.23 13.95
C TYR A 217 11.37 -29.48 14.70
N ASN A 218 11.86 -28.48 15.40
CA ASN A 218 13.11 -28.61 16.15
C ASN A 218 13.04 -29.64 17.23
N PHE A 219 11.84 -29.98 17.64
CA PHE A 219 11.65 -30.96 18.69
C PHE A 219 11.16 -32.31 18.17
N MET A 220 11.18 -32.49 16.86
CA MET A 220 10.80 -33.77 16.27
C MET A 220 11.97 -34.29 15.47
N ARG A 221 13.17 -34.14 16.03
CA ARG A 221 14.39 -34.62 15.37
C ARG A 221 14.61 -36.07 15.79
N TYR A 222 15.24 -36.85 14.92
CA TYR A 222 15.47 -38.25 15.23
C TYR A 222 16.94 -38.68 15.20
N GLU A 223 17.69 -38.23 14.19
CA GLU A 223 19.08 -38.66 14.05
C GLU A 223 20.17 -37.60 13.92
N GLY A 224 19.80 -36.32 13.90
CA GLY A 224 20.83 -35.30 13.79
C GLY A 224 21.74 -35.38 15.01
N GLY A 225 22.98 -34.90 14.88
CA GLY A 225 23.89 -34.92 16.01
C GLY A 225 23.45 -33.90 17.04
N ASP A 226 24.20 -32.82 17.15
CA ASP A 226 23.85 -31.75 18.07
C ASP A 226 23.67 -30.53 17.19
N ILE A 227 22.65 -30.56 16.33
CA ILE A 227 22.40 -29.43 15.44
C ILE A 227 21.75 -28.33 16.26
N VAL A 228 22.20 -27.10 16.06
CA VAL A 228 21.64 -25.99 16.80
C VAL A 228 20.99 -24.99 15.85
N PRO A 229 19.96 -24.28 16.35
CA PRO A 229 19.23 -23.28 15.57
C PRO A 229 20.19 -22.18 15.14
N LEU A 230 19.85 -21.50 14.05
CA LEU A 230 20.67 -20.39 13.57
C LEU A 230 20.68 -19.33 14.67
N LYS A 231 19.58 -19.20 15.40
CA LYS A 231 19.50 -18.20 16.44
C LYS A 231 20.56 -18.39 17.53
N ALA A 232 20.97 -19.63 17.77
CA ALA A 232 21.98 -19.92 18.80
C ALA A 232 23.36 -19.50 18.29
N LEU A 233 23.44 -19.23 16.99
CA LEU A 233 24.68 -18.79 16.35
C LEU A 233 24.56 -17.33 15.93
N ASP A 234 23.46 -16.68 16.32
CA ASP A 234 23.20 -15.30 15.92
C ASP A 234 23.87 -14.20 16.76
N ASN A 235 25.19 -14.04 16.57
CA ASN A 235 25.95 -13.06 17.33
C ASN A 235 25.67 -11.62 16.85
N GLU A 236 25.23 -11.48 15.61
CA GLU A 236 24.91 -10.15 15.11
C GLU A 236 23.44 -9.81 15.34
N GLY A 237 22.66 -10.79 15.79
CA GLY A 237 21.25 -10.56 16.04
C GLY A 237 20.42 -10.31 14.78
N ARG A 238 20.75 -11.07 13.73
CA ARG A 238 20.06 -10.94 12.45
C ARG A 238 18.97 -11.98 12.27
N VAL A 239 18.76 -12.86 13.25
CA VAL A 239 17.70 -13.81 13.05
C VAL A 239 16.58 -13.65 14.07
N ILE A 240 15.38 -13.90 13.58
CA ILE A 240 14.17 -13.79 14.36
C ILE A 240 13.55 -15.17 14.25
N VAL A 241 13.10 -15.75 15.35
CA VAL A 241 12.50 -17.06 15.19
C VAL A 241 11.00 -17.03 15.38
N ALA A 242 10.35 -17.96 14.70
CA ALA A 242 8.90 -18.16 14.74
C ALA A 242 8.77 -19.63 15.11
N GLY A 243 8.47 -19.89 16.37
CA GLY A 243 8.35 -21.26 16.82
C GLY A 243 6.98 -21.62 17.32
N THR A 244 6.85 -22.85 17.82
CA THR A 244 5.59 -23.32 18.33
C THR A 244 5.71 -24.66 19.04
N LEU A 245 4.72 -24.93 19.89
CA LEU A 245 4.64 -26.16 20.66
C LEU A 245 3.57 -27.05 20.06
N SER A 246 2.97 -26.61 18.96
CA SER A 246 1.91 -27.37 18.31
C SER A 246 2.28 -28.83 18.01
N LYS A 247 3.51 -29.09 17.57
CA LYS A 247 3.91 -30.46 17.27
C LYS A 247 4.27 -31.27 18.52
N VAL A 248 4.20 -30.63 19.68
CA VAL A 248 4.52 -31.29 20.92
C VAL A 248 3.30 -31.41 21.82
N LEU A 249 2.75 -30.25 22.21
CA LEU A 249 1.60 -30.21 23.09
C LEU A 249 0.32 -30.53 22.33
N GLY A 250 0.25 -30.11 21.08
CA GLY A 250 -0.94 -30.34 20.29
C GLY A 250 -1.10 -29.19 19.32
N THR A 251 -1.33 -29.53 18.07
CA THR A 251 -1.47 -28.57 17.01
C THR A 251 -2.71 -27.65 17.09
N GLY A 252 -3.73 -28.05 17.86
CA GLY A 252 -4.93 -27.24 17.98
C GLY A 252 -5.00 -26.26 19.15
N PHE A 253 -3.96 -26.21 19.97
CA PHE A 253 -3.91 -25.32 21.13
C PHE A 253 -3.56 -23.89 20.70
N ARG A 254 -2.93 -23.75 19.53
CA ARG A 254 -2.57 -22.43 19.02
C ARG A 254 -1.60 -21.72 19.96
N ILE A 255 -0.50 -22.38 20.31
CA ILE A 255 0.51 -21.79 21.19
C ILE A 255 1.85 -21.75 20.46
N GLY A 256 2.21 -20.54 20.03
CA GLY A 256 3.45 -20.33 19.31
C GLY A 256 4.16 -19.11 19.85
N TRP A 257 5.27 -18.74 19.24
CA TRP A 257 6.00 -17.59 19.73
C TRP A 257 6.92 -16.92 18.71
N ILE A 258 7.28 -15.69 19.03
CA ILE A 258 8.19 -14.91 18.24
C ILE A 258 9.36 -14.62 19.18
N ILE A 259 10.56 -14.56 18.61
CA ILE A 259 11.73 -14.20 19.39
C ILE A 259 12.38 -13.19 18.48
N ALA A 260 12.39 -11.94 18.93
CA ALA A 260 12.95 -10.83 18.20
C ALA A 260 13.53 -9.86 19.23
N GLU A 261 14.13 -8.78 18.74
CA GLU A 261 14.76 -7.81 19.62
C GLU A 261 14.57 -6.41 19.12
N GLY A 262 14.95 -5.44 19.95
CA GLY A 262 14.85 -4.05 19.59
C GLY A 262 13.51 -3.54 19.08
N GLU A 263 13.59 -2.67 18.09
CA GLU A 263 12.42 -2.05 17.51
C GLU A 263 11.44 -3.04 16.88
N ILE A 264 11.94 -4.13 16.31
CA ILE A 264 11.05 -5.13 15.72
C ILE A 264 10.18 -5.71 16.83
N LEU A 265 10.81 -6.13 17.93
CA LEU A 265 10.04 -6.67 19.06
C LEU A 265 9.00 -5.67 19.57
N LYS A 266 9.41 -4.40 19.67
CA LYS A 266 8.55 -3.32 20.14
C LYS A 266 7.30 -3.17 19.27
N LYS A 267 7.50 -3.15 17.96
CA LYS A 267 6.39 -3.01 17.03
C LYS A 267 5.53 -4.26 16.92
N VAL A 268 6.14 -5.42 17.04
CA VAL A 268 5.33 -6.63 16.97
C VAL A 268 4.40 -6.67 18.15
N LEU A 269 4.86 -6.13 19.27
CA LEU A 269 4.08 -6.11 20.50
C LEU A 269 2.99 -5.01 20.45
N MET A 270 3.33 -3.82 19.97
CA MET A 270 2.37 -2.71 19.86
C MET A 270 1.16 -3.05 19.01
N GLN A 271 1.37 -3.81 17.94
CA GLN A 271 0.27 -4.15 17.05
C GLN A 271 -0.56 -5.35 17.48
N LYS A 272 0.02 -6.23 18.30
CA LYS A 272 -0.66 -7.47 18.72
C LYS A 272 -2.00 -7.46 19.44
N GLN A 273 -2.21 -6.61 20.44
CA GLN A 273 -3.50 -6.64 21.14
C GLN A 273 -4.68 -6.41 20.17
N PRO A 274 -4.56 -5.46 19.23
CA PRO A 274 -5.65 -5.20 18.28
C PRO A 274 -5.84 -6.26 17.17
N ILE A 275 -4.97 -7.27 17.09
CA ILE A 275 -5.23 -8.27 16.06
C ILE A 275 -5.69 -9.62 16.64
N ASP A 276 -5.11 -10.09 17.75
CA ASP A 276 -5.59 -11.32 18.37
C ASP A 276 -5.91 -11.12 19.86
N PHE A 277 -5.51 -9.98 20.40
CA PHE A 277 -5.67 -9.61 21.82
C PHE A 277 -4.65 -10.41 22.63
N CYS A 278 -4.76 -11.73 22.56
CA CYS A 278 -3.80 -12.61 23.24
C CYS A 278 -4.04 -14.05 22.86
N ALA A 279 -3.02 -14.87 23.06
CA ALA A 279 -3.12 -16.31 22.80
C ALA A 279 -4.10 -16.82 23.85
N PRO A 280 -4.76 -17.96 23.60
CA PRO A 280 -5.74 -18.58 24.52
C PRO A 280 -5.17 -18.81 25.92
N ALA A 281 -5.87 -18.31 26.94
CA ALA A 281 -5.41 -18.46 28.32
C ALA A 281 -5.28 -19.92 28.72
N ILE A 282 -6.30 -20.72 28.40
CA ILE A 282 -6.26 -22.13 28.74
C ILE A 282 -5.06 -22.83 28.11
N SER A 283 -4.79 -22.53 26.84
CA SER A 283 -3.66 -23.16 26.17
C SER A 283 -2.35 -22.74 26.79
N GLN A 284 -2.29 -21.49 27.23
CA GLN A 284 -1.05 -20.98 27.83
C GLN A 284 -0.80 -21.67 29.17
N TYR A 285 -1.84 -21.73 30.00
CA TYR A 285 -1.71 -22.35 31.32
C TYR A 285 -1.45 -23.86 31.19
N ILE A 286 -2.14 -24.52 30.26
CA ILE A 286 -1.94 -25.93 30.03
C ILE A 286 -0.46 -26.17 29.69
N ALA A 287 0.07 -25.32 28.82
CA ALA A 287 1.47 -25.39 28.38
C ALA A 287 2.44 -25.07 29.51
N LEU A 288 2.01 -24.19 30.42
CA LEU A 288 2.83 -23.79 31.55
C LEU A 288 3.04 -24.96 32.50
N GLU A 289 1.96 -25.67 32.81
CA GLU A 289 2.03 -26.83 33.71
C GLU A 289 2.77 -27.97 33.02
N TYR A 290 2.45 -28.19 31.75
CA TYR A 290 3.10 -29.23 30.98
C TYR A 290 4.60 -29.11 31.12
N LEU A 291 5.11 -27.89 30.94
CA LEU A 291 6.54 -27.65 31.03
C LEU A 291 7.08 -27.77 32.46
N LYS A 292 6.43 -27.09 33.40
CA LYS A 292 6.85 -27.11 34.79
C LYS A 292 6.89 -28.50 35.43
N ARG A 293 5.99 -29.38 35.00
CA ARG A 293 5.91 -30.73 35.54
C ARG A 293 6.81 -31.74 34.84
N GLY A 294 7.59 -31.27 33.88
CA GLY A 294 8.51 -32.13 33.15
C GLY A 294 7.90 -33.17 32.23
N TYR A 295 6.71 -32.90 31.72
CA TYR A 295 6.04 -33.83 30.81
C TYR A 295 6.64 -33.85 29.41
N PHE A 296 7.52 -32.89 29.11
CA PHE A 296 8.16 -32.85 27.80
C PHE A 296 9.10 -34.05 27.77
N GLU A 297 9.74 -34.30 28.91
CA GLU A 297 10.68 -35.42 29.04
C GLU A 297 9.89 -36.71 29.13
N LYS A 298 8.97 -36.73 30.09
CA LYS A 298 8.16 -37.92 30.36
C LYS A 298 7.21 -38.39 29.26
N TYR A 299 6.63 -37.48 28.48
CA TYR A 299 5.68 -37.92 27.45
C TYR A 299 6.08 -37.72 26.01
N HIS A 300 6.89 -36.71 25.73
CA HIS A 300 7.32 -36.46 24.36
C HIS A 300 8.68 -37.05 24.06
N LEU A 301 9.70 -36.68 24.83
CA LEU A 301 11.04 -37.20 24.59
C LEU A 301 11.13 -38.72 24.67
N GLU A 302 10.51 -39.32 25.69
CA GLU A 302 10.56 -40.76 25.84
C GLU A 302 9.26 -41.44 25.45
N GLY A 303 8.39 -40.70 24.77
CA GLY A 303 7.12 -41.25 24.35
C GLY A 303 6.84 -40.93 22.89
N ALA A 304 6.18 -39.80 22.66
CA ALA A 304 5.83 -39.37 21.30
C ALA A 304 7.00 -39.43 20.33
N LEU A 305 8.11 -38.81 20.70
CA LEU A 305 9.29 -38.77 19.84
C LEU A 305 9.69 -40.15 19.30
N LEU A 306 9.78 -41.14 20.19
CA LEU A 306 10.14 -42.50 19.76
C LEU A 306 9.03 -43.07 18.90
N GLY A 307 7.79 -42.73 19.25
CA GLY A 307 6.66 -43.19 18.48
C GLY A 307 6.70 -42.65 17.06
N TYR A 308 7.01 -41.36 16.91
CA TYR A 308 7.08 -40.74 15.58
C TYR A 308 8.27 -41.28 14.80
N LYS A 309 9.39 -41.46 15.48
CA LYS A 309 10.58 -41.99 14.83
C LYS A 309 10.25 -43.36 14.23
N GLU A 310 9.47 -44.14 14.95
CA GLU A 310 9.08 -45.47 14.48
C GLU A 310 8.21 -45.35 13.22
N LYS A 311 7.23 -44.45 13.26
CA LYS A 311 6.37 -44.24 12.11
C LYS A 311 7.23 -43.73 10.94
N ARG A 312 8.27 -42.99 11.27
CA ARG A 312 9.19 -42.45 10.29
C ARG A 312 9.92 -43.59 9.59
N ASP A 313 10.38 -44.57 10.37
CA ASP A 313 11.09 -45.71 9.81
C ASP A 313 10.14 -46.63 9.05
N ILE A 314 8.94 -46.83 9.59
CA ILE A 314 7.93 -47.67 8.97
C ILE A 314 7.52 -47.15 7.60
N MET A 315 7.32 -45.84 7.46
CA MET A 315 6.93 -45.29 6.16
C MET A 315 8.08 -45.42 5.16
N LEU A 316 9.30 -45.22 5.65
CA LEU A 316 10.47 -45.35 4.78
C LEU A 316 10.67 -46.82 4.42
N LYS A 317 10.40 -47.72 5.36
CA LYS A 317 10.53 -49.16 5.10
C LYS A 317 9.55 -49.57 4.01
N ALA A 318 8.30 -49.16 4.19
CA ALA A 318 7.26 -49.48 3.23
C ALA A 318 7.56 -48.93 1.86
N LEU A 319 8.02 -47.68 1.81
CA LEU A 319 8.34 -47.04 0.54
C LEU A 319 9.48 -47.73 -0.20
N GLU A 320 10.59 -47.94 0.49
CA GLU A 320 11.75 -48.58 -0.10
C GLU A 320 11.45 -50.02 -0.52
N ASN A 321 10.48 -50.63 0.17
CA ASN A 321 10.08 -52.00 -0.10
C ASN A 321 9.12 -52.12 -1.29
N HIS A 322 8.20 -51.17 -1.43
CA HIS A 322 7.23 -51.22 -2.51
C HIS A 322 7.48 -50.25 -3.67
N LEU A 323 8.29 -49.21 -3.43
CA LEU A 323 8.63 -48.26 -4.49
C LEU A 323 10.15 -48.00 -4.53
N PRO A 324 10.96 -49.08 -4.55
CA PRO A 324 12.42 -48.96 -4.59
C PRO A 324 13.02 -48.18 -5.76
N ASN A 325 12.25 -47.99 -6.83
CA ASN A 325 12.76 -47.27 -7.99
C ASN A 325 12.33 -45.80 -8.01
N ALA A 326 11.59 -45.36 -7.00
CA ALA A 326 11.12 -43.98 -6.94
C ALA A 326 12.00 -43.16 -6.00
N GLU A 327 12.23 -41.89 -6.31
CA GLU A 327 13.07 -41.08 -5.44
C GLU A 327 12.18 -40.35 -4.42
N PHE A 328 12.64 -40.35 -3.18
CA PHE A 328 11.92 -39.70 -2.09
C PHE A 328 12.87 -39.38 -0.95
N THR A 329 12.58 -38.30 -0.26
CA THR A 329 13.42 -37.83 0.83
C THR A 329 13.45 -38.77 2.04
N LYS A 330 14.58 -38.74 2.75
CA LYS A 330 14.79 -39.54 3.94
C LYS A 330 15.03 -38.56 5.06
N PRO A 331 13.96 -38.10 5.73
CA PRO A 331 14.06 -37.15 6.84
C PRO A 331 14.69 -37.69 8.11
N ILE A 332 15.49 -36.85 8.78
CA ILE A 332 16.12 -37.22 10.04
C ILE A 332 15.30 -36.50 11.10
N ALA A 333 14.34 -35.73 10.64
CA ALA A 333 13.47 -34.97 11.53
C ALA A 333 12.20 -34.55 10.83
N GLY A 334 11.22 -34.12 11.60
CA GLY A 334 9.98 -33.67 11.02
C GLY A 334 8.88 -34.71 11.03
N MET A 335 7.98 -34.61 10.04
CA MET A 335 6.84 -35.51 9.96
C MET A 335 6.39 -35.73 8.53
N PHE A 336 7.06 -35.08 7.58
CA PHE A 336 6.69 -35.24 6.20
C PHE A 336 7.77 -35.96 5.43
N VAL A 337 7.38 -36.48 4.27
CA VAL A 337 8.28 -37.16 3.35
C VAL A 337 7.79 -36.68 2.00
N MET A 338 8.70 -36.22 1.16
CA MET A 338 8.29 -35.79 -0.17
C MET A 338 8.59 -36.92 -1.13
N PHE A 339 7.52 -37.43 -1.73
CA PHE A 339 7.57 -38.51 -2.70
C PHE A 339 7.51 -37.88 -4.10
N PHE A 340 8.24 -38.45 -5.03
CA PHE A 340 8.26 -37.92 -6.39
C PHE A 340 7.77 -38.93 -7.40
N LEU A 341 6.86 -38.50 -8.27
CA LEU A 341 6.33 -39.32 -9.34
C LEU A 341 7.37 -39.17 -10.44
N PRO A 342 7.24 -39.90 -11.57
CA PRO A 342 8.20 -39.76 -12.65
C PRO A 342 8.15 -38.34 -13.17
N GLU A 343 9.27 -37.83 -13.66
CA GLU A 343 9.32 -36.47 -14.18
C GLU A 343 8.22 -36.27 -15.23
N GLY A 344 7.51 -35.15 -15.13
CA GLY A 344 6.45 -34.85 -16.08
C GLY A 344 5.06 -35.26 -15.63
N ALA A 345 4.99 -36.18 -14.65
CA ALA A 345 3.72 -36.66 -14.12
C ALA A 345 3.02 -35.61 -13.26
N ASP A 346 1.71 -35.47 -13.44
CA ASP A 346 0.92 -34.50 -12.69
C ASP A 346 0.61 -34.99 -11.28
N GLY A 347 1.11 -34.27 -10.28
CA GLY A 347 0.87 -34.67 -8.90
C GLY A 347 -0.48 -34.34 -8.30
N ILE A 348 -1.13 -33.27 -8.74
CA ILE A 348 -2.41 -32.94 -8.14
C ILE A 348 -3.54 -33.86 -8.59
N SER A 349 -3.51 -34.28 -9.86
CA SER A 349 -4.56 -35.19 -10.35
C SER A 349 -4.33 -36.56 -9.70
N PHE A 350 -3.07 -36.97 -9.65
CA PHE A 350 -2.73 -38.25 -9.04
C PHE A 350 -3.26 -38.31 -7.62
N ALA A 351 -3.19 -37.19 -6.92
CA ALA A 351 -3.66 -37.13 -5.55
C ALA A 351 -5.18 -37.32 -5.52
N ASN A 352 -5.88 -36.77 -6.51
CA ASN A 352 -7.33 -36.89 -6.59
C ASN A 352 -7.71 -38.34 -6.91
N GLU A 353 -7.04 -38.92 -7.89
CA GLU A 353 -7.32 -40.29 -8.28
C GLU A 353 -7.02 -41.25 -7.14
N LEU A 354 -6.01 -40.95 -6.34
CA LEU A 354 -5.64 -41.80 -5.21
C LEU A 354 -6.75 -41.75 -4.17
N MET A 355 -7.22 -40.54 -3.89
CA MET A 355 -8.27 -40.31 -2.91
C MET A 355 -9.59 -40.94 -3.34
N GLU A 356 -9.82 -40.97 -4.66
CA GLU A 356 -11.06 -41.53 -5.22
C GLU A 356 -11.07 -43.05 -5.33
N ARG A 357 -10.00 -43.61 -5.87
CA ARG A 357 -9.91 -45.06 -6.08
C ARG A 357 -9.47 -45.87 -4.87
N GLU A 358 -8.44 -45.41 -4.16
CA GLU A 358 -7.96 -46.15 -3.00
C GLU A 358 -8.40 -45.59 -1.65
N GLY A 359 -8.88 -44.35 -1.64
CA GLY A 359 -9.32 -43.76 -0.39
C GLY A 359 -8.19 -43.34 0.52
N VAL A 360 -7.05 -42.95 -0.06
CA VAL A 360 -5.90 -42.50 0.72
C VAL A 360 -5.66 -41.04 0.36
N VAL A 361 -5.48 -40.19 1.37
CA VAL A 361 -5.27 -38.76 1.14
C VAL A 361 -3.83 -38.30 1.26
N VAL A 362 -3.36 -37.57 0.26
CA VAL A 362 -1.99 -37.02 0.25
C VAL A 362 -2.10 -35.57 -0.23
N VAL A 363 -0.99 -34.82 -0.18
CA VAL A 363 -1.00 -33.42 -0.62
C VAL A 363 -0.20 -33.22 -1.93
N PRO A 364 -0.82 -32.61 -2.95
CA PRO A 364 -0.32 -32.29 -4.29
C PRO A 364 1.15 -31.87 -4.50
N GLY A 365 1.80 -31.30 -3.49
CA GLY A 365 3.21 -30.93 -3.62
C GLY A 365 3.53 -29.69 -4.44
N LYS A 366 3.04 -29.64 -5.67
CA LYS A 366 3.28 -28.52 -6.56
C LYS A 366 3.00 -27.14 -5.96
N PRO A 367 1.93 -27.01 -5.14
CA PRO A 367 1.61 -25.71 -4.53
C PRO A 367 2.71 -25.16 -3.63
N PHE A 368 3.58 -26.03 -3.12
CA PHE A 368 4.66 -25.61 -2.23
C PHE A 368 5.88 -25.02 -2.94
N TYR A 369 5.91 -25.05 -4.27
CA TYR A 369 7.05 -24.52 -5.05
C TYR A 369 6.84 -23.06 -5.47
N THR A 370 7.95 -22.31 -5.52
CA THR A 370 7.94 -20.88 -5.85
C THR A 370 8.09 -20.62 -7.34
N ASP A 371 8.21 -21.68 -8.11
CA ASP A 371 8.32 -21.52 -9.54
C ASP A 371 7.55 -22.62 -10.23
N GLU A 372 7.89 -22.95 -11.47
CA GLU A 372 7.15 -23.97 -12.19
C GLU A 372 7.59 -25.40 -11.92
N SER A 373 8.43 -25.58 -10.90
CA SER A 373 8.91 -26.92 -10.54
C SER A 373 7.95 -27.61 -9.58
N GLY A 374 8.19 -28.89 -9.34
CA GLY A 374 7.37 -29.66 -8.41
C GLY A 374 6.11 -30.31 -8.93
N LYS A 375 5.84 -30.18 -10.22
CA LYS A 375 4.63 -30.77 -10.81
C LYS A 375 4.36 -32.23 -10.41
N ASN A 376 5.43 -32.98 -10.23
CA ASN A 376 5.33 -34.41 -9.88
C ASN A 376 5.50 -34.69 -8.41
N ALA A 377 5.56 -33.65 -7.59
CA ALA A 377 5.74 -33.84 -6.15
C ALA A 377 4.47 -34.22 -5.42
N ILE A 378 4.64 -34.99 -4.34
CA ILE A 378 3.52 -35.40 -3.51
C ILE A 378 4.04 -35.43 -2.07
N ARG A 379 3.42 -34.65 -1.19
CA ARG A 379 3.88 -34.64 0.19
C ARG A 379 3.14 -35.72 0.99
N LEU A 380 3.89 -36.46 1.79
CA LEU A 380 3.34 -37.52 2.60
C LEU A 380 3.65 -37.28 4.06
N ASN A 381 2.65 -37.45 4.91
CA ASN A 381 2.82 -37.26 6.33
C ASN A 381 2.80 -38.59 7.08
N PHE A 382 3.66 -38.76 8.09
CA PHE A 382 3.66 -40.01 8.85
C PHE A 382 3.36 -39.84 10.33
N SER A 383 3.15 -38.61 10.78
CA SER A 383 2.87 -38.36 12.19
C SER A 383 1.47 -38.74 12.63
N ARG A 384 0.45 -38.45 11.80
CA ARG A 384 -0.94 -38.74 12.17
C ARG A 384 -1.41 -40.18 11.95
N PRO A 385 -1.22 -40.71 10.73
CA PRO A 385 -1.68 -42.10 10.50
C PRO A 385 -1.06 -43.09 11.49
N SER A 386 -1.85 -44.09 11.88
CA SER A 386 -1.40 -45.11 12.83
C SER A 386 -0.27 -45.95 12.24
N LYS A 387 0.44 -46.68 13.11
CA LYS A 387 1.53 -47.56 12.69
C LYS A 387 1.01 -48.51 11.61
N GLU A 388 -0.22 -48.97 11.83
CA GLU A 388 -0.91 -49.90 10.94
C GLU A 388 -1.33 -49.29 9.59
N GLU A 389 -1.93 -48.11 9.63
CA GLU A 389 -2.40 -47.42 8.42
C GLU A 389 -1.31 -47.06 7.42
N ILE A 390 -0.14 -46.69 7.92
CA ILE A 390 0.96 -46.29 7.03
C ILE A 390 1.28 -47.31 5.93
N PRO A 391 1.57 -48.57 6.31
CA PRO A 391 1.90 -49.57 5.28
C PRO A 391 0.76 -49.75 4.27
N ILE A 392 -0.46 -49.85 4.77
CA ILE A 392 -1.62 -50.01 3.91
C ILE A 392 -1.72 -48.82 2.96
N GLY A 393 -1.56 -47.61 3.50
CA GLY A 393 -1.62 -46.41 2.70
C GLY A 393 -0.56 -46.36 1.61
N ILE A 394 0.69 -46.68 1.97
CA ILE A 394 1.76 -46.66 0.98
C ILE A 394 1.60 -47.78 -0.05
N LYS A 395 0.98 -48.90 0.33
CA LYS A 395 0.78 -50.01 -0.62
C LYS A 395 -0.24 -49.57 -1.68
N LYS A 396 -1.34 -49.02 -1.21
CA LYS A 396 -2.40 -48.54 -2.11
C LYS A 396 -1.79 -47.48 -3.03
N LEU A 397 -0.91 -46.67 -2.47
CA LEU A 397 -0.24 -45.62 -3.23
C LEU A 397 0.63 -46.24 -4.31
N ALA A 398 1.30 -47.33 -3.96
CA ALA A 398 2.18 -48.05 -4.87
C ALA A 398 1.33 -48.68 -5.98
N LYS A 399 0.15 -49.16 -5.61
CA LYS A 399 -0.77 -49.80 -6.55
C LYS A 399 -1.14 -48.83 -7.68
N LEU A 400 -1.57 -47.62 -7.33
CA LEU A 400 -1.93 -46.64 -8.34
C LEU A 400 -0.69 -46.15 -9.09
N TYR A 401 0.43 -46.13 -8.39
CA TYR A 401 1.70 -45.69 -8.97
C TYR A 401 2.04 -46.52 -10.19
N LYS A 402 2.17 -47.82 -9.98
CA LYS A 402 2.49 -48.72 -11.08
C LYS A 402 1.31 -48.97 -12.00
N GLU A 403 0.10 -48.67 -11.54
CA GLU A 403 -1.06 -48.84 -12.40
C GLU A 403 -0.98 -47.75 -13.48
N LYS A 404 -0.37 -46.61 -13.13
CA LYS A 404 -0.21 -45.50 -14.06
C LYS A 404 1.14 -45.50 -14.77
N PHE A 405 2.19 -45.88 -14.05
CA PHE A 405 3.53 -45.88 -14.62
C PHE A 405 4.13 -47.29 -14.72
N MET B 1 21.76 -3.48 17.60
CA MET B 1 21.55 -3.19 16.16
C MET B 1 20.32 -2.29 16.05
N ASP B 2 20.28 -1.47 15.00
CA ASP B 2 19.14 -0.58 14.79
C ASP B 2 18.14 -1.31 13.88
N TYR B 3 17.11 -1.93 14.47
CA TYR B 3 16.13 -2.67 13.68
C TYR B 3 15.13 -1.77 12.97
N THR B 4 15.18 -0.49 13.27
CA THR B 4 14.28 0.48 12.66
C THR B 4 14.39 0.44 11.14
N LYS B 5 15.62 0.28 10.66
CA LYS B 5 15.87 0.27 9.23
C LYS B 5 15.25 -0.90 8.47
N TYR B 6 14.87 -1.98 9.16
CA TYR B 6 14.28 -3.15 8.51
C TYR B 6 12.76 -3.12 8.48
N LEU B 7 12.17 -2.29 9.33
CA LEU B 7 10.73 -2.19 9.42
C LEU B 7 10.05 -1.83 8.11
N ALA B 8 8.81 -2.26 7.98
CA ALA B 8 8.04 -1.92 6.81
C ALA B 8 7.52 -0.51 7.16
N GLY B 9 7.37 0.35 6.16
CA GLY B 9 6.87 1.68 6.43
C GLY B 9 5.50 1.69 7.07
N ARG B 10 4.71 0.64 6.80
CA ARG B 10 3.38 0.54 7.38
C ARG B 10 3.47 0.23 8.88
N ALA B 11 4.64 -0.22 9.32
CA ALA B 11 4.81 -0.49 10.73
C ALA B 11 4.65 0.84 11.47
N ASN B 12 4.89 1.95 10.77
CA ASN B 12 4.77 3.28 11.36
C ASN B 12 3.33 3.61 11.71
N TRP B 13 2.39 2.90 11.11
CA TRP B 13 0.98 3.12 11.40
C TRP B 13 0.64 2.43 12.72
N ILE B 14 1.56 1.61 13.23
CA ILE B 14 1.32 0.96 14.50
C ILE B 14 1.74 1.92 15.61
N LYS B 15 0.87 2.14 16.60
CA LYS B 15 1.21 3.03 17.70
C LYS B 15 0.74 2.51 19.05
N GLY B 16 1.19 3.17 20.11
CA GLY B 16 0.85 2.76 21.46
C GLY B 16 -0.59 2.98 21.86
N SER B 17 -1.01 2.25 22.88
CA SER B 17 -2.36 2.32 23.42
C SER B 17 -2.33 2.66 24.89
N ALA B 18 -2.74 3.88 25.23
CA ALA B 18 -2.76 4.30 26.62
C ALA B 18 -3.57 3.31 27.48
N LEU B 19 -4.64 2.76 26.91
CA LEU B 19 -5.49 1.81 27.62
C LEU B 19 -4.72 0.53 27.96
N ALA B 20 -3.46 0.49 27.56
CA ALA B 20 -2.59 -0.65 27.82
C ALA B 20 -1.28 -0.13 28.42
N ASP B 21 -1.12 1.19 28.40
CA ASP B 21 0.08 1.84 28.95
C ASP B 21 -0.06 1.96 30.46
N VAL B 22 -1.04 2.74 30.89
CA VAL B 22 -1.30 2.93 32.32
C VAL B 22 -1.80 1.62 32.91
N MET B 23 -2.30 0.74 32.05
CA MET B 23 -2.79 -0.58 32.46
C MET B 23 -1.57 -1.46 32.73
N LYS B 24 -0.43 -1.02 32.23
CA LYS B 24 0.84 -1.72 32.41
C LYS B 24 1.57 -1.03 33.55
N LYS B 25 1.06 0.15 33.93
CA LYS B 25 1.64 0.91 35.03
C LYS B 25 1.05 0.37 36.32
N ALA B 26 -0.07 -0.34 36.18
CA ALA B 26 -0.76 -0.93 37.32
C ALA B 26 -0.28 -2.37 37.48
N SER B 27 0.10 -3.00 36.36
CA SER B 27 0.59 -4.36 36.38
C SER B 27 1.91 -4.36 37.18
N GLU B 28 2.54 -3.20 37.21
CA GLU B 28 3.80 -3.01 37.93
C GLU B 28 3.52 -2.77 39.40
N LEU B 29 2.39 -2.12 39.69
CA LEU B 29 2.01 -1.83 41.06
C LEU B 29 1.57 -3.10 41.79
N GLN B 30 0.82 -3.96 41.10
CA GLN B 30 0.35 -5.21 41.70
C GLN B 30 1.56 -6.08 42.04
N LYS B 31 2.37 -6.36 41.02
CA LYS B 31 3.56 -7.15 41.22
C LYS B 31 4.64 -6.26 41.79
N LYS B 32 4.42 -5.79 43.01
CA LYS B 32 5.37 -4.91 43.67
C LYS B 32 4.88 -4.62 45.08
N GLY B 33 3.79 -5.29 45.44
CA GLY B 33 3.22 -5.12 46.77
C GLY B 33 1.82 -4.50 46.80
N VAL B 34 1.69 -3.30 46.24
CA VAL B 34 0.44 -2.56 46.21
C VAL B 34 -0.84 -3.37 46.03
N LYS B 35 -1.80 -3.15 46.93
CA LYS B 35 -3.10 -3.81 46.87
C LYS B 35 -3.98 -2.89 46.04
N LEU B 36 -4.35 -3.33 44.85
CA LEU B 36 -5.14 -2.50 43.94
C LEU B 36 -6.59 -2.91 43.76
N ILE B 37 -7.46 -1.92 43.62
CA ILE B 37 -8.88 -2.12 43.40
C ILE B 37 -9.09 -1.73 41.93
N SER B 38 -9.32 -2.72 41.07
CA SER B 38 -9.47 -2.43 39.65
C SER B 38 -10.87 -2.28 39.07
N LEU B 39 -11.03 -1.20 38.31
CA LEU B 39 -12.28 -0.87 37.63
C LEU B 39 -11.90 -0.60 36.17
N ALA B 40 -10.77 -1.18 35.75
CA ALA B 40 -10.24 -0.97 34.41
C ALA B 40 -10.60 -2.01 33.34
N ALA B 41 -9.70 -2.97 33.11
CA ALA B 41 -9.89 -4.01 32.10
C ALA B 41 -11.32 -4.50 31.95
N GLY B 42 -11.64 -4.96 30.73
CA GLY B 42 -12.97 -5.45 30.45
C GLY B 42 -13.11 -6.97 30.49
N ASP B 43 -12.68 -7.56 31.60
CA ASP B 43 -12.78 -9.00 31.78
C ASP B 43 -14.11 -9.32 32.46
N PRO B 44 -14.60 -10.55 32.26
CA PRO B 44 -15.87 -10.91 32.91
C PRO B 44 -15.44 -11.42 34.29
N ASP B 45 -16.38 -11.60 35.20
CA ASP B 45 -16.04 -12.09 36.54
C ASP B 45 -15.71 -13.57 36.47
N PRO B 46 -14.44 -13.94 36.74
CA PRO B 46 -14.02 -15.34 36.69
C PRO B 46 -14.73 -16.20 37.74
N GLU B 47 -15.36 -15.56 38.70
CA GLU B 47 -16.11 -16.26 39.74
C GLU B 47 -17.56 -16.44 39.30
N LEU B 48 -18.00 -15.64 38.34
CA LEU B 48 -19.36 -15.77 37.83
C LEU B 48 -19.40 -16.75 36.67
N ILE B 49 -18.21 -17.23 36.29
CA ILE B 49 -18.07 -18.19 35.21
C ILE B 49 -17.91 -19.56 35.87
N PRO B 50 -18.64 -20.59 35.41
CA PRO B 50 -18.55 -21.93 35.99
C PRO B 50 -17.21 -22.61 35.72
N ARG B 51 -16.14 -22.02 36.23
CA ARG B 51 -14.80 -22.55 36.01
C ARG B 51 -14.70 -24.06 36.20
N ALA B 52 -15.22 -24.56 37.33
CA ALA B 52 -15.20 -25.98 37.65
C ALA B 52 -15.82 -26.81 36.54
N VAL B 53 -17.03 -26.45 36.15
CA VAL B 53 -17.71 -27.14 35.07
C VAL B 53 -16.84 -27.13 33.82
N LEU B 54 -16.44 -25.94 33.39
CA LEU B 54 -15.61 -25.82 32.20
C LEU B 54 -14.38 -26.67 32.36
N GLY B 55 -13.91 -26.79 33.60
CA GLY B 55 -12.74 -27.61 33.87
C GLY B 55 -13.05 -29.06 33.60
N GLU B 56 -14.27 -29.46 33.94
CA GLU B 56 -14.72 -30.83 33.74
C GLU B 56 -14.92 -31.16 32.26
N ILE B 57 -15.57 -30.27 31.52
CA ILE B 57 -15.78 -30.54 30.11
C ILE B 57 -14.43 -30.51 29.36
N ALA B 58 -13.52 -29.63 29.80
CA ALA B 58 -12.20 -29.55 29.18
C ALA B 58 -11.51 -30.92 29.32
N LYS B 59 -11.59 -31.49 30.52
CA LYS B 59 -10.99 -32.80 30.79
C LYS B 59 -11.62 -33.82 29.84
N GLU B 60 -12.95 -33.89 29.88
CA GLU B 60 -13.70 -34.81 29.06
C GLU B 60 -13.34 -34.77 27.58
N VAL B 61 -13.50 -33.59 27.00
CA VAL B 61 -13.21 -33.36 25.59
C VAL B 61 -11.80 -33.83 25.25
N LEU B 62 -10.83 -33.45 26.07
CA LEU B 62 -9.46 -33.86 25.79
C LEU B 62 -9.23 -35.37 25.79
N GLU B 63 -9.90 -36.10 26.68
CA GLU B 63 -9.72 -37.54 26.72
C GLU B 63 -10.60 -38.31 25.71
N LYS B 64 -11.83 -37.85 25.49
CA LYS B 64 -12.75 -38.51 24.57
C LYS B 64 -12.70 -38.06 23.11
N GLU B 65 -12.29 -36.82 22.86
CA GLU B 65 -12.23 -36.35 21.48
C GLU B 65 -10.82 -36.04 20.99
N PRO B 66 -10.25 -36.92 20.17
CA PRO B 66 -8.89 -36.76 19.62
C PRO B 66 -8.72 -35.49 18.78
N LYS B 67 -9.81 -34.96 18.25
CA LYS B 67 -9.75 -33.74 17.44
C LYS B 67 -9.48 -32.50 18.31
N SER B 68 -9.80 -32.59 19.59
CA SER B 68 -9.61 -31.47 20.51
C SER B 68 -8.14 -31.06 20.64
N VAL B 69 -7.26 -31.82 19.99
CA VAL B 69 -5.83 -31.58 20.06
C VAL B 69 -5.21 -31.31 18.68
N MET B 70 -6.02 -31.41 17.64
CA MET B 70 -5.54 -31.20 16.28
C MET B 70 -6.16 -29.99 15.59
N TYR B 71 -5.65 -29.67 14.42
CA TYR B 71 -6.19 -28.55 13.64
C TYR B 71 -7.67 -28.78 13.38
N THR B 72 -8.34 -27.71 13.01
CA THR B 72 -9.75 -27.80 12.66
C THR B 72 -9.84 -27.05 11.33
N PRO B 73 -11.00 -27.12 10.65
CA PRO B 73 -11.09 -26.38 9.38
C PRO B 73 -10.82 -24.90 9.73
N ALA B 74 -10.41 -24.10 8.75
CA ALA B 74 -10.14 -22.68 8.99
C ALA B 74 -11.35 -21.94 9.54
N ASN B 75 -12.54 -22.30 9.06
CA ASN B 75 -13.77 -21.66 9.52
C ASN B 75 -14.38 -22.28 10.76
N GLY B 76 -13.66 -23.19 11.41
CA GLY B 76 -14.18 -23.80 12.62
C GLY B 76 -14.87 -25.13 12.43
N ILE B 77 -14.95 -25.92 13.50
CA ILE B 77 -15.60 -27.22 13.40
C ILE B 77 -17.08 -26.98 13.04
N PRO B 78 -17.62 -27.77 12.10
CA PRO B 78 -19.01 -27.68 11.62
C PRO B 78 -20.04 -27.74 12.74
N GLU B 79 -19.79 -28.58 13.74
CA GLU B 79 -20.71 -28.71 14.85
C GLU B 79 -20.87 -27.41 15.63
N LEU B 80 -19.76 -26.68 15.81
CA LEU B 80 -19.80 -25.42 16.55
C LEU B 80 -20.54 -24.38 15.71
N ARG B 81 -20.23 -24.35 14.42
CA ARG B 81 -20.89 -23.39 13.55
C ARG B 81 -22.40 -23.66 13.55
N GLU B 82 -22.78 -24.92 13.43
CA GLU B 82 -24.20 -25.28 13.44
C GLU B 82 -24.83 -24.99 14.79
N GLU B 83 -24.07 -25.26 15.86
CA GLU B 83 -24.57 -25.03 17.20
C GLU B 83 -24.68 -23.53 17.46
N LEU B 84 -23.75 -22.75 16.91
CA LEU B 84 -23.77 -21.30 17.05
C LEU B 84 -24.91 -20.72 16.25
N ALA B 85 -25.21 -21.34 15.12
CA ALA B 85 -26.30 -20.88 14.27
C ALA B 85 -27.63 -20.94 15.03
N ALA B 86 -27.89 -22.09 15.66
CA ALA B 86 -29.11 -22.28 16.42
C ALA B 86 -29.11 -21.35 17.63
N PHE B 87 -27.98 -21.30 18.33
CA PHE B 87 -27.83 -20.44 19.48
C PHE B 87 -28.19 -19.00 19.13
N LEU B 88 -27.65 -18.52 18.01
CA LEU B 88 -27.91 -17.16 17.54
C LEU B 88 -29.37 -16.98 17.15
N LYS B 89 -30.02 -18.06 16.72
CA LYS B 89 -31.42 -17.98 16.33
C LYS B 89 -32.32 -17.90 17.57
N LYS B 90 -31.93 -18.60 18.62
CA LYS B 90 -32.69 -18.64 19.87
C LYS B 90 -32.53 -17.44 20.79
N TYR B 91 -31.36 -16.81 20.78
CA TYR B 91 -31.12 -15.69 21.66
C TYR B 91 -30.75 -14.34 21.05
N ASP B 92 -30.62 -14.25 19.72
CA ASP B 92 -30.25 -12.96 19.16
C ASP B 92 -30.92 -12.57 17.84
N HIS B 93 -32.15 -13.06 17.62
CA HIS B 93 -32.96 -12.78 16.41
C HIS B 93 -32.29 -13.15 15.09
N LEU B 94 -31.22 -13.95 15.13
CA LEU B 94 -30.52 -14.25 13.89
C LEU B 94 -30.78 -15.58 13.20
N GLU B 95 -31.11 -15.50 11.91
CA GLU B 95 -31.35 -16.67 11.10
C GLU B 95 -30.18 -16.73 10.12
N VAL B 96 -29.14 -17.46 10.50
CA VAL B 96 -27.96 -17.56 9.67
C VAL B 96 -27.57 -19.00 9.36
N SER B 97 -26.97 -19.19 8.20
CA SER B 97 -26.52 -20.51 7.80
C SER B 97 -25.19 -20.75 8.51
N PRO B 98 -24.93 -22.01 8.91
CA PRO B 98 -23.67 -22.31 9.60
C PRO B 98 -22.51 -22.09 8.63
N GLU B 99 -22.83 -22.08 7.34
CA GLU B 99 -21.82 -21.88 6.32
C GLU B 99 -21.35 -20.43 6.24
N ASN B 100 -22.17 -19.51 6.73
CA ASN B 100 -21.82 -18.09 6.71
C ASN B 100 -21.15 -17.63 8.01
N ILE B 101 -20.80 -18.60 8.84
CA ILE B 101 -20.15 -18.31 10.11
C ILE B 101 -18.70 -18.75 10.06
N VAL B 102 -17.79 -17.86 10.44
CA VAL B 102 -16.36 -18.15 10.46
C VAL B 102 -15.89 -17.99 11.90
N ILE B 103 -15.31 -19.05 12.46
CA ILE B 103 -14.83 -19.02 13.85
C ILE B 103 -13.45 -18.38 13.91
N THR B 104 -13.39 -17.24 14.57
CA THR B 104 -12.17 -16.49 14.66
C THR B 104 -11.56 -16.40 16.06
N ILE B 105 -10.39 -15.78 16.15
CA ILE B 105 -9.71 -15.61 17.42
C ILE B 105 -10.41 -14.45 18.14
N GLY B 106 -11.59 -14.73 18.68
CA GLY B 106 -12.36 -13.70 19.36
C GLY B 106 -12.89 -12.71 18.34
N GLY B 107 -13.60 -11.71 18.81
CA GLY B 107 -14.14 -10.69 17.93
C GLY B 107 -13.00 -9.81 17.44
N THR B 108 -11.90 -9.79 18.20
CA THR B 108 -10.70 -9.01 17.84
C THR B 108 -10.22 -9.50 16.48
N GLY B 109 -9.97 -10.80 16.40
CA GLY B 109 -9.52 -11.39 15.16
C GLY B 109 -10.57 -11.20 14.08
N ALA B 110 -11.84 -11.27 14.45
CA ALA B 110 -12.88 -11.09 13.43
C ALA B 110 -12.76 -9.70 12.79
N LEU B 111 -12.60 -8.67 13.63
CA LEU B 111 -12.46 -7.31 13.14
C LEU B 111 -11.21 -7.13 12.29
N ASP B 112 -10.11 -7.76 12.69
CA ASP B 112 -8.85 -7.65 11.94
C ASP B 112 -8.96 -8.35 10.58
N LEU B 113 -9.57 -9.53 10.57
CA LEU B 113 -9.77 -10.26 9.33
C LEU B 113 -10.59 -9.42 8.36
N LEU B 114 -11.68 -8.84 8.85
CA LEU B 114 -12.54 -8.00 7.99
C LEU B 114 -11.79 -6.77 7.49
N GLY B 115 -11.01 -6.15 8.36
CA GLY B 115 -10.27 -4.96 7.94
C GLY B 115 -9.34 -5.27 6.78
N ARG B 116 -8.64 -6.40 6.90
CA ARG B 116 -7.70 -6.85 5.88
C ARG B 116 -8.32 -7.09 4.50
N VAL B 117 -9.59 -7.49 4.50
CA VAL B 117 -10.28 -7.77 3.25
C VAL B 117 -11.07 -6.57 2.73
N LEU B 118 -11.44 -5.66 3.61
CA LEU B 118 -12.24 -4.52 3.20
C LEU B 118 -11.55 -3.17 3.17
N ILE B 119 -10.35 -3.08 3.73
CA ILE B 119 -9.64 -1.81 3.79
C ILE B 119 -8.38 -1.60 2.95
N ASP B 120 -8.39 -0.59 2.08
CA ASP B 120 -7.21 -0.25 1.29
C ASP B 120 -6.65 0.96 2.05
N PRO B 121 -5.31 1.07 2.10
CA PRO B 121 -4.76 2.23 2.82
C PRO B 121 -5.32 3.55 2.31
N GLY B 122 -5.66 4.43 3.25
CA GLY B 122 -6.22 5.71 2.89
C GLY B 122 -7.74 5.72 3.01
N ASP B 123 -8.37 4.54 2.92
CA ASP B 123 -9.84 4.46 3.02
C ASP B 123 -10.35 5.14 4.30
N VAL B 124 -11.48 5.83 4.21
CA VAL B 124 -12.06 6.42 5.43
C VAL B 124 -13.07 5.40 5.95
N VAL B 125 -13.06 5.15 7.24
CA VAL B 125 -14.03 4.23 7.82
C VAL B 125 -14.70 5.04 8.92
N ILE B 126 -16.03 5.06 8.89
CA ILE B 126 -16.80 5.82 9.86
C ILE B 126 -17.10 4.97 11.10
N THR B 127 -16.95 5.57 12.27
CA THR B 127 -17.19 4.91 13.56
C THR B 127 -17.92 5.89 14.49
N GLU B 128 -18.32 5.37 15.65
CA GLU B 128 -18.97 6.20 16.66
C GLU B 128 -17.85 6.98 17.33
N ASN B 129 -18.20 8.03 18.06
CA ASN B 129 -17.21 8.82 18.79
C ASN B 129 -17.76 9.05 20.19
N PRO B 130 -17.15 8.46 21.21
CA PRO B 130 -15.98 7.58 21.13
C PRO B 130 -16.40 6.21 20.60
N SER B 131 -15.42 5.33 20.43
CA SER B 131 -15.65 3.96 19.96
C SER B 131 -14.62 3.08 20.65
N TYR B 132 -14.70 1.77 20.43
CA TYR B 132 -13.78 0.81 21.04
C TYR B 132 -12.34 1.04 20.56
N ILE B 133 -11.47 1.51 21.46
CA ILE B 133 -10.07 1.79 21.15
C ILE B 133 -9.33 0.71 20.34
N ASN B 134 -9.49 -0.56 20.67
CA ASN B 134 -8.77 -1.57 19.89
C ASN B 134 -9.17 -1.65 18.44
N THR B 135 -10.44 -1.41 18.16
CA THR B 135 -10.87 -1.46 16.79
C THR B 135 -10.31 -0.25 16.03
N LEU B 136 -10.31 0.93 16.64
CA LEU B 136 -9.78 2.10 15.94
C LEU B 136 -8.31 1.85 15.58
N LEU B 137 -7.56 1.37 16.57
CA LEU B 137 -6.15 1.04 16.45
C LEU B 137 -5.97 -0.05 15.37
N ALA B 138 -6.85 -1.06 15.37
CA ALA B 138 -6.77 -2.14 14.40
C ALA B 138 -6.91 -1.62 12.97
N PHE B 139 -7.89 -0.76 12.74
CA PHE B 139 -8.14 -0.23 11.40
C PHE B 139 -7.08 0.75 10.91
N GLU B 140 -6.56 1.58 11.82
CA GLU B 140 -5.53 2.53 11.46
C GLU B 140 -4.21 1.85 11.16
N GLN B 141 -3.85 0.79 11.88
CA GLN B 141 -2.58 0.16 11.51
C GLN B 141 -2.75 -0.57 10.18
N LEU B 142 -3.99 -0.59 9.67
CA LEU B 142 -4.23 -1.19 8.35
C LEU B 142 -4.28 -0.02 7.35
N GLY B 143 -3.98 1.19 7.81
CA GLY B 143 -3.97 2.34 6.92
C GLY B 143 -5.25 3.14 6.75
N ALA B 144 -6.30 2.79 7.48
CA ALA B 144 -7.57 3.53 7.37
C ALA B 144 -7.55 4.85 8.10
N LYS B 145 -8.45 5.74 7.68
CA LYS B 145 -8.61 7.06 8.29
C LYS B 145 -9.93 6.98 9.06
N ILE B 146 -9.90 7.23 10.37
CA ILE B 146 -11.12 7.15 11.17
C ILE B 146 -11.87 8.49 11.26
N GLU B 147 -13.17 8.46 10.97
CA GLU B 147 -14.05 9.64 11.06
C GLU B 147 -15.20 9.29 12.02
N GLY B 148 -15.18 9.87 13.22
CA GLY B 148 -16.21 9.57 14.20
C GLY B 148 -17.49 10.39 14.15
N VAL B 149 -18.56 9.85 14.75
CA VAL B 149 -19.87 10.51 14.82
C VAL B 149 -20.34 10.42 16.28
N PRO B 150 -20.60 11.57 16.92
CA PRO B 150 -21.04 11.65 18.32
C PRO B 150 -22.21 10.76 18.68
N VAL B 151 -22.15 10.21 19.89
CA VAL B 151 -23.23 9.36 20.38
C VAL B 151 -23.84 10.03 21.62
N ASP B 152 -24.99 9.51 22.04
CA ASP B 152 -25.67 9.98 23.24
C ASP B 152 -26.25 8.77 23.96
N ASN B 153 -27.25 8.99 24.80
CA ASN B 153 -27.85 7.88 25.54
C ASN B 153 -28.51 6.89 24.60
N ASP B 154 -28.81 7.35 23.39
CA ASP B 154 -29.43 6.49 22.41
C ASP B 154 -28.50 6.02 21.31
N GLY B 155 -27.21 6.06 21.58
CA GLY B 155 -26.23 5.62 20.61
C GLY B 155 -25.78 6.66 19.60
N MET B 156 -25.30 6.19 18.46
CA MET B 156 -24.84 7.07 17.39
C MET B 156 -25.96 7.98 16.92
N ARG B 157 -25.62 9.26 16.79
CA ARG B 157 -26.55 10.27 16.30
C ARG B 157 -26.63 10.05 14.79
N VAL B 158 -27.65 9.34 14.35
CA VAL B 158 -27.83 9.02 12.94
C VAL B 158 -27.97 10.24 12.01
N ASP B 159 -28.44 11.35 12.57
CA ASP B 159 -28.60 12.56 11.78
C ASP B 159 -27.23 13.17 11.49
N LEU B 160 -26.32 13.10 12.45
CA LEU B 160 -24.98 13.64 12.27
C LEU B 160 -24.18 12.70 11.36
N LEU B 161 -24.59 11.44 11.35
CA LEU B 161 -23.96 10.43 10.53
C LEU B 161 -24.16 10.79 9.05
N GLU B 162 -25.38 11.18 8.68
CA GLU B 162 -25.65 11.55 7.29
C GLU B 162 -24.95 12.85 6.92
N GLU B 163 -24.82 13.76 7.86
CA GLU B 163 -24.14 15.02 7.57
C GLU B 163 -22.64 14.73 7.35
N LYS B 164 -22.04 13.88 8.18
CA LYS B 164 -20.62 13.51 8.05
C LYS B 164 -20.39 12.92 6.66
N ILE B 165 -21.28 12.01 6.26
CA ILE B 165 -21.18 11.37 4.95
C ILE B 165 -21.25 12.41 3.83
N LYS B 166 -22.22 13.32 3.90
CA LYS B 166 -22.35 14.38 2.89
C LYS B 166 -21.11 15.27 2.93
N GLU B 167 -20.60 15.47 4.14
CA GLU B 167 -19.41 16.28 4.35
C GLU B 167 -18.25 15.64 3.58
N LEU B 168 -18.00 14.36 3.89
CA LEU B 168 -16.93 13.60 3.27
C LEU B 168 -17.01 13.60 1.75
N LYS B 169 -18.16 13.20 1.21
CA LYS B 169 -18.30 13.18 -0.23
C LYS B 169 -18.14 14.56 -0.84
N ALA B 170 -18.51 15.60 -0.11
CA ALA B 170 -18.33 16.94 -0.65
C ALA B 170 -16.83 17.20 -0.86
N LYS B 171 -15.98 16.68 0.04
CA LYS B 171 -14.53 16.84 -0.09
C LYS B 171 -13.99 15.86 -1.11
N GLY B 172 -14.86 15.00 -1.62
CA GLY B 172 -14.44 14.01 -2.59
C GLY B 172 -13.77 12.84 -1.90
N GLN B 173 -14.01 12.69 -0.60
CA GLN B 173 -13.41 11.60 0.16
C GLN B 173 -14.15 10.29 -0.08
N LYS B 174 -13.39 9.20 -0.15
CA LYS B 174 -13.96 7.88 -0.35
C LYS B 174 -14.22 7.23 1.01
N VAL B 175 -15.42 6.71 1.19
CA VAL B 175 -15.81 6.03 2.42
C VAL B 175 -16.57 4.79 2.01
N LYS B 176 -16.59 3.79 2.86
CA LYS B 176 -17.24 2.56 2.48
C LYS B 176 -17.89 1.80 3.64
N LEU B 177 -17.24 1.85 4.79
CA LEU B 177 -17.70 1.09 5.94
C LEU B 177 -18.09 1.94 7.15
N ILE B 178 -18.97 1.38 7.96
CA ILE B 178 -19.41 2.02 9.17
C ILE B 178 -19.29 0.97 10.26
N TYR B 179 -18.47 1.23 11.27
CA TYR B 179 -18.30 0.29 12.36
C TYR B 179 -19.09 0.78 13.57
N THR B 180 -20.05 -0.02 14.02
CA THR B 180 -20.88 0.35 15.16
C THR B 180 -20.98 -0.77 16.20
N ILE B 181 -21.14 -0.36 17.46
CA ILE B 181 -21.31 -1.29 18.59
C ILE B 181 -22.66 -0.86 19.18
N PRO B 182 -23.76 -1.28 18.54
CA PRO B 182 -25.15 -0.98 18.91
C PRO B 182 -25.61 -1.22 20.36
N THR B 183 -25.18 -2.34 20.95
CA THR B 183 -25.59 -2.68 22.32
C THR B 183 -24.46 -2.71 23.35
N GLY B 184 -24.68 -2.01 24.46
CA GLY B 184 -23.70 -1.94 25.54
C GLY B 184 -22.31 -1.54 25.07
N GLN B 185 -22.24 -0.49 24.26
CA GLN B 185 -20.97 -0.02 23.70
C GLN B 185 -19.81 0.10 24.67
N ASN B 186 -18.61 -0.10 24.14
CA ASN B 186 -17.35 0.02 24.85
C ASN B 186 -16.82 1.22 24.09
N PRO B 187 -16.52 2.32 24.79
CA PRO B 187 -16.60 2.59 26.22
C PRO B 187 -17.83 3.32 26.81
N MET B 188 -18.67 3.93 25.99
CA MET B 188 -19.80 4.68 26.52
C MET B 188 -20.81 3.88 27.32
N GLY B 189 -21.01 2.62 26.95
CA GLY B 189 -21.98 1.81 27.67
C GLY B 189 -23.41 2.08 27.24
N VAL B 190 -23.58 2.85 26.17
CA VAL B 190 -24.93 3.16 25.69
C VAL B 190 -25.34 2.22 24.56
N THR B 191 -26.64 2.14 24.28
CA THR B 191 -27.09 1.28 23.19
C THR B 191 -28.01 2.00 22.20
N MET B 192 -27.76 1.78 20.93
CA MET B 192 -28.55 2.39 19.88
C MET B 192 -30.02 1.99 20.00
N SER B 193 -30.92 2.95 19.87
CA SER B 193 -32.35 2.70 19.96
C SER B 193 -32.84 2.04 18.67
N MET B 194 -33.92 1.29 18.74
CA MET B 194 -34.46 0.62 17.56
C MET B 194 -34.75 1.62 16.46
N GLU B 195 -35.15 2.82 16.86
CA GLU B 195 -35.48 3.88 15.92
C GLU B 195 -34.23 4.31 15.13
N ARG B 196 -33.12 4.52 15.82
CA ARG B 196 -31.91 4.92 15.11
C ARG B 196 -31.34 3.76 14.29
N ARG B 197 -31.53 2.54 14.76
CA ARG B 197 -31.06 1.35 14.05
C ARG B 197 -31.68 1.25 12.66
N LYS B 198 -32.97 1.54 12.56
CA LYS B 198 -33.66 1.50 11.28
C LYS B 198 -33.19 2.63 10.36
N ALA B 199 -32.90 3.78 10.96
CA ALA B 199 -32.44 4.94 10.20
C ALA B 199 -31.03 4.68 9.65
N LEU B 200 -30.19 4.03 10.46
CA LEU B 200 -28.82 3.69 10.06
C LEU B 200 -28.89 2.78 8.82
N LEU B 201 -29.75 1.78 8.86
CA LEU B 201 -29.91 0.89 7.72
C LEU B 201 -30.37 1.63 6.48
N GLU B 202 -31.16 2.69 6.66
CA GLU B 202 -31.67 3.48 5.54
C GLU B 202 -30.56 4.30 4.90
N ILE B 203 -29.66 4.82 5.74
CA ILE B 203 -28.55 5.61 5.27
C ILE B 203 -27.55 4.72 4.52
N ALA B 204 -27.27 3.54 5.06
CA ALA B 204 -26.34 2.61 4.42
C ALA B 204 -26.81 2.30 3.00
N SER B 205 -28.12 2.10 2.86
CA SER B 205 -28.71 1.80 1.57
C SER B 205 -28.67 3.02 0.66
N LYS B 206 -29.03 4.18 1.22
CA LYS B 206 -29.05 5.44 0.46
C LYS B 206 -27.68 5.79 -0.09
N TYR B 207 -26.65 5.59 0.72
CA TYR B 207 -25.30 5.90 0.28
C TYR B 207 -24.50 4.69 -0.20
N ASP B 208 -25.13 3.52 -0.19
CA ASP B 208 -24.49 2.29 -0.65
C ASP B 208 -23.20 2.00 0.13
N LEU B 209 -23.36 1.84 1.43
CA LEU B 209 -22.27 1.58 2.35
C LEU B 209 -22.49 0.24 3.05
N LEU B 210 -21.42 -0.29 3.62
CA LEU B 210 -21.48 -1.55 4.33
C LEU B 210 -21.37 -1.28 5.83
N ILE B 211 -22.05 -2.09 6.65
CA ILE B 211 -22.00 -1.90 8.08
C ILE B 211 -21.42 -3.09 8.81
N ILE B 212 -20.47 -2.84 9.69
CA ILE B 212 -19.96 -3.95 10.45
C ILE B 212 -20.50 -3.78 11.85
N GLU B 213 -21.29 -4.74 12.29
CA GLU B 213 -21.93 -4.71 13.60
C GLU B 213 -21.17 -5.55 14.64
N ASP B 214 -20.74 -4.88 15.70
CA ASP B 214 -20.00 -5.54 16.77
C ASP B 214 -21.05 -5.94 17.81
N THR B 215 -21.21 -7.24 17.99
CA THR B 215 -22.20 -7.82 18.91
C THR B 215 -21.60 -8.34 20.21
N ALA B 216 -20.40 -7.86 20.55
CA ALA B 216 -19.71 -8.29 21.75
C ALA B 216 -20.53 -8.40 23.04
N TYR B 217 -21.41 -7.42 23.28
CA TYR B 217 -22.22 -7.39 24.51
C TYR B 217 -23.71 -7.66 24.32
N ASN B 218 -24.07 -8.34 23.24
CA ASN B 218 -25.48 -8.62 23.00
C ASN B 218 -26.04 -9.61 24.03
N PHE B 219 -25.17 -10.19 24.82
CA PHE B 219 -25.60 -11.16 25.82
C PHE B 219 -25.38 -10.64 27.23
N MET B 220 -25.15 -9.35 27.34
CA MET B 220 -24.95 -8.72 28.64
C MET B 220 -25.95 -7.59 28.74
N ARG B 221 -27.14 -7.85 28.23
CA ARG B 221 -28.19 -6.85 28.27
C ARG B 221 -28.99 -7.07 29.55
N TYR B 222 -29.58 -5.99 30.07
CA TYR B 222 -30.33 -6.09 31.32
C TYR B 222 -31.79 -5.65 31.31
N GLU B 223 -32.16 -4.72 30.44
CA GLU B 223 -33.54 -4.23 30.43
C GLU B 223 -34.14 -3.61 29.18
N GLY B 224 -33.57 -3.81 28.01
CA GLY B 224 -34.17 -3.20 26.83
C GLY B 224 -35.46 -3.95 26.47
N GLY B 225 -36.08 -3.62 25.35
CA GLY B 225 -37.28 -4.35 24.95
C GLY B 225 -36.84 -5.48 24.03
N ASP B 226 -37.50 -5.65 22.88
CA ASP B 226 -37.05 -6.65 21.90
C ASP B 226 -36.13 -5.86 21.01
N ILE B 227 -34.93 -5.57 21.48
CA ILE B 227 -34.03 -4.85 20.61
C ILE B 227 -33.31 -5.91 19.77
N VAL B 228 -33.41 -5.77 18.46
CA VAL B 228 -32.81 -6.73 17.56
C VAL B 228 -31.62 -6.15 16.84
N PRO B 229 -30.60 -6.98 16.60
CA PRO B 229 -29.37 -6.58 15.91
C PRO B 229 -29.72 -6.01 14.54
N LEU B 230 -28.81 -5.21 13.99
CA LEU B 230 -29.02 -4.63 12.66
C LEU B 230 -29.01 -5.77 11.62
N LYS B 231 -28.23 -6.81 11.90
CA LYS B 231 -28.14 -7.93 10.97
C LYS B 231 -29.47 -8.68 10.82
N ALA B 232 -30.30 -8.65 11.86
CA ALA B 232 -31.60 -9.31 11.81
C ALA B 232 -32.62 -8.44 11.07
N LEU B 233 -32.24 -7.20 10.80
CA LEU B 233 -33.08 -6.23 10.08
C LEU B 233 -32.53 -5.99 8.67
N ASP B 234 -31.32 -6.50 8.44
CA ASP B 234 -30.56 -6.37 7.19
C ASP B 234 -31.18 -7.13 6.00
N ASN B 235 -32.17 -6.53 5.36
CA ASN B 235 -32.83 -7.17 4.23
C ASN B 235 -32.02 -6.99 2.93
N GLU B 236 -31.13 -6.00 2.90
CA GLU B 236 -30.30 -5.76 1.72
C GLU B 236 -28.93 -6.42 1.80
N GLY B 237 -28.66 -7.11 2.89
CA GLY B 237 -27.37 -7.77 3.06
C GLY B 237 -26.16 -6.84 3.17
N ARG B 238 -26.38 -5.65 3.74
CA ARG B 238 -25.31 -4.66 3.91
C ARG B 238 -24.61 -4.73 5.26
N VAL B 239 -25.01 -5.64 6.14
CA VAL B 239 -24.28 -5.67 7.38
C VAL B 239 -23.52 -6.97 7.60
N ILE B 240 -22.39 -6.84 8.27
CA ILE B 240 -21.55 -7.96 8.55
C ILE B 240 -21.41 -7.92 10.05
N VAL B 241 -21.45 -9.06 10.74
CA VAL B 241 -21.27 -8.94 12.17
C VAL B 241 -19.96 -9.54 12.64
N ALA B 242 -19.44 -8.98 13.71
CA ALA B 242 -18.23 -9.48 14.35
C ALA B 242 -18.73 -9.74 15.78
N GLY B 243 -18.84 -11.02 16.13
CA GLY B 243 -19.32 -11.39 17.44
C GLY B 243 -18.32 -12.20 18.23
N THR B 244 -18.69 -12.56 19.46
CA THR B 244 -17.80 -13.32 20.32
C THR B 244 -18.53 -13.91 21.52
N LEU B 245 -17.94 -14.94 22.11
CA LEU B 245 -18.48 -15.62 23.27
C LEU B 245 -17.59 -15.35 24.47
N SER B 246 -16.66 -14.41 24.31
CA SER B 246 -15.73 -14.13 25.37
C SER B 246 -16.36 -13.56 26.64
N LYS B 247 -17.41 -12.76 26.51
CA LYS B 247 -18.06 -12.18 27.67
C LYS B 247 -19.03 -13.19 28.31
N VAL B 248 -19.13 -14.37 27.70
CA VAL B 248 -20.02 -15.40 28.22
C VAL B 248 -19.23 -16.59 28.75
N LEU B 249 -18.47 -17.20 27.84
CA LEU B 249 -17.67 -18.40 28.11
C LEU B 249 -16.35 -18.11 28.80
N GLY B 250 -15.86 -16.89 28.63
CA GLY B 250 -14.57 -16.56 29.21
C GLY B 250 -13.79 -15.83 28.13
N THR B 251 -13.27 -14.68 28.50
CA THR B 251 -12.56 -13.83 27.58
C THR B 251 -11.20 -14.36 27.10
N GLY B 252 -10.68 -15.38 27.79
CA GLY B 252 -9.39 -15.93 27.39
C GLY B 252 -9.44 -17.10 26.42
N PHE B 253 -10.62 -17.62 26.12
CA PHE B 253 -10.73 -18.76 25.20
C PHE B 253 -10.47 -18.40 23.74
N ARG B 254 -10.67 -17.14 23.40
CA ARG B 254 -10.46 -16.62 22.04
C ARG B 254 -11.44 -17.24 21.05
N ILE B 255 -12.74 -17.21 21.37
CA ILE B 255 -13.76 -17.75 20.48
C ILE B 255 -14.67 -16.62 20.00
N GLY B 256 -14.57 -16.29 18.72
CA GLY B 256 -15.39 -15.24 18.15
C GLY B 256 -15.84 -15.65 16.78
N TRP B 257 -16.53 -14.77 16.06
CA TRP B 257 -16.97 -15.14 14.74
C TRP B 257 -17.33 -13.99 13.81
N ILE B 258 -17.24 -14.26 12.52
CA ILE B 258 -17.62 -13.29 11.53
C ILE B 258 -18.82 -13.88 10.81
N ILE B 259 -19.80 -13.04 10.53
CA ILE B 259 -20.96 -13.45 9.76
C ILE B 259 -20.94 -12.50 8.55
N ALA B 260 -20.79 -13.08 7.36
CA ALA B 260 -20.74 -12.32 6.11
C ALA B 260 -21.29 -13.17 4.98
N GLU B 261 -21.28 -12.64 3.76
CA GLU B 261 -21.80 -13.38 2.60
C GLU B 261 -21.07 -13.11 1.30
N GLY B 262 -21.43 -13.87 0.28
CA GLY B 262 -20.84 -13.72 -1.04
C GLY B 262 -19.33 -13.70 -1.07
N GLU B 263 -18.78 -12.84 -1.91
CA GLU B 263 -17.34 -12.71 -2.08
C GLU B 263 -16.56 -12.26 -0.84
N ILE B 264 -17.20 -11.50 0.04
CA ILE B 264 -16.51 -11.07 1.25
C ILE B 264 -16.22 -12.31 2.12
N LEU B 265 -17.23 -13.13 2.32
CA LEU B 265 -17.09 -14.35 3.10
C LEU B 265 -16.03 -15.24 2.47
N LYS B 266 -16.10 -15.35 1.14
CA LYS B 266 -15.16 -16.16 0.37
C LYS B 266 -13.71 -15.74 0.64
N LYS B 267 -13.45 -14.44 0.55
CA LYS B 267 -12.12 -13.92 0.75
C LYS B 267 -11.65 -13.95 2.19
N VAL B 268 -12.58 -13.73 3.10
CA VAL B 268 -12.28 -13.76 4.51
C VAL B 268 -11.75 -15.15 4.87
N LEU B 269 -12.41 -16.17 4.34
CA LEU B 269 -12.08 -17.55 4.59
C LEU B 269 -10.81 -17.99 3.85
N MET B 270 -10.60 -17.43 2.67
CA MET B 270 -9.44 -17.77 1.88
C MET B 270 -8.14 -17.34 2.56
N GLN B 271 -8.16 -16.16 3.17
CA GLN B 271 -7.00 -15.59 3.86
C GLN B 271 -6.76 -16.14 5.27
N LYS B 272 -7.78 -16.71 5.89
CA LYS B 272 -7.66 -17.19 7.27
C LYS B 272 -6.62 -18.24 7.67
N GLN B 273 -6.55 -19.37 6.98
CA GLN B 273 -5.59 -20.39 7.40
C GLN B 273 -4.17 -19.84 7.53
N PRO B 274 -3.74 -19.03 6.55
CA PRO B 274 -2.38 -18.46 6.59
C PRO B 274 -2.15 -17.42 7.70
N ILE B 275 -3.21 -16.95 8.37
CA ILE B 275 -2.94 -16.00 9.45
C ILE B 275 -3.12 -16.58 10.85
N ASP B 276 -4.16 -17.38 11.10
CA ASP B 276 -4.32 -17.98 12.42
C ASP B 276 -4.47 -19.51 12.33
N PHE B 277 -4.58 -20.01 11.11
CA PHE B 277 -4.80 -21.44 10.82
C PHE B 277 -6.21 -21.85 11.27
N CYS B 278 -6.51 -21.67 12.55
CA CYS B 278 -7.84 -21.99 13.07
C CYS B 278 -7.95 -21.53 14.51
N ALA B 279 -9.19 -21.37 14.97
CA ALA B 279 -9.43 -20.98 16.34
C ALA B 279 -8.99 -22.18 17.18
N PRO B 280 -8.70 -21.96 18.47
CA PRO B 280 -8.26 -23.05 19.36
C PRO B 280 -9.22 -24.24 19.39
N ALA B 281 -8.71 -25.43 19.10
CA ALA B 281 -9.53 -26.63 19.10
C ALA B 281 -10.17 -26.85 20.48
N ILE B 282 -9.33 -26.87 21.52
CA ILE B 282 -9.84 -27.06 22.87
C ILE B 282 -10.94 -26.04 23.18
N SER B 283 -10.76 -24.79 22.80
CA SER B 283 -11.78 -23.77 23.09
C SER B 283 -13.07 -23.97 22.30
N GLN B 284 -12.93 -24.47 21.08
CA GLN B 284 -14.07 -24.73 20.21
C GLN B 284 -14.91 -25.88 20.77
N TYR B 285 -14.23 -26.94 21.22
CA TYR B 285 -14.91 -28.11 21.78
C TYR B 285 -15.50 -27.81 23.15
N ILE B 286 -14.83 -26.96 23.93
CA ILE B 286 -15.35 -26.58 25.24
C ILE B 286 -16.65 -25.79 25.02
N ALA B 287 -16.61 -24.86 24.06
CA ALA B 287 -17.77 -24.03 23.74
C ALA B 287 -18.94 -24.85 23.21
N LEU B 288 -18.64 -25.81 22.35
CA LEU B 288 -19.64 -26.69 21.77
C LEU B 288 -20.45 -27.40 22.85
N GLU B 289 -19.77 -28.14 23.73
CA GLU B 289 -20.42 -28.86 24.81
C GLU B 289 -21.10 -27.90 25.77
N TYR B 290 -20.44 -26.77 26.03
CA TYR B 290 -21.03 -25.78 26.91
C TYR B 290 -22.41 -25.45 26.37
N LEU B 291 -22.51 -25.28 25.05
CA LEU B 291 -23.78 -24.94 24.42
C LEU B 291 -24.75 -26.11 24.35
N LYS B 292 -24.25 -27.28 23.98
CA LYS B 292 -25.07 -28.47 23.87
C LYS B 292 -25.68 -28.92 25.19
N ARG B 293 -25.00 -28.63 26.30
CA ARG B 293 -25.47 -29.04 27.62
C ARG B 293 -26.36 -28.01 28.32
N GLY B 294 -26.77 -26.96 27.60
CA GLY B 294 -27.62 -25.94 28.19
C GLY B 294 -27.01 -25.11 29.31
N TYR B 295 -25.68 -24.98 29.31
CA TYR B 295 -25.01 -24.19 30.35
C TYR B 295 -25.17 -22.69 30.19
N PHE B 296 -25.62 -22.27 29.00
CA PHE B 296 -25.84 -20.84 28.75
C PHE B 296 -26.96 -20.36 29.64
N GLU B 297 -28.02 -21.16 29.75
CA GLU B 297 -29.18 -20.81 30.58
C GLU B 297 -28.83 -21.04 32.05
N LYS B 298 -28.43 -22.27 32.36
CA LYS B 298 -28.08 -22.70 33.70
C LYS B 298 -27.08 -21.84 34.45
N TYR B 299 -26.07 -21.34 33.74
CA TYR B 299 -25.06 -20.51 34.40
C TYR B 299 -24.99 -19.04 33.99
N HIS B 300 -25.06 -18.74 32.69
CA HIS B 300 -24.98 -17.36 32.27
C HIS B 300 -26.26 -16.57 32.52
N LEU B 301 -27.34 -16.90 31.81
CA LEU B 301 -28.60 -16.19 31.98
C LEU B 301 -29.11 -16.14 33.42
N GLU B 302 -29.08 -17.29 34.09
CA GLU B 302 -29.57 -17.38 35.46
C GLU B 302 -28.49 -17.23 36.55
N GLY B 303 -27.27 -16.91 36.14
CA GLY B 303 -26.19 -16.74 37.11
C GLY B 303 -25.36 -15.50 36.86
N ALA B 304 -24.45 -15.58 35.89
CA ALA B 304 -23.59 -14.46 35.54
C ALA B 304 -24.37 -13.18 35.27
N LEU B 305 -25.33 -13.26 34.35
CA LEU B 305 -26.14 -12.10 34.01
C LEU B 305 -26.62 -11.34 35.23
N LEU B 306 -27.31 -12.04 36.13
CA LEU B 306 -27.84 -11.45 37.36
C LEU B 306 -26.74 -10.85 38.23
N GLY B 307 -25.60 -11.53 38.32
CA GLY B 307 -24.51 -10.99 39.09
C GLY B 307 -24.04 -9.67 38.49
N TYR B 308 -23.89 -9.62 37.16
CA TYR B 308 -23.44 -8.40 36.50
C TYR B 308 -24.46 -7.28 36.68
N LYS B 309 -25.74 -7.63 36.54
CA LYS B 309 -26.81 -6.64 36.70
C LYS B 309 -26.73 -6.08 38.12
N GLU B 310 -26.50 -6.96 39.08
CA GLU B 310 -26.37 -6.53 40.47
C GLU B 310 -25.18 -5.58 40.60
N LYS B 311 -24.05 -5.96 40.01
CA LYS B 311 -22.83 -5.13 40.06
C LYS B 311 -23.05 -3.77 39.44
N ARG B 312 -23.89 -3.71 38.40
CA ARG B 312 -24.18 -2.44 37.75
C ARG B 312 -24.99 -1.55 38.69
N ASP B 313 -26.07 -2.11 39.23
CA ASP B 313 -26.92 -1.35 40.12
C ASP B 313 -26.10 -0.81 41.28
N ILE B 314 -25.22 -1.65 41.83
CA ILE B 314 -24.38 -1.23 42.93
C ILE B 314 -23.46 -0.06 42.56
N MET B 315 -22.86 -0.11 41.38
CA MET B 315 -21.95 0.97 40.95
C MET B 315 -22.69 2.28 40.73
N LEU B 316 -23.83 2.20 40.05
CA LEU B 316 -24.62 3.39 39.80
C LEU B 316 -25.18 3.89 41.13
N LYS B 317 -25.56 2.97 42.01
CA LYS B 317 -26.08 3.34 43.33
C LYS B 317 -24.99 4.15 44.05
N ALA B 318 -23.77 3.61 44.07
CA ALA B 318 -22.67 4.29 44.73
C ALA B 318 -22.32 5.61 44.06
N LEU B 319 -22.37 5.63 42.73
CA LEU B 319 -22.06 6.84 41.98
C LEU B 319 -23.09 7.92 42.23
N GLU B 320 -24.32 7.51 42.50
CA GLU B 320 -25.39 8.46 42.73
C GLU B 320 -25.41 9.09 44.12
N ASN B 321 -25.12 8.32 45.17
CA ASN B 321 -25.16 8.90 46.49
C ASN B 321 -23.88 9.56 47.00
N HIS B 322 -22.73 9.24 46.41
CA HIS B 322 -21.51 9.88 46.88
C HIS B 322 -20.96 10.84 45.83
N LEU B 323 -21.59 10.88 44.67
CA LEU B 323 -21.15 11.77 43.60
C LEU B 323 -22.35 12.14 42.74
N PRO B 324 -23.40 12.68 43.38
CA PRO B 324 -24.65 13.09 42.72
C PRO B 324 -24.59 14.26 41.74
N ASN B 325 -23.54 15.08 41.84
CA ASN B 325 -23.42 16.23 40.95
C ASN B 325 -22.58 15.96 39.70
N ALA B 326 -22.14 14.71 39.52
CA ALA B 326 -21.35 14.37 38.35
C ALA B 326 -22.25 13.69 37.33
N GLU B 327 -21.97 13.89 36.06
CA GLU B 327 -22.78 13.26 35.04
C GLU B 327 -22.03 12.01 34.54
N PHE B 328 -22.75 10.90 34.41
CA PHE B 328 -22.20 9.62 33.95
C PHE B 328 -23.29 8.82 33.27
N THR B 329 -22.92 7.81 32.51
CA THR B 329 -23.91 7.01 31.79
C THR B 329 -24.60 5.94 32.62
N LYS B 330 -25.79 5.54 32.15
CA LYS B 330 -26.59 4.52 32.81
C LYS B 330 -26.85 3.44 31.77
N PRO B 331 -25.93 2.48 31.64
CA PRO B 331 -26.09 1.40 30.66
C PRO B 331 -27.18 0.38 30.97
N ILE B 332 -27.88 -0.06 29.92
CA ILE B 332 -28.93 -1.07 30.07
C ILE B 332 -28.34 -2.38 29.57
N ALA B 333 -27.05 -2.36 29.28
CA ALA B 333 -26.34 -3.53 28.79
C ALA B 333 -24.83 -3.28 28.81
N GLY B 334 -24.05 -4.36 28.82
CA GLY B 334 -22.61 -4.20 28.81
C GLY B 334 -21.94 -4.31 30.16
N MET B 335 -20.78 -3.67 30.28
CA MET B 335 -20.07 -3.75 31.54
C MET B 335 -19.27 -2.51 31.85
N PHE B 336 -19.63 -1.43 31.17
CA PHE B 336 -18.92 -0.18 31.38
C PHE B 336 -19.87 0.96 31.67
N VAL B 337 -19.35 1.92 32.42
CA VAL B 337 -20.07 3.14 32.72
C VAL B 337 -19.03 4.20 32.39
N MET B 338 -19.42 5.20 31.62
CA MET B 338 -18.50 6.30 31.29
C MET B 338 -18.82 7.44 32.27
N PHE B 339 -17.80 7.80 33.06
CA PHE B 339 -17.87 8.85 34.09
C PHE B 339 -17.18 10.08 33.54
N PHE B 340 -17.69 11.26 33.89
CA PHE B 340 -17.10 12.50 33.38
C PHE B 340 -16.65 13.48 34.45
N LEU B 341 -15.44 14.01 34.26
CA LEU B 341 -14.90 15.01 35.18
C LEU B 341 -15.42 16.34 34.64
N PRO B 342 -15.25 17.44 35.39
CA PRO B 342 -15.74 18.71 34.87
C PRO B 342 -15.05 19.01 33.54
N GLU B 343 -15.77 19.64 32.62
CA GLU B 343 -15.20 19.95 31.32
C GLU B 343 -13.91 20.72 31.51
N GLY B 344 -12.84 20.24 30.88
CA GLY B 344 -11.56 20.89 31.01
C GLY B 344 -10.62 20.04 31.83
N ALA B 345 -11.16 19.31 32.81
CA ALA B 345 -10.34 18.47 33.65
C ALA B 345 -9.64 17.40 32.79
N ASP B 346 -8.46 16.95 33.19
CA ASP B 346 -7.71 15.94 32.45
C ASP B 346 -7.93 14.55 33.03
N GLY B 347 -8.63 13.70 32.27
CA GLY B 347 -8.92 12.35 32.72
C GLY B 347 -7.70 11.45 32.84
N ILE B 348 -6.74 11.62 31.94
CA ILE B 348 -5.51 10.84 31.95
C ILE B 348 -4.75 11.13 33.23
N SER B 349 -4.64 12.42 33.54
CA SER B 349 -3.94 12.86 34.75
C SER B 349 -4.68 12.35 35.98
N PHE B 350 -6.01 12.42 35.93
CA PHE B 350 -6.84 11.98 37.03
C PHE B 350 -6.65 10.49 37.29
N ALA B 351 -6.56 9.71 36.22
CA ALA B 351 -6.38 8.27 36.33
C ALA B 351 -5.11 7.88 37.07
N ASN B 352 -3.99 8.53 36.74
CA ASN B 352 -2.71 8.25 37.39
C ASN B 352 -2.74 8.61 38.87
N GLU B 353 -3.36 9.74 39.21
CA GLU B 353 -3.45 10.17 40.59
C GLU B 353 -4.30 9.22 41.43
N LEU B 354 -5.44 8.82 40.88
CA LEU B 354 -6.35 7.90 41.59
C LEU B 354 -5.61 6.64 41.97
N MET B 355 -4.89 6.08 41.00
CA MET B 355 -4.14 4.85 41.23
C MET B 355 -3.04 5.11 42.26
N GLU B 356 -2.34 6.23 42.09
CA GLU B 356 -1.23 6.61 42.96
C GLU B 356 -1.64 6.97 44.39
N ARG B 357 -2.78 7.64 44.54
CA ARG B 357 -3.24 8.08 45.85
C ARG B 357 -4.33 7.24 46.52
N GLU B 358 -4.98 6.35 45.76
CA GLU B 358 -6.04 5.53 46.33
C GLU B 358 -6.01 4.06 45.94
N GLY B 359 -5.12 3.70 45.03
CA GLY B 359 -5.01 2.32 44.61
C GLY B 359 -6.18 1.78 43.81
N VAL B 360 -6.92 2.67 43.17
CA VAL B 360 -8.07 2.28 42.35
C VAL B 360 -7.70 2.52 40.90
N VAL B 361 -7.91 1.51 40.07
CA VAL B 361 -7.55 1.64 38.67
C VAL B 361 -8.75 1.87 37.76
N VAL B 362 -8.67 2.93 36.97
CA VAL B 362 -9.73 3.25 36.01
C VAL B 362 -9.05 3.53 34.67
N VAL B 363 -9.84 3.55 33.60
CA VAL B 363 -9.30 3.80 32.26
C VAL B 363 -9.62 5.23 31.79
N PRO B 364 -8.58 6.00 31.44
CA PRO B 364 -8.78 7.37 30.99
C PRO B 364 -9.96 7.62 30.03
N GLY B 365 -10.02 7.03 28.85
CA GLY B 365 -11.21 7.31 28.05
C GLY B 365 -10.96 8.18 26.84
N LYS B 366 -10.16 9.23 27.04
CA LYS B 366 -9.78 10.15 25.98
C LYS B 366 -9.25 9.35 24.78
N PRO B 367 -8.44 8.30 25.05
CA PRO B 367 -7.89 7.47 23.98
C PRO B 367 -8.96 6.83 23.09
N PHE B 368 -10.19 6.74 23.60
CA PHE B 368 -11.29 6.15 22.84
C PHE B 368 -11.99 7.08 21.87
N TYR B 369 -11.65 8.36 21.91
CA TYR B 369 -12.29 9.34 21.04
C TYR B 369 -11.59 9.53 19.71
N THR B 370 -12.35 9.93 18.71
CA THR B 370 -11.80 10.10 17.37
C THR B 370 -11.32 11.51 17.04
N ASP B 371 -11.52 12.43 17.98
CA ASP B 371 -11.09 13.81 17.77
C ASP B 371 -10.55 14.38 19.07
N GLU B 372 -10.60 15.70 19.23
CA GLU B 372 -10.06 16.29 20.44
C GLU B 372 -10.96 16.27 21.67
N SER B 373 -12.21 15.82 21.52
CA SER B 373 -13.11 15.76 22.67
C SER B 373 -12.82 14.55 23.57
N GLY B 374 -13.55 14.44 24.68
CA GLY B 374 -13.38 13.32 25.61
C GLY B 374 -12.21 13.43 26.56
N LYS B 375 -11.66 14.63 26.70
CA LYS B 375 -10.52 14.82 27.59
C LYS B 375 -10.87 14.50 29.04
N ASN B 376 -12.09 14.83 29.45
CA ASN B 376 -12.56 14.61 30.81
C ASN B 376 -13.28 13.28 31.00
N ALA B 377 -13.24 12.40 30.01
CA ALA B 377 -13.92 11.13 30.14
C ALA B 377 -13.10 10.09 30.90
N ILE B 378 -13.78 9.26 31.68
CA ILE B 378 -13.16 8.18 32.44
C ILE B 378 -14.08 6.96 32.27
N ARG B 379 -13.52 5.81 31.88
CA ARG B 379 -14.31 4.60 31.70
C ARG B 379 -14.18 3.71 32.93
N LEU B 380 -15.31 3.20 33.41
CA LEU B 380 -15.34 2.35 34.60
C LEU B 380 -15.96 1.00 34.28
N ASN B 381 -15.33 -0.06 34.78
CA ASN B 381 -15.84 -1.41 34.54
C ASN B 381 -16.43 -1.98 35.83
N PHE B 382 -17.61 -2.57 35.73
CA PHE B 382 -18.27 -3.15 36.89
C PHE B 382 -18.48 -4.67 36.77
N SER B 383 -18.01 -5.26 35.68
CA SER B 383 -18.17 -6.70 35.50
C SER B 383 -17.16 -7.51 36.32
N ARG B 384 -15.88 -7.15 36.27
CA ARG B 384 -14.84 -7.90 37.00
C ARG B 384 -14.76 -7.73 38.52
N PRO B 385 -14.77 -6.48 39.03
CA PRO B 385 -14.69 -6.26 40.48
C PRO B 385 -15.84 -6.86 41.29
N SER B 386 -15.52 -7.39 42.47
CA SER B 386 -16.54 -7.98 43.36
C SER B 386 -17.53 -6.90 43.78
N LYS B 387 -18.72 -7.29 44.21
CA LYS B 387 -19.72 -6.31 44.62
C LYS B 387 -19.32 -5.55 45.89
N GLU B 388 -18.31 -6.08 46.60
CA GLU B 388 -17.82 -5.46 47.81
C GLU B 388 -16.79 -4.38 47.42
N GLU B 389 -16.01 -4.67 46.39
CA GLU B 389 -14.99 -3.75 45.90
C GLU B 389 -15.55 -2.51 45.22
N ILE B 390 -16.67 -2.67 44.51
CA ILE B 390 -17.26 -1.55 43.77
C ILE B 390 -17.54 -0.29 44.57
N PRO B 391 -18.34 -0.39 45.65
CA PRO B 391 -18.60 0.83 46.42
C PRO B 391 -17.33 1.42 47.00
N ILE B 392 -16.46 0.56 47.51
CA ILE B 392 -15.21 1.03 48.07
C ILE B 392 -14.42 1.79 47.00
N GLY B 393 -14.43 1.25 45.79
CA GLY B 393 -13.71 1.87 44.71
C GLY B 393 -14.22 3.26 44.32
N ILE B 394 -15.49 3.37 43.99
CA ILE B 394 -15.98 4.67 43.57
C ILE B 394 -16.02 5.64 44.75
N LYS B 395 -16.07 5.10 45.97
CA LYS B 395 -16.06 5.91 47.18
C LYS B 395 -14.74 6.68 47.15
N LYS B 396 -13.66 5.95 46.88
CA LYS B 396 -12.33 6.56 46.81
C LYS B 396 -12.27 7.50 45.61
N LEU B 397 -12.89 7.09 44.51
CA LEU B 397 -12.94 7.88 43.29
C LEU B 397 -13.61 9.22 43.62
N ALA B 398 -14.70 9.18 44.38
CA ALA B 398 -15.41 10.40 44.76
C ALA B 398 -14.55 11.35 45.58
N LYS B 399 -13.78 10.78 46.51
CA LYS B 399 -12.90 11.58 47.36
C LYS B 399 -11.89 12.38 46.54
N LEU B 400 -11.14 11.72 45.68
CA LEU B 400 -10.16 12.43 44.86
C LEU B 400 -10.90 13.50 44.05
N TYR B 401 -12.06 13.13 43.51
CA TYR B 401 -12.86 14.05 42.72
C TYR B 401 -13.17 15.34 43.48
N LYS B 402 -13.92 15.21 44.56
CA LYS B 402 -14.33 16.35 45.38
C LYS B 402 -13.21 17.25 45.88
N GLU B 403 -12.07 16.68 46.22
CA GLU B 403 -10.97 17.50 46.71
C GLU B 403 -10.26 18.20 45.55
N LYS B 404 -10.65 17.85 44.33
CA LYS B 404 -10.08 18.44 43.13
C LYS B 404 -11.08 19.44 42.53
N PHE B 405 -12.36 19.10 42.60
CA PHE B 405 -13.40 19.94 42.03
C PHE B 405 -14.51 20.34 43.01
N MET C 1 28.38 1.69 -2.67
CA MET C 1 27.26 1.65 -1.68
C MET C 1 26.07 0.94 -2.32
N ASP C 2 25.31 0.20 -1.50
CA ASP C 2 24.13 -0.53 -1.99
C ASP C 2 22.87 0.32 -1.80
N TYR C 3 22.49 1.06 -2.84
CA TYR C 3 21.31 1.91 -2.75
C TYR C 3 20.02 1.11 -2.75
N THR C 4 20.12 -0.16 -3.12
CA THR C 4 18.99 -1.07 -3.18
C THR C 4 18.26 -1.15 -1.84
N LYS C 5 18.99 -0.94 -0.76
CA LYS C 5 18.42 -0.97 0.59
C LYS C 5 17.53 0.24 0.87
N TYR C 6 17.68 1.32 0.11
CA TYR C 6 16.89 2.51 0.36
C TYR C 6 15.64 2.59 -0.50
N LEU C 7 15.50 1.66 -1.44
CA LEU C 7 14.34 1.66 -2.32
C LEU C 7 13.08 1.33 -1.56
N ALA C 8 11.96 1.83 -2.08
CA ALA C 8 10.66 1.54 -1.50
C ALA C 8 10.33 0.16 -2.04
N GLY C 9 9.56 -0.61 -1.30
CA GLY C 9 9.18 -1.91 -1.77
C GLY C 9 8.41 -1.80 -3.08
N ARG C 10 7.64 -0.74 -3.23
CA ARG C 10 6.88 -0.59 -4.47
C ARG C 10 7.78 -0.32 -5.66
N ALA C 11 9.06 -0.06 -5.39
CA ALA C 11 9.98 0.16 -6.50
C ALA C 11 10.21 -1.18 -7.22
N ASN C 12 9.96 -2.30 -6.55
CA ASN C 12 10.14 -3.63 -7.18
C ASN C 12 9.04 -3.89 -8.21
N TRP C 13 8.00 -3.06 -8.23
CA TRP C 13 6.93 -3.24 -9.19
C TRP C 13 7.40 -2.64 -10.50
N ILE C 14 8.40 -1.77 -10.42
CA ILE C 14 8.94 -1.14 -11.62
C ILE C 14 9.86 -2.13 -12.32
N LYS C 15 9.64 -2.34 -13.62
CA LYS C 15 10.49 -3.28 -14.37
C LYS C 15 10.89 -2.74 -15.73
N GLY C 16 11.85 -3.40 -16.36
CA GLY C 16 12.32 -2.97 -17.67
C GLY C 16 11.31 -3.16 -18.78
N SER C 17 11.55 -2.46 -19.89
CA SER C 17 10.69 -2.51 -21.07
C SER C 17 11.42 -3.16 -22.24
N ALA C 18 10.83 -4.21 -22.80
CA ALA C 18 11.43 -4.91 -23.92
C ALA C 18 11.55 -3.98 -25.13
N LEU C 19 10.55 -3.12 -25.30
CA LEU C 19 10.55 -2.16 -26.40
C LEU C 19 11.69 -1.17 -26.17
N ALA C 20 12.31 -1.24 -25.00
CA ALA C 20 13.41 -0.36 -24.66
C ALA C 20 14.76 -1.08 -24.78
N ASP C 21 14.74 -2.40 -24.64
CA ASP C 21 15.96 -3.20 -24.76
C ASP C 21 16.47 -3.19 -26.20
N VAL C 22 15.55 -3.35 -27.15
CA VAL C 22 15.90 -3.35 -28.56
C VAL C 22 16.13 -1.94 -29.08
N MET C 23 15.38 -0.98 -28.55
CA MET C 23 15.52 0.42 -28.95
C MET C 23 16.85 0.98 -28.46
N LYS C 24 17.56 0.16 -27.69
CA LYS C 24 18.86 0.55 -27.14
C LYS C 24 19.93 -0.27 -27.85
N LYS C 25 19.60 -1.53 -28.14
CA LYS C 25 20.53 -2.42 -28.83
C LYS C 25 20.76 -1.86 -30.23
N ALA C 26 19.81 -1.05 -30.69
CA ALA C 26 19.90 -0.43 -32.00
C ALA C 26 20.64 0.89 -31.83
N SER C 27 20.34 1.60 -30.75
CA SER C 27 20.98 2.88 -30.46
C SER C 27 22.48 2.68 -30.32
N GLU C 28 22.88 1.44 -30.04
CA GLU C 28 24.30 1.10 -29.90
C GLU C 28 24.93 1.00 -31.27
N LEU C 29 24.22 0.36 -32.21
CA LEU C 29 24.72 0.20 -33.57
C LEU C 29 24.53 1.50 -34.35
N GLN C 30 23.62 2.34 -33.89
CA GLN C 30 23.35 3.63 -34.54
C GLN C 30 24.08 4.73 -33.79
N LYS C 31 25.39 4.81 -34.03
CA LYS C 31 26.23 5.80 -33.37
C LYS C 31 27.59 5.17 -33.24
N LYS C 32 27.60 3.84 -33.17
CA LYS C 32 28.84 3.09 -33.06
C LYS C 32 29.13 2.41 -34.38
N GLY C 33 28.72 3.05 -35.47
CA GLY C 33 28.95 2.50 -36.80
C GLY C 33 27.74 2.37 -37.73
N VAL C 34 27.30 1.13 -37.92
CA VAL C 34 26.19 0.75 -38.80
C VAL C 34 25.07 1.78 -39.04
N LYS C 35 24.50 1.72 -40.25
CA LYS C 35 23.41 2.59 -40.66
C LYS C 35 22.17 1.71 -40.78
N LEU C 36 21.06 2.13 -40.19
CA LEU C 36 19.85 1.33 -40.24
C LEU C 36 18.56 2.15 -40.29
N ILE C 37 17.58 1.63 -41.02
CA ILE C 37 16.27 2.25 -41.13
C ILE C 37 15.39 1.49 -40.16
N SER C 38 14.60 2.18 -39.35
CA SER C 38 13.77 1.51 -38.37
C SER C 38 12.28 1.52 -38.67
N LEU C 39 11.64 0.41 -38.32
CA LEU C 39 10.21 0.20 -38.48
C LEU C 39 9.69 -0.02 -37.05
N ALA C 40 10.52 0.36 -36.08
CA ALA C 40 10.19 0.18 -34.67
C ALA C 40 9.73 1.45 -33.95
N ALA C 41 10.07 2.61 -34.51
CA ALA C 41 9.70 3.89 -33.91
C ALA C 41 8.20 4.01 -33.64
N GLY C 42 7.83 5.06 -32.91
CA GLY C 42 6.44 5.30 -32.60
C GLY C 42 6.17 6.78 -32.80
N ASP C 43 7.14 7.46 -33.38
CA ASP C 43 7.03 8.90 -33.63
C ASP C 43 6.31 9.23 -34.94
N PRO C 44 5.77 10.44 -35.02
CA PRO C 44 5.10 10.85 -36.25
C PRO C 44 6.23 11.36 -37.16
N ASP C 45 5.96 11.58 -38.44
CA ASP C 45 7.02 12.07 -39.32
C ASP C 45 7.31 13.54 -39.07
N PRO C 46 8.55 13.87 -38.64
CA PRO C 46 8.90 15.27 -38.38
C PRO C 46 8.85 16.14 -39.64
N GLU C 47 9.00 15.49 -40.80
CA GLU C 47 8.96 16.22 -42.07
C GLU C 47 7.52 16.53 -42.46
N LEU C 48 6.59 15.66 -42.04
CA LEU C 48 5.18 15.88 -42.35
C LEU C 48 4.58 16.91 -41.42
N ILE C 49 5.31 17.20 -40.34
CA ILE C 49 4.90 18.20 -39.34
C ILE C 49 5.47 19.55 -39.75
N PRO C 50 4.63 20.59 -39.72
CA PRO C 50 5.07 21.94 -40.09
C PRO C 50 6.01 22.59 -39.08
N ARG C 51 7.21 22.04 -38.95
CA ARG C 51 8.20 22.55 -38.00
C ARG C 51 8.48 24.02 -38.18
N ALA C 52 8.88 24.41 -39.39
CA ALA C 52 9.18 25.81 -39.69
C ALA C 52 8.02 26.70 -39.28
N VAL C 53 6.81 26.18 -39.40
CA VAL C 53 5.62 26.93 -39.05
C VAL C 53 5.49 26.96 -37.53
N LEU C 54 5.88 25.87 -36.88
CA LEU C 54 5.82 25.78 -35.42
C LEU C 54 6.94 26.64 -34.84
N GLY C 55 8.06 26.71 -35.56
CA GLY C 55 9.16 27.53 -35.11
C GLY C 55 8.73 28.99 -35.12
N GLU C 56 7.97 29.37 -36.15
CA GLU C 56 7.48 30.74 -36.28
C GLU C 56 6.59 31.05 -35.08
N ILE C 57 5.63 30.17 -34.80
CA ILE C 57 4.71 30.34 -33.69
C ILE C 57 5.47 30.41 -32.37
N ALA C 58 6.41 29.48 -32.18
CA ALA C 58 7.22 29.42 -30.98
C ALA C 58 7.95 30.74 -30.78
N LYS C 59 8.48 31.28 -31.88
CA LYS C 59 9.22 32.54 -31.84
C LYS C 59 8.28 33.69 -31.50
N GLU C 60 7.12 33.74 -32.14
CA GLU C 60 6.18 34.83 -31.88
C GLU C 60 5.68 34.84 -30.45
N VAL C 61 5.14 33.71 -30.00
CA VAL C 61 4.59 33.61 -28.65
C VAL C 61 5.59 33.93 -27.54
N LEU C 62 6.83 33.47 -27.70
CA LEU C 62 7.84 33.73 -26.69
C LEU C 62 8.15 35.20 -26.51
N GLU C 63 8.13 35.97 -27.59
CA GLU C 63 8.41 37.39 -27.50
C GLU C 63 7.12 38.20 -27.31
N LYS C 64 6.01 37.64 -27.75
CA LYS C 64 4.71 38.30 -27.63
C LYS C 64 4.06 38.13 -26.25
N GLU C 65 4.01 36.87 -25.79
CA GLU C 65 3.37 36.53 -24.53
C GLU C 65 4.33 36.18 -23.39
N PRO C 66 4.37 37.01 -22.34
CA PRO C 66 5.25 36.78 -21.19
C PRO C 66 4.92 35.49 -20.43
N LYS C 67 3.64 35.11 -20.45
CA LYS C 67 3.19 33.88 -19.79
C LYS C 67 3.80 32.65 -20.47
N SER C 68 4.22 32.80 -21.72
CA SER C 68 4.80 31.66 -22.43
C SER C 68 6.02 31.10 -21.69
N VAL C 69 6.57 31.89 -20.77
CA VAL C 69 7.75 31.48 -20.02
C VAL C 69 7.46 31.25 -18.52
N MET C 70 6.20 31.38 -18.11
CA MET C 70 5.88 31.17 -16.70
C MET C 70 4.98 29.98 -16.39
N TYR C 71 4.65 29.81 -15.10
CA TYR C 71 3.77 28.71 -14.69
C TYR C 71 2.40 28.94 -15.28
N THR C 72 1.68 27.85 -15.48
CA THR C 72 0.32 27.87 -16.00
C THR C 72 -0.54 27.16 -14.93
N PRO C 73 -1.85 27.40 -14.94
CA PRO C 73 -2.70 26.73 -13.94
C PRO C 73 -2.50 25.23 -14.13
N ALA C 74 -2.73 24.47 -13.06
CA ALA C 74 -2.55 23.02 -13.08
C ALA C 74 -3.34 22.32 -14.18
N ASN C 75 -4.55 22.81 -14.44
CA ASN C 75 -5.38 22.23 -15.49
C ASN C 75 -5.15 22.83 -16.88
N GLY C 76 -4.17 23.71 -17.01
CA GLY C 76 -3.87 24.32 -18.30
C GLY C 76 -4.47 25.69 -18.53
N ILE C 77 -3.93 26.44 -19.49
CA ILE C 77 -4.47 27.76 -19.77
C ILE C 77 -5.88 27.64 -20.29
N PRO C 78 -6.81 28.42 -19.72
CA PRO C 78 -8.22 28.41 -20.11
C PRO C 78 -8.47 28.43 -21.61
N GLU C 79 -7.63 29.16 -22.35
CA GLU C 79 -7.79 29.27 -23.80
C GLU C 79 -7.54 27.95 -24.53
N LEU C 80 -6.54 27.19 -24.04
CA LEU C 80 -6.21 25.90 -24.65
C LEU C 80 -7.35 24.92 -24.41
N ARG C 81 -7.95 25.01 -23.23
CA ARG C 81 -9.05 24.13 -22.89
C ARG C 81 -10.30 24.53 -23.66
N GLU C 82 -10.46 25.83 -23.89
CA GLU C 82 -11.62 26.33 -24.64
C GLU C 82 -11.47 25.90 -26.10
N GLU C 83 -10.25 25.95 -26.61
CA GLU C 83 -9.96 25.57 -27.99
C GLU C 83 -10.01 24.08 -28.20
N LEU C 84 -9.46 23.33 -27.24
CA LEU C 84 -9.48 21.88 -27.33
C LEU C 84 -10.93 21.41 -27.32
N ALA C 85 -11.75 22.13 -26.57
CA ALA C 85 -13.16 21.80 -26.48
C ALA C 85 -13.83 21.91 -27.85
N ALA C 86 -13.61 23.04 -28.52
CA ALA C 86 -14.19 23.28 -29.84
C ALA C 86 -13.56 22.36 -30.88
N PHE C 87 -12.28 22.06 -30.68
CA PHE C 87 -11.55 21.18 -31.58
C PHE C 87 -12.13 19.77 -31.54
N LEU C 88 -12.42 19.28 -30.34
CA LEU C 88 -12.99 17.95 -30.14
C LEU C 88 -14.42 17.87 -30.69
N LYS C 89 -15.19 18.93 -30.45
CA LYS C 89 -16.58 18.98 -30.93
C LYS C 89 -16.60 19.01 -32.46
N LYS C 90 -15.57 19.61 -33.06
CA LYS C 90 -15.46 19.71 -34.51
C LYS C 90 -14.94 18.45 -35.20
N TYR C 91 -13.79 17.96 -34.75
CA TYR C 91 -13.17 16.82 -35.38
C TYR C 91 -13.25 15.44 -34.72
N ASP C 92 -13.76 15.37 -33.50
CA ASP C 92 -13.84 14.05 -32.86
C ASP C 92 -15.22 13.78 -32.26
N HIS C 93 -16.21 14.55 -32.70
CA HIS C 93 -17.59 14.37 -32.24
C HIS C 93 -17.78 14.49 -30.73
N LEU C 94 -16.98 15.29 -30.05
CA LEU C 94 -17.11 15.41 -28.59
C LEU C 94 -17.70 16.71 -28.04
N GLU C 95 -18.81 16.58 -27.33
CA GLU C 95 -19.49 17.72 -26.72
C GLU C 95 -19.02 17.79 -25.26
N VAL C 96 -17.82 18.33 -25.04
CA VAL C 96 -17.28 18.42 -23.68
C VAL C 96 -16.98 19.84 -23.20
N SER C 97 -17.20 20.06 -21.91
CA SER C 97 -16.96 21.36 -21.30
C SER C 97 -15.47 21.62 -21.07
N PRO C 98 -15.04 22.89 -21.20
CA PRO C 98 -13.63 23.23 -20.98
C PRO C 98 -13.22 22.97 -19.53
N GLU C 99 -14.16 23.10 -18.62
CA GLU C 99 -13.88 22.88 -17.21
C GLU C 99 -13.59 21.41 -16.89
N ASN C 100 -13.95 20.52 -17.82
CA ASN C 100 -13.74 19.09 -17.65
C ASN C 100 -12.47 18.61 -18.34
N ILE C 101 -11.68 19.53 -18.86
CA ILE C 101 -10.44 19.17 -19.54
C ILE C 101 -9.28 19.54 -18.63
N VAL C 102 -8.28 18.67 -18.58
CA VAL C 102 -7.09 18.86 -17.76
C VAL C 102 -5.94 18.60 -18.70
N ILE C 103 -5.09 19.60 -18.92
CA ILE C 103 -3.94 19.46 -19.81
C ILE C 103 -2.82 18.76 -19.08
N THR C 104 -2.40 17.62 -19.61
CA THR C 104 -1.37 16.83 -18.97
C THR C 104 -0.12 16.67 -19.80
N ILE C 105 0.88 16.04 -19.20
CA ILE C 105 2.12 15.79 -19.89
C ILE C 105 1.82 14.65 -20.87
N GLY C 106 1.20 15.01 -21.99
CA GLY C 106 0.85 14.01 -22.97
C GLY C 106 -0.09 12.95 -22.42
N GLY C 107 -0.58 12.08 -23.30
CA GLY C 107 -1.48 11.03 -22.86
C GLY C 107 -0.87 10.18 -21.76
N THR C 108 0.45 10.01 -21.81
CA THR C 108 1.17 9.23 -20.80
C THR C 108 0.90 9.84 -19.43
N GLY C 109 1.08 11.15 -19.33
CA GLY C 109 0.84 11.84 -18.09
C GLY C 109 -0.59 11.66 -17.68
N ALA C 110 -1.49 11.73 -18.65
CA ALA C 110 -2.91 11.57 -18.37
C ALA C 110 -3.19 10.17 -17.82
N LEU C 111 -2.60 9.14 -18.42
CA LEU C 111 -2.85 7.78 -17.92
C LEU C 111 -2.28 7.56 -16.52
N ASP C 112 -1.13 8.18 -16.24
CA ASP C 112 -0.51 8.06 -14.91
C ASP C 112 -1.39 8.73 -13.82
N LEU C 113 -1.73 10.01 -14.02
CA LEU C 113 -2.58 10.77 -13.09
C LEU C 113 -3.86 10.03 -12.76
N LEU C 114 -4.47 9.45 -13.79
CA LEU C 114 -5.69 8.67 -13.64
C LEU C 114 -5.46 7.42 -12.78
N GLY C 115 -4.38 6.70 -13.04
CA GLY C 115 -4.09 5.50 -12.27
C GLY C 115 -3.86 5.81 -10.80
N ARG C 116 -3.19 6.92 -10.54
CA ARG C 116 -2.90 7.33 -9.18
C ARG C 116 -4.16 7.58 -8.37
N VAL C 117 -5.18 8.12 -9.03
CA VAL C 117 -6.46 8.42 -8.39
C VAL C 117 -7.47 7.26 -8.42
N LEU C 118 -7.33 6.34 -9.38
CA LEU C 118 -8.26 5.22 -9.53
C LEU C 118 -7.75 3.82 -9.16
N ILE C 119 -6.46 3.69 -8.91
CA ILE C 119 -5.95 2.37 -8.58
C ILE C 119 -5.38 2.20 -7.17
N ASP C 120 -5.83 1.15 -6.48
CA ASP C 120 -5.32 0.79 -5.15
C ASP C 120 -4.51 -0.49 -5.46
N PRO C 121 -3.29 -0.63 -4.90
CA PRO C 121 -2.48 -1.82 -5.18
C PRO C 121 -3.28 -3.11 -5.08
N GLY C 122 -3.16 -3.95 -6.11
CA GLY C 122 -3.88 -5.21 -6.15
C GLY C 122 -5.10 -5.17 -7.06
N ASP C 123 -5.69 -3.99 -7.22
CA ASP C 123 -6.86 -3.79 -8.09
C ASP C 123 -6.59 -4.43 -9.45
N VAL C 124 -7.59 -5.09 -10.02
CA VAL C 124 -7.44 -5.68 -11.34
C VAL C 124 -7.97 -4.67 -12.34
N VAL C 125 -7.22 -4.43 -13.41
CA VAL C 125 -7.69 -3.53 -14.45
C VAL C 125 -7.67 -4.39 -15.70
N ILE C 126 -8.78 -4.42 -16.42
CA ILE C 126 -8.81 -5.23 -17.63
C ILE C 126 -8.51 -4.34 -18.83
N THR C 127 -7.76 -4.94 -19.76
CA THR C 127 -7.31 -4.28 -20.97
C THR C 127 -7.46 -5.20 -22.17
N GLU C 128 -7.16 -4.68 -23.35
CA GLU C 128 -7.20 -5.48 -24.54
C GLU C 128 -5.90 -6.29 -24.47
N ASN C 129 -5.86 -7.42 -25.17
CA ASN C 129 -4.67 -8.27 -25.26
C ASN C 129 -4.44 -8.49 -26.75
N PRO C 130 -3.36 -7.93 -27.30
CA PRO C 130 -2.37 -7.13 -26.56
C PRO C 130 -2.88 -5.73 -26.25
N SER C 131 -2.00 -4.91 -25.68
CA SER C 131 -2.32 -3.52 -25.41
C SER C 131 -1.04 -2.70 -25.47
N TYR C 132 -1.17 -1.40 -25.25
CA TYR C 132 -0.05 -0.47 -25.28
C TYR C 132 0.88 -0.80 -24.11
N ILE C 133 2.07 -1.27 -24.44
CA ILE C 133 3.07 -1.66 -23.44
C ILE C 133 3.30 -0.67 -22.29
N ASN C 134 3.33 0.62 -22.58
CA ASN C 134 3.58 1.66 -21.58
C ASN C 134 2.46 1.91 -20.58
N THR C 135 1.23 1.64 -20.98
CA THR C 135 0.11 1.82 -20.09
C THR C 135 0.09 0.64 -19.11
N LEU C 136 0.40 -0.54 -19.62
CA LEU C 136 0.44 -1.72 -18.78
C LEU C 136 1.50 -1.54 -17.71
N LEU C 137 2.66 -1.09 -18.16
CA LEU C 137 3.80 -0.85 -17.29
C LEU C 137 3.43 0.25 -16.29
N ALA C 138 2.79 1.30 -16.77
CA ALA C 138 2.39 2.40 -15.88
C ALA C 138 1.48 1.90 -14.77
N PHE C 139 0.47 1.11 -15.14
CA PHE C 139 -0.49 0.56 -14.19
C PHE C 139 0.10 -0.48 -13.25
N GLU C 140 1.04 -1.29 -13.75
CA GLU C 140 1.64 -2.32 -12.88
C GLU C 140 2.61 -1.69 -11.90
N GLN C 141 3.33 -0.65 -12.28
CA GLN C 141 4.21 -0.05 -11.29
C GLN C 141 3.38 0.68 -10.23
N LEU C 142 2.07 0.80 -10.46
CA LEU C 142 1.16 1.44 -9.48
C LEU C 142 0.51 0.35 -8.62
N GLY C 143 0.89 -0.90 -8.90
CA GLY C 143 0.36 -2.02 -8.16
C GLY C 143 -0.83 -2.73 -8.78
N ALA C 144 -1.16 -2.41 -10.02
CA ALA C 144 -2.31 -3.06 -10.61
C ALA C 144 -2.00 -4.44 -11.18
N LYS C 145 -3.03 -5.26 -11.26
CA LYS C 145 -2.92 -6.58 -11.87
C LYS C 145 -3.63 -6.41 -13.23
N ILE C 146 -2.97 -6.81 -14.32
CA ILE C 146 -3.59 -6.66 -15.64
C ILE C 146 -4.19 -7.98 -16.11
N GLU C 147 -5.42 -7.89 -16.62
CA GLU C 147 -6.16 -9.04 -17.16
C GLU C 147 -6.57 -8.63 -18.57
N GLY C 148 -6.03 -9.30 -19.57
CA GLY C 148 -6.34 -8.94 -20.94
C GLY C 148 -7.47 -9.71 -21.60
N VAL C 149 -8.05 -9.10 -22.62
CA VAL C 149 -9.13 -9.68 -23.39
C VAL C 149 -8.69 -9.64 -24.86
N PRO C 150 -8.78 -10.77 -25.57
CA PRO C 150 -8.38 -10.85 -26.98
C PRO C 150 -9.05 -9.88 -27.94
N VAL C 151 -8.33 -9.48 -28.99
CA VAL C 151 -8.87 -8.58 -30.02
C VAL C 151 -8.84 -9.26 -31.39
N ASP C 152 -9.54 -8.67 -32.36
CA ASP C 152 -9.54 -9.17 -33.73
C ASP C 152 -9.64 -7.95 -34.62
N ASN C 153 -9.88 -8.14 -35.91
CA ASN C 153 -9.96 -7.01 -36.82
C ASN C 153 -10.99 -5.94 -36.46
N ASP C 154 -11.90 -6.27 -35.53
CA ASP C 154 -12.91 -5.29 -35.09
C ASP C 154 -12.69 -4.82 -33.66
N GLY C 155 -11.47 -5.06 -33.16
CA GLY C 155 -11.15 -4.63 -31.82
C GLY C 155 -11.37 -5.68 -30.75
N MET C 156 -11.54 -5.21 -29.53
CA MET C 156 -11.77 -6.10 -28.39
C MET C 156 -12.99 -6.97 -28.63
N ARG C 157 -12.90 -8.22 -28.17
CA ARG C 157 -14.01 -9.16 -28.30
C ARG C 157 -14.88 -8.91 -27.07
N VAL C 158 -15.86 -8.04 -27.24
CA VAL C 158 -16.76 -7.67 -26.16
C VAL C 158 -17.43 -8.87 -25.49
N ASP C 159 -17.60 -9.95 -26.23
CA ASP C 159 -18.23 -11.14 -25.67
C ASP C 159 -17.25 -11.81 -24.70
N LEU C 160 -15.97 -11.79 -25.05
CA LEU C 160 -14.95 -12.38 -24.19
C LEU C 160 -14.71 -11.48 -22.99
N LEU C 161 -15.01 -10.19 -23.13
CA LEU C 161 -14.85 -9.23 -22.04
C LEU C 161 -15.78 -9.64 -20.90
N GLU C 162 -17.06 -9.81 -21.23
CA GLU C 162 -18.06 -10.17 -20.23
C GLU C 162 -17.74 -11.46 -19.50
N GLU C 163 -17.19 -12.43 -20.25
CA GLU C 163 -16.84 -13.71 -19.66
C GLU C 163 -15.67 -13.52 -18.71
N LYS C 164 -14.71 -12.68 -19.09
CA LYS C 164 -13.55 -12.43 -18.25
C LYS C 164 -14.00 -11.75 -16.96
N ILE C 165 -14.94 -10.80 -17.09
CA ILE C 165 -15.46 -10.09 -15.94
C ILE C 165 -16.13 -11.08 -14.98
N LYS C 166 -16.90 -12.01 -15.54
CA LYS C 166 -17.60 -13.03 -14.73
C LYS C 166 -16.65 -14.03 -14.09
N GLU C 167 -15.65 -14.46 -14.87
CA GLU C 167 -14.65 -15.39 -14.37
C GLU C 167 -13.89 -14.72 -13.22
N LEU C 168 -13.59 -13.43 -13.38
CA LEU C 168 -12.88 -12.67 -12.35
C LEU C 168 -13.74 -12.59 -11.09
N LYS C 169 -14.99 -12.16 -11.24
CA LYS C 169 -15.88 -12.03 -10.10
C LYS C 169 -16.19 -13.38 -9.46
N ALA C 170 -16.25 -14.43 -10.27
CA ALA C 170 -16.50 -15.75 -9.74
C ALA C 170 -15.34 -16.17 -8.81
N LYS C 171 -14.15 -15.60 -9.03
CA LYS C 171 -12.99 -15.91 -8.19
C LYS C 171 -13.01 -14.95 -6.99
N GLY C 172 -13.92 -13.99 -7.03
CA GLY C 172 -14.03 -13.02 -5.97
C GLY C 172 -13.04 -11.89 -6.17
N GLN C 173 -12.62 -11.69 -7.40
CA GLN C 173 -11.66 -10.65 -7.71
C GLN C 173 -12.34 -9.27 -7.84
N LYS C 174 -11.64 -8.25 -7.39
CA LYS C 174 -12.17 -6.91 -7.47
C LYS C 174 -11.72 -6.29 -8.78
N VAL C 175 -12.71 -5.93 -9.60
CA VAL C 175 -12.51 -5.35 -10.91
C VAL C 175 -13.14 -3.96 -10.90
N LYS C 176 -12.56 -3.01 -11.60
CA LYS C 176 -13.16 -1.69 -11.58
C LYS C 176 -13.05 -0.92 -12.87
N LEU C 177 -11.87 -0.97 -13.48
CA LEU C 177 -11.63 -0.20 -14.69
C LEU C 177 -11.33 -1.04 -15.91
N ILE C 178 -11.72 -0.52 -17.07
CA ILE C 178 -11.42 -1.16 -18.34
C ILE C 178 -10.61 -0.12 -19.11
N TYR C 179 -9.43 -0.52 -19.61
CA TYR C 179 -8.59 0.38 -20.40
C TYR C 179 -8.65 -0.07 -21.85
N THR C 180 -9.07 0.82 -22.75
CA THR C 180 -9.19 0.49 -24.16
C THR C 180 -8.71 1.60 -25.12
N ILE C 181 -8.15 1.19 -26.24
CA ILE C 181 -7.64 2.08 -27.29
C ILE C 181 -8.50 1.67 -28.50
N PRO C 182 -9.73 2.23 -28.60
CA PRO C 182 -10.70 1.96 -29.67
C PRO C 182 -10.27 2.19 -31.10
N THR C 183 -9.61 3.31 -31.37
CA THR C 183 -9.19 3.62 -32.73
C THR C 183 -7.70 3.49 -33.00
N GLY C 184 -7.36 2.76 -34.07
CA GLY C 184 -5.97 2.55 -34.45
C GLY C 184 -5.11 2.14 -33.28
N GLN C 185 -5.41 0.99 -32.69
CA GLN C 185 -4.68 0.51 -31.52
C GLN C 185 -3.18 0.29 -31.68
N ASN C 186 -2.46 0.53 -30.59
CA ASN C 186 -1.03 0.32 -30.52
C ASN C 186 -1.01 -0.92 -29.61
N PRO C 187 -0.41 -2.03 -30.06
CA PRO C 187 0.30 -2.29 -31.32
C PRO C 187 -0.47 -2.95 -32.49
N MET C 188 -1.63 -3.56 -32.22
CA MET C 188 -2.38 -4.25 -33.27
C MET C 188 -2.79 -3.44 -34.49
N GLY C 189 -3.08 -2.16 -34.30
CA GLY C 189 -3.47 -1.34 -35.43
C GLY C 189 -4.94 -1.45 -35.78
N VAL C 190 -5.69 -2.29 -35.07
CA VAL C 190 -7.11 -2.47 -35.36
C VAL C 190 -7.97 -1.39 -34.68
N THR C 191 -9.27 -1.33 -35.01
CA THR C 191 -10.14 -0.35 -34.39
C THR C 191 -11.50 -0.97 -34.08
N MET C 192 -12.01 -0.69 -32.89
CA MET C 192 -13.27 -1.23 -32.43
C MET C 192 -14.46 -0.77 -33.28
N SER C 193 -15.31 -1.71 -33.68
CA SER C 193 -16.47 -1.34 -34.48
C SER C 193 -17.50 -0.64 -33.62
N MET C 194 -18.42 0.06 -34.28
CA MET C 194 -19.45 0.79 -33.58
C MET C 194 -20.38 -0.17 -32.85
N GLU C 195 -20.51 -1.37 -33.39
CA GLU C 195 -21.37 -2.35 -32.75
C GLU C 195 -20.76 -2.79 -31.42
N ARG C 196 -19.45 -3.00 -31.41
CA ARG C 196 -18.78 -3.43 -30.18
C ARG C 196 -18.64 -2.29 -29.17
N ARG C 197 -18.57 -1.06 -29.66
CA ARG C 197 -18.48 0.10 -28.80
C ARG C 197 -19.75 0.21 -27.94
N LYS C 198 -20.93 0.15 -28.58
CA LYS C 198 -22.17 0.23 -27.81
C LYS C 198 -22.34 -0.97 -26.87
N ALA C 199 -21.83 -2.13 -27.28
CA ALA C 199 -21.92 -3.32 -26.44
C ALA C 199 -21.00 -3.17 -25.23
N LEU C 200 -19.88 -2.46 -25.43
CA LEU C 200 -18.92 -2.22 -24.35
C LEU C 200 -19.56 -1.34 -23.28
N LEU C 201 -20.23 -0.29 -23.75
CA LEU C 201 -20.91 0.64 -22.84
C LEU C 201 -21.99 -0.07 -22.03
N GLU C 202 -22.69 -1.00 -22.67
CA GLU C 202 -23.74 -1.76 -22.03
C GLU C 202 -23.12 -2.64 -20.95
N ILE C 203 -21.97 -3.23 -21.24
CA ILE C 203 -21.31 -4.07 -20.27
C ILE C 203 -20.78 -3.25 -19.08
N ALA C 204 -20.24 -2.06 -19.36
CA ALA C 204 -19.74 -1.22 -18.28
C ALA C 204 -20.90 -0.85 -17.35
N SER C 205 -22.06 -0.55 -17.92
CA SER C 205 -23.21 -0.19 -17.09
C SER C 205 -23.69 -1.42 -16.33
N LYS C 206 -23.78 -2.55 -17.02
CA LYS C 206 -24.23 -3.79 -16.41
C LYS C 206 -23.44 -4.21 -15.19
N TYR C 207 -22.12 -4.10 -15.27
CA TYR C 207 -21.28 -4.50 -14.16
C TYR C 207 -20.80 -3.35 -13.28
N ASP C 208 -21.29 -2.15 -13.59
CA ASP C 208 -20.93 -0.95 -12.86
C ASP C 208 -19.41 -0.72 -12.88
N LEU C 209 -18.88 -0.55 -14.09
CA LEU C 209 -17.45 -0.32 -14.26
C LEU C 209 -17.23 1.03 -14.93
N LEU C 210 -15.99 1.47 -14.90
CA LEU C 210 -15.57 2.74 -15.52
C LEU C 210 -14.66 2.36 -16.68
N ILE C 211 -14.71 3.15 -17.75
CA ILE C 211 -13.89 2.90 -18.91
C ILE C 211 -12.92 4.06 -19.19
N ILE C 212 -11.66 3.74 -19.45
CA ILE C 212 -10.68 4.76 -19.78
C ILE C 212 -10.41 4.57 -21.28
N GLU C 213 -10.83 5.56 -22.07
CA GLU C 213 -10.68 5.54 -23.51
C GLU C 213 -9.44 6.34 -23.94
N ASP C 214 -8.55 5.65 -24.64
CA ASP C 214 -7.32 6.23 -25.13
C ASP C 214 -7.53 6.63 -26.59
N THR C 215 -7.54 7.93 -26.83
CA THR C 215 -7.79 8.50 -28.14
C THR C 215 -6.55 8.99 -28.88
N ALA C 216 -5.39 8.47 -28.51
CA ALA C 216 -4.14 8.90 -29.13
C ALA C 216 -4.13 8.91 -30.66
N TYR C 217 -4.84 7.97 -31.27
CA TYR C 217 -4.85 7.87 -32.73
C TYR C 217 -6.16 8.22 -33.41
N ASN C 218 -7.03 8.93 -32.72
CA ASN C 218 -8.32 9.31 -33.29
C ASN C 218 -8.17 10.20 -34.50
N PHE C 219 -7.09 10.96 -34.55
CA PHE C 219 -6.88 11.85 -35.68
C PHE C 219 -5.91 11.27 -36.70
N MET C 220 -5.80 9.94 -36.70
CA MET C 220 -4.95 9.23 -37.63
C MET C 220 -5.80 8.20 -38.37
N ARG C 221 -7.07 8.52 -38.58
CA ARG C 221 -8.00 7.62 -39.26
C ARG C 221 -8.01 7.86 -40.77
N TYR C 222 -7.97 6.78 -41.54
CA TYR C 222 -7.95 6.92 -42.99
C TYR C 222 -9.19 6.38 -43.69
N GLU C 223 -9.64 5.21 -43.24
CA GLU C 223 -10.78 4.51 -43.85
C GLU C 223 -12.13 4.58 -43.14
N GLY C 224 -12.12 4.44 -41.81
CA GLY C 224 -13.35 4.45 -41.04
C GLY C 224 -14.56 5.21 -41.55
N GLY C 225 -15.75 4.70 -41.28
CA GLY C 225 -16.95 5.39 -41.69
C GLY C 225 -17.10 6.55 -40.73
N ASP C 226 -18.20 6.58 -39.99
CA ASP C 226 -18.40 7.64 -38.99
C ASP C 226 -18.33 6.99 -37.61
N ILE C 227 -17.12 6.66 -37.19
CA ILE C 227 -16.92 6.04 -35.90
C ILE C 227 -16.62 7.12 -34.88
N VAL C 228 -17.41 7.13 -33.82
CA VAL C 228 -17.23 8.13 -32.78
C VAL C 228 -16.66 7.51 -31.51
N PRO C 229 -16.02 8.35 -30.67
CA PRO C 229 -15.42 7.87 -29.42
C PRO C 229 -16.51 7.36 -28.48
N LEU C 230 -16.15 6.40 -27.64
CA LEU C 230 -17.08 5.85 -26.67
C LEU C 230 -17.66 7.00 -25.84
N LYS C 231 -16.81 7.99 -25.57
CA LYS C 231 -17.21 9.15 -24.79
C LYS C 231 -18.46 9.86 -25.35
N ALA C 232 -18.55 9.98 -26.66
CA ALA C 232 -19.70 10.63 -27.29
C ALA C 232 -20.98 9.81 -27.15
N LEU C 233 -20.82 8.54 -26.75
CA LEU C 233 -21.94 7.61 -26.56
C LEU C 233 -22.17 7.36 -25.07
N ASP C 234 -21.35 7.99 -24.25
CA ASP C 234 -21.41 7.83 -22.79
C ASP C 234 -22.51 8.65 -22.15
N ASN C 235 -23.71 8.07 -22.05
CA ASN C 235 -24.82 8.77 -21.45
C ASN C 235 -24.82 8.62 -19.92
N GLU C 236 -24.14 7.61 -19.40
CA GLU C 236 -24.09 7.44 -17.95
C GLU C 236 -22.86 8.07 -17.34
N GLY C 237 -21.95 8.54 -18.18
CA GLY C 237 -20.74 9.18 -17.66
C GLY C 237 -19.79 8.18 -17.04
N ARG C 238 -19.70 7.00 -17.64
CA ARG C 238 -18.82 5.93 -17.17
C ARG C 238 -17.48 5.92 -17.88
N VAL C 239 -17.27 6.80 -18.85
CA VAL C 239 -15.99 6.77 -19.51
C VAL C 239 -15.16 8.01 -19.27
N ILE C 240 -13.85 7.80 -19.17
CA ILE C 240 -12.88 8.85 -18.94
C ILE C 240 -11.94 8.80 -20.12
N VAL C 241 -11.61 9.95 -20.68
CA VAL C 241 -10.71 9.91 -21.81
C VAL C 241 -9.32 10.46 -21.50
N ALA C 242 -8.34 9.84 -22.15
CA ALA C 242 -6.93 10.19 -22.05
C ALA C 242 -6.50 10.49 -23.50
N GLY C 243 -6.43 11.76 -23.87
CA GLY C 243 -6.06 12.12 -25.23
C GLY C 243 -4.69 12.75 -25.40
N THR C 244 -4.33 13.09 -26.64
CA THR C 244 -3.04 13.70 -26.93
C THR C 244 -2.93 14.27 -28.34
N LEU C 245 -2.10 15.29 -28.49
CA LEU C 245 -1.89 15.93 -29.79
C LEU C 245 -0.52 15.52 -30.31
N SER C 246 0.15 14.67 -29.56
CA SER C 246 1.48 14.24 -29.94
C SER C 246 1.54 13.73 -31.39
N LYS C 247 0.59 12.88 -31.80
CA LYS C 247 0.59 12.34 -33.15
C LYS C 247 0.20 13.40 -34.20
N VAL C 248 -0.10 14.60 -33.72
CA VAL C 248 -0.51 15.69 -34.60
C VAL C 248 0.50 16.84 -34.56
N LEU C 249 0.44 17.60 -33.48
CA LEU C 249 1.30 18.76 -33.26
C LEU C 249 2.77 18.40 -33.08
N GLY C 250 3.02 17.15 -32.67
CA GLY C 250 4.40 16.72 -32.43
C GLY C 250 4.40 15.93 -31.12
N THR C 251 5.21 14.89 -31.07
CA THR C 251 5.25 14.02 -29.90
C THR C 251 6.21 14.45 -28.78
N GLY C 252 6.97 15.51 -29.03
CA GLY C 252 7.93 15.98 -28.05
C GLY C 252 7.41 17.18 -27.26
N PHE C 253 6.28 17.72 -27.70
CA PHE C 253 5.69 18.88 -27.05
C PHE C 253 5.11 18.55 -25.66
N ARG C 254 4.73 17.29 -25.46
CA ARG C 254 4.19 16.84 -24.18
C ARG C 254 2.83 17.48 -23.85
N ILE C 255 1.96 17.50 -24.85
CA ILE C 255 0.63 18.06 -24.65
C ILE C 255 -0.43 16.97 -24.78
N GLY C 256 -1.14 16.73 -23.69
CA GLY C 256 -2.20 15.74 -23.68
C GLY C 256 -3.34 16.21 -22.80
N TRP C 257 -4.30 15.34 -22.51
CA TRP C 257 -5.40 15.75 -21.68
C TRP C 257 -6.23 14.61 -21.09
N ILE C 258 -7.03 14.99 -20.09
CA ILE C 258 -7.92 14.10 -19.40
C ILE C 258 -9.31 14.74 -19.41
N ILE C 259 -10.32 13.93 -19.68
CA ILE C 259 -11.67 14.41 -19.66
C ILE C 259 -12.35 13.49 -18.65
N ALA C 260 -12.78 14.09 -17.55
CA ALA C 260 -13.43 13.34 -16.48
C ALA C 260 -14.47 14.25 -15.84
N GLU C 261 -15.18 13.73 -14.84
CA GLU C 261 -16.23 14.51 -14.18
C GLU C 261 -16.32 14.22 -12.70
N GLY C 262 -17.11 15.03 -12.02
CA GLY C 262 -17.35 14.85 -10.60
C GLY C 262 -16.11 14.82 -9.71
N GLU C 263 -16.14 13.92 -8.75
CA GLU C 263 -15.07 13.79 -7.78
C GLU C 263 -13.75 13.27 -8.34
N ILE C 264 -13.82 12.55 -9.46
CA ILE C 264 -12.62 12.02 -10.09
C ILE C 264 -11.83 13.18 -10.68
N LEU C 265 -12.54 14.08 -11.36
CA LEU C 265 -11.91 15.26 -11.95
C LEU C 265 -11.25 16.07 -10.85
N LYS C 266 -12.01 16.28 -9.78
CA LYS C 266 -11.58 17.03 -8.61
C LYS C 266 -10.27 16.50 -8.05
N LYS C 267 -10.24 15.20 -7.76
CA LYS C 267 -9.03 14.58 -7.22
C LYS C 267 -7.87 14.64 -8.20
N VAL C 268 -8.17 14.53 -9.49
CA VAL C 268 -7.13 14.60 -10.52
C VAL C 268 -6.50 15.97 -10.50
N LEU C 269 -7.34 16.98 -10.36
CA LEU C 269 -6.89 18.36 -10.34
C LEU C 269 -6.09 18.64 -9.07
N MET C 270 -6.62 18.17 -7.95
CA MET C 270 -5.98 18.37 -6.65
C MET C 270 -4.56 17.84 -6.54
N GLN C 271 -4.34 16.64 -7.06
CA GLN C 271 -3.01 15.99 -6.99
C GLN C 271 -2.00 16.49 -8.01
N LYS C 272 -2.47 17.19 -9.05
CA LYS C 272 -1.59 17.61 -10.13
C LYS C 272 -0.48 18.62 -9.88
N GLN C 273 -0.76 19.74 -9.23
CA GLN C 273 0.31 20.71 -9.06
C GLN C 273 1.59 20.11 -8.41
N PRO C 274 1.43 19.25 -7.39
CA PRO C 274 2.57 18.62 -6.69
C PRO C 274 3.23 17.49 -7.53
N ILE C 275 2.66 17.15 -8.68
CA ILE C 275 3.22 16.09 -9.53
C ILE C 275 3.99 16.65 -10.72
N ASP C 276 3.34 17.44 -11.57
CA ASP C 276 4.02 18.02 -12.71
C ASP C 276 3.93 19.55 -12.70
N PHE C 277 3.13 20.08 -11.78
CA PHE C 277 2.87 21.52 -11.60
C PHE C 277 1.98 22.04 -12.72
N CYS C 278 2.40 21.85 -13.96
CA CYS C 278 1.63 22.27 -15.14
C CYS C 278 2.26 21.76 -16.44
N ALA C 279 1.48 21.66 -17.50
CA ALA C 279 2.01 21.23 -18.80
C ALA C 279 2.86 22.42 -19.29
N PRO C 280 3.92 22.14 -20.07
CA PRO C 280 4.85 23.15 -20.62
C PRO C 280 4.17 24.37 -21.23
N ALA C 281 4.57 25.56 -20.80
CA ALA C 281 3.96 26.80 -21.31
C ALA C 281 4.14 26.98 -22.83
N ILE C 282 5.36 26.89 -23.34
CA ILE C 282 5.54 27.06 -24.78
C ILE C 282 4.62 26.09 -25.52
N SER C 283 4.66 24.82 -25.15
CA SER C 283 3.84 23.80 -25.81
C SER C 283 2.36 24.15 -25.84
N GLN C 284 1.84 24.67 -24.72
CA GLN C 284 0.44 25.02 -24.64
C GLN C 284 0.08 26.20 -25.56
N TYR C 285 0.98 27.18 -25.66
CA TYR C 285 0.75 28.34 -26.50
C TYR C 285 0.95 27.98 -27.97
N ILE C 286 1.92 27.12 -28.25
CA ILE C 286 2.18 26.68 -29.60
C ILE C 286 0.94 25.94 -30.09
N ALA C 287 0.41 25.08 -29.22
CA ALA C 287 -0.79 24.30 -29.55
C ALA C 287 -2.02 25.20 -29.68
N LEU C 288 -2.10 26.22 -28.82
CA LEU C 288 -3.22 27.15 -28.84
C LEU C 288 -3.28 27.90 -30.17
N GLU C 289 -2.12 28.28 -30.69
CA GLU C 289 -2.04 29.00 -31.95
C GLU C 289 -2.28 28.06 -33.13
N TYR C 290 -1.64 26.91 -33.09
CA TYR C 290 -1.80 25.92 -34.15
C TYR C 290 -3.29 25.68 -34.39
N LEU C 291 -4.03 25.54 -33.30
CA LEU C 291 -5.46 25.31 -33.41
C LEU C 291 -6.21 26.55 -33.90
N LYS C 292 -5.94 27.71 -33.29
CA LYS C 292 -6.62 28.94 -33.69
C LYS C 292 -6.40 29.33 -35.14
N ARG C 293 -5.18 29.15 -35.64
CA ARG C 293 -4.85 29.48 -37.02
C ARG C 293 -5.45 28.45 -38.01
N GLY C 294 -6.15 27.45 -37.49
CA GLY C 294 -6.75 26.44 -38.34
C GLY C 294 -5.74 25.57 -39.06
N TYR C 295 -4.55 25.45 -38.46
CA TYR C 295 -3.48 24.64 -39.04
C TYR C 295 -3.75 23.14 -38.98
N PHE C 296 -4.77 22.73 -38.24
CA PHE C 296 -5.10 21.31 -38.14
C PHE C 296 -5.53 20.84 -39.52
N GLU C 297 -6.51 21.52 -40.12
CA GLU C 297 -6.98 21.17 -41.45
C GLU C 297 -5.91 21.47 -42.48
N LYS C 298 -5.44 22.70 -42.47
CA LYS C 298 -4.42 23.19 -43.39
C LYS C 298 -3.15 22.37 -43.47
N TYR C 299 -2.71 21.78 -42.36
CA TYR C 299 -1.49 20.99 -42.38
C TYR C 299 -1.61 19.50 -42.05
N HIS C 300 -2.49 19.15 -41.13
CA HIS C 300 -2.65 17.75 -40.75
C HIS C 300 -3.69 16.98 -41.55
N LEU C 301 -4.89 17.53 -41.67
CA LEU C 301 -5.96 16.88 -42.42
C LEU C 301 -5.59 16.75 -43.89
N GLU C 302 -5.70 17.87 -44.61
CA GLU C 302 -5.38 17.88 -46.04
C GLU C 302 -3.88 17.98 -46.27
N GLY C 303 -3.11 17.23 -45.47
CA GLY C 303 -1.67 17.24 -45.59
C GLY C 303 -0.98 15.99 -45.04
N ALA C 304 -0.57 16.05 -43.77
CA ALA C 304 0.11 14.94 -43.11
C ALA C 304 -0.72 13.66 -43.08
N LEU C 305 -2.04 13.81 -42.95
CA LEU C 305 -2.94 12.66 -42.93
C LEU C 305 -2.79 11.82 -44.19
N LEU C 306 -2.85 12.47 -45.35
CA LEU C 306 -2.69 11.76 -46.63
C LEU C 306 -1.30 11.14 -46.66
N GLY C 307 -0.32 11.90 -46.18
CA GLY C 307 1.04 11.40 -46.15
C GLY C 307 1.15 10.08 -45.40
N TYR C 308 0.39 9.95 -44.31
CA TYR C 308 0.41 8.71 -43.53
C TYR C 308 -0.40 7.63 -44.24
N LYS C 309 -1.55 8.00 -44.78
CA LYS C 309 -2.40 7.04 -45.48
C LYS C 309 -1.57 6.36 -46.58
N GLU C 310 -0.73 7.16 -47.23
CA GLU C 310 0.13 6.68 -48.30
C GLU C 310 1.14 5.64 -47.80
N LYS C 311 1.93 6.01 -46.79
CA LYS C 311 2.93 5.09 -46.23
C LYS C 311 2.27 3.80 -45.77
N ARG C 312 1.01 3.93 -45.33
CA ARG C 312 0.24 2.77 -44.89
C ARG C 312 0.05 1.87 -46.11
N ASP C 313 -0.46 2.45 -47.20
CA ASP C 313 -0.68 1.68 -48.42
C ASP C 313 0.58 1.02 -48.96
N ILE C 314 1.67 1.76 -49.01
CA ILE C 314 2.90 1.18 -49.54
C ILE C 314 3.46 0.06 -48.67
N MET C 315 3.37 0.19 -47.35
CA MET C 315 3.87 -0.87 -46.48
C MET C 315 3.03 -2.13 -46.69
N LEU C 316 1.72 -1.96 -46.79
CA LEU C 316 0.81 -3.08 -46.99
C LEU C 316 0.99 -3.65 -48.39
N LYS C 317 1.21 -2.77 -49.36
CA LYS C 317 1.43 -3.20 -50.72
C LYS C 317 2.68 -4.06 -50.73
N ALA C 318 3.73 -3.59 -50.04
CA ALA C 318 5.01 -4.29 -49.96
C ALA C 318 4.87 -5.64 -49.30
N LEU C 319 4.02 -5.70 -48.27
CA LEU C 319 3.77 -6.94 -47.55
C LEU C 319 2.95 -7.87 -48.42
N GLU C 320 1.97 -7.32 -49.13
CA GLU C 320 1.10 -8.12 -49.98
C GLU C 320 1.75 -8.48 -51.32
N ASN C 321 3.01 -8.12 -51.50
CA ASN C 321 3.76 -8.46 -52.73
C ASN C 321 4.84 -9.49 -52.42
N HIS C 322 5.44 -9.37 -51.25
CA HIS C 322 6.51 -10.27 -50.83
C HIS C 322 6.11 -11.30 -49.77
N LEU C 323 5.15 -10.96 -48.92
CA LEU C 323 4.68 -11.86 -47.88
C LEU C 323 3.17 -12.03 -47.89
N PRO C 324 2.60 -12.48 -49.02
CA PRO C 324 1.15 -12.68 -49.16
C PRO C 324 0.67 -13.89 -48.38
N ASN C 325 1.63 -14.77 -48.04
CA ASN C 325 1.34 -15.99 -47.31
C ASN C 325 1.18 -15.75 -45.80
N ALA C 326 1.93 -14.77 -45.28
CA ALA C 326 1.89 -14.46 -43.85
C ALA C 326 0.67 -13.69 -43.37
N GLU C 327 0.47 -13.70 -42.05
CA GLU C 327 -0.65 -13.00 -41.42
C GLU C 327 -0.23 -11.65 -40.85
N PHE C 328 -0.98 -10.61 -41.18
CA PHE C 328 -0.72 -9.26 -40.68
C PHE C 328 -2.01 -8.45 -40.71
N THR C 329 -2.06 -7.38 -39.92
CA THR C 329 -3.25 -6.55 -39.84
C THR C 329 -3.41 -5.48 -40.91
N LYS C 330 -4.66 -5.14 -41.22
CA LYS C 330 -4.97 -4.14 -42.23
C LYS C 330 -5.61 -2.93 -41.53
N PRO C 331 -4.79 -2.05 -40.95
CA PRO C 331 -5.28 -0.86 -40.25
C PRO C 331 -5.97 0.22 -41.07
N ILE C 332 -7.09 0.71 -40.55
CA ILE C 332 -7.83 1.78 -41.20
C ILE C 332 -7.59 3.02 -40.37
N ALA C 333 -6.63 2.92 -39.45
CA ALA C 333 -6.28 4.01 -38.55
C ALA C 333 -5.02 3.64 -37.77
N GLY C 334 -4.37 4.67 -37.22
CA GLY C 334 -3.17 4.43 -36.44
C GLY C 334 -1.88 4.60 -37.20
N MET C 335 -0.83 3.91 -36.76
CA MET C 335 0.44 4.03 -37.43
C MET C 335 1.25 2.75 -37.31
N PHE C 336 0.57 1.65 -36.98
CA PHE C 336 1.25 0.37 -36.83
C PHE C 336 0.55 -0.75 -37.58
N VAL C 337 1.31 -1.80 -37.86
CA VAL C 337 0.81 -3.00 -38.53
C VAL C 337 1.44 -4.13 -37.73
N MET C 338 0.63 -5.09 -37.29
CA MET C 338 1.16 -6.21 -36.54
C MET C 338 1.36 -7.38 -37.49
N PHE C 339 2.64 -7.74 -37.65
CA PHE C 339 3.05 -8.84 -38.51
C PHE C 339 3.19 -10.08 -37.65
N PHE C 340 2.92 -11.24 -38.23
CA PHE C 340 3.02 -12.47 -37.48
C PHE C 340 3.91 -13.54 -38.11
N LEU C 341 4.88 -14.01 -37.33
CA LEU C 341 5.77 -15.06 -37.81
C LEU C 341 4.96 -16.33 -37.71
N PRO C 342 5.48 -17.45 -38.26
CA PRO C 342 4.71 -18.69 -38.18
C PRO C 342 4.40 -18.99 -36.72
N GLU C 343 3.23 -19.56 -36.45
CA GLU C 343 2.85 -19.86 -35.09
C GLU C 343 3.93 -20.71 -34.40
N GLY C 344 4.53 -20.13 -33.36
CA GLY C 344 5.57 -20.82 -32.62
C GLY C 344 6.91 -20.14 -32.66
N ALA C 345 7.25 -19.53 -33.79
CA ALA C 345 8.52 -18.83 -33.93
C ALA C 345 8.73 -17.77 -32.86
N ASP C 346 9.99 -17.54 -32.51
CA ASP C 346 10.34 -16.55 -31.51
C ASP C 346 10.40 -15.16 -32.12
N GLY C 347 9.59 -14.24 -31.61
CA GLY C 347 9.58 -12.90 -32.15
C GLY C 347 10.65 -11.96 -31.64
N ILE C 348 11.20 -12.22 -30.46
CA ILE C 348 12.23 -11.34 -29.91
C ILE C 348 13.61 -11.62 -30.48
N SER C 349 13.88 -12.87 -30.81
CA SER C 349 15.19 -13.24 -31.38
C SER C 349 15.18 -12.93 -32.87
N PHE C 350 14.01 -13.02 -33.48
CA PHE C 350 13.87 -12.73 -34.91
C PHE C 350 14.05 -11.23 -35.13
N ALA C 351 13.60 -10.44 -34.14
CA ALA C 351 13.71 -9.00 -34.22
C ALA C 351 15.18 -8.61 -34.11
N ASN C 352 15.95 -9.47 -33.46
CA ASN C 352 17.37 -9.24 -33.28
C ASN C 352 18.08 -9.49 -34.61
N GLU C 353 17.80 -10.64 -35.23
CA GLU C 353 18.42 -10.97 -36.50
C GLU C 353 18.18 -9.91 -37.57
N LEU C 354 17.01 -9.27 -37.57
CA LEU C 354 16.75 -8.24 -38.56
C LEU C 354 17.75 -7.12 -38.43
N MET C 355 18.30 -6.94 -37.23
CA MET C 355 19.29 -5.92 -36.99
C MET C 355 20.68 -6.53 -37.18
N GLU C 356 20.93 -7.62 -36.46
CA GLU C 356 22.22 -8.30 -36.51
C GLU C 356 22.61 -8.76 -37.91
N ARG C 357 21.65 -8.82 -38.83
CA ARG C 357 21.95 -9.26 -40.19
C ARG C 357 21.51 -8.32 -41.31
N GLU C 358 20.25 -7.91 -41.29
CA GLU C 358 19.71 -7.04 -42.33
C GLU C 358 19.72 -5.53 -42.06
N GLY C 359 19.98 -5.14 -40.81
CA GLY C 359 20.04 -3.73 -40.47
C GLY C 359 18.74 -2.95 -40.42
N VAL C 360 17.65 -3.64 -40.09
CA VAL C 360 16.35 -2.98 -39.99
C VAL C 360 15.79 -3.21 -38.58
N VAL C 361 15.24 -2.15 -37.99
CA VAL C 361 14.71 -2.25 -36.64
C VAL C 361 13.19 -2.43 -36.57
N VAL C 362 12.77 -3.46 -35.83
CA VAL C 362 11.35 -3.75 -35.64
C VAL C 362 11.11 -4.11 -34.17
N VAL C 363 9.91 -3.83 -33.66
CA VAL C 363 9.58 -4.13 -32.27
C VAL C 363 8.94 -5.51 -32.14
N PRO C 364 9.44 -6.33 -31.19
CA PRO C 364 8.92 -7.69 -30.96
C PRO C 364 7.40 -7.79 -30.79
N GLY C 365 6.80 -6.95 -29.95
CA GLY C 365 5.36 -7.06 -29.79
C GLY C 365 4.95 -8.04 -28.71
N LYS C 366 5.75 -9.09 -28.52
CA LYS C 366 5.48 -10.09 -27.49
C LYS C 366 5.23 -9.43 -26.13
N PRO C 367 6.06 -8.45 -25.74
CA PRO C 367 5.86 -7.79 -24.46
C PRO C 367 4.60 -6.94 -24.40
N PHE C 368 3.87 -6.86 -25.51
CA PHE C 368 2.64 -6.08 -25.54
C PHE C 368 1.45 -6.92 -25.08
N TYR C 369 1.67 -8.22 -24.94
CA TYR C 369 0.62 -9.15 -24.53
C TYR C 369 0.50 -9.32 -23.02
N THR C 370 -0.72 -9.57 -22.56
CA THR C 370 -1.03 -9.72 -21.13
C THR C 370 -0.90 -11.16 -20.63
N ASP C 371 -0.54 -12.07 -21.52
CA ASP C 371 -0.37 -13.47 -21.13
C ASP C 371 0.72 -14.13 -21.99
N GLU C 372 0.62 -15.44 -22.18
CA GLU C 372 1.66 -16.14 -22.94
C GLU C 372 1.57 -16.00 -24.47
N SER C 373 0.49 -15.38 -24.94
CA SER C 373 0.29 -15.19 -26.37
C SER C 373 1.19 -14.09 -26.96
N GLY C 374 1.28 -14.07 -28.28
CA GLY C 374 2.06 -13.05 -28.96
C GLY C 374 3.56 -13.26 -29.11
N LYS C 375 4.02 -14.51 -29.00
CA LYS C 375 5.45 -14.78 -29.14
C LYS C 375 5.91 -14.50 -30.57
N ASN C 376 5.19 -15.08 -31.52
CA ASN C 376 5.49 -14.94 -32.93
C ASN C 376 5.10 -13.59 -33.52
N ALA C 377 4.65 -12.69 -32.66
CA ALA C 377 4.22 -11.35 -33.07
C ALA C 377 5.38 -10.40 -33.29
N ILE C 378 5.16 -9.42 -34.17
CA ILE C 378 6.15 -8.38 -34.50
C ILE C 378 5.38 -7.12 -34.88
N ARG C 379 5.70 -6.00 -34.24
CA ARG C 379 5.03 -4.74 -34.54
C ARG C 379 5.85 -3.97 -35.58
N LEU C 380 5.17 -3.33 -36.52
CA LEU C 380 5.84 -2.56 -37.57
C LEU C 380 5.23 -1.16 -37.64
N ASN C 381 6.08 -0.14 -37.73
CA ASN C 381 5.59 1.22 -37.82
C ASN C 381 5.76 1.76 -39.23
N PHE C 382 4.86 2.62 -39.66
CA PHE C 382 4.96 3.19 -40.99
C PHE C 382 4.83 4.70 -40.97
N SER C 383 4.70 5.27 -39.78
CA SER C 383 4.55 6.70 -39.65
C SER C 383 5.86 7.47 -39.76
N ARG C 384 6.96 6.84 -39.34
CA ARG C 384 8.24 7.54 -39.39
C ARG C 384 9.06 7.29 -40.66
N PRO C 385 9.19 6.02 -41.09
CA PRO C 385 9.95 5.70 -42.29
C PRO C 385 9.54 6.52 -43.50
N SER C 386 10.49 6.76 -44.39
CA SER C 386 10.24 7.53 -45.62
C SER C 386 9.56 6.58 -46.59
N LYS C 387 9.07 7.08 -47.70
CA LYS C 387 8.41 6.21 -48.68
C LYS C 387 9.38 5.17 -49.21
N GLU C 388 10.66 5.53 -49.31
CA GLU C 388 11.66 4.59 -49.83
C GLU C 388 12.09 3.56 -48.79
N GLU C 389 12.26 4.00 -47.55
CA GLU C 389 12.69 3.10 -46.49
C GLU C 389 11.79 1.88 -46.33
N ILE C 390 10.49 2.13 -46.25
CA ILE C 390 9.49 1.07 -46.07
C ILE C 390 9.63 -0.17 -46.96
N PRO C 391 9.67 0.02 -48.30
CA PRO C 391 9.79 -1.12 -49.22
C PRO C 391 11.05 -1.97 -48.97
N ILE C 392 12.18 -1.30 -48.81
CA ILE C 392 13.44 -1.98 -48.53
C ILE C 392 13.31 -2.58 -47.14
N GLY C 393 12.73 -1.79 -46.24
CA GLY C 393 12.54 -2.23 -44.88
C GLY C 393 11.85 -3.57 -44.76
N ILE C 394 10.65 -3.69 -45.32
CA ILE C 394 9.91 -4.94 -45.23
C ILE C 394 10.45 -5.98 -46.22
N LYS C 395 11.16 -5.53 -47.25
CA LYS C 395 11.73 -6.46 -48.21
C LYS C 395 12.87 -7.20 -47.50
N LYS C 396 13.64 -6.47 -46.70
CA LYS C 396 14.74 -7.08 -45.94
C LYS C 396 14.14 -8.02 -44.90
N LEU C 397 12.97 -7.64 -44.38
CA LEU C 397 12.26 -8.44 -43.39
C LEU C 397 11.78 -9.72 -44.08
N ALA C 398 11.35 -9.57 -45.33
CA ALA C 398 10.89 -10.70 -46.13
C ALA C 398 12.09 -11.56 -46.50
N LYS C 399 13.27 -10.95 -46.58
CA LYS C 399 14.49 -11.67 -46.92
C LYS C 399 14.81 -12.69 -45.82
N LEU C 400 14.79 -12.23 -44.58
CA LEU C 400 15.09 -13.11 -43.45
C LEU C 400 13.92 -14.06 -43.18
N TYR C 401 12.74 -13.69 -43.66
CA TYR C 401 11.54 -14.51 -43.46
C TYR C 401 11.70 -15.89 -44.08
N LYS C 402 11.66 -15.95 -45.41
CA LYS C 402 11.80 -17.22 -46.12
C LYS C 402 13.17 -17.84 -45.81
N GLU C 403 14.10 -17.00 -45.43
CA GLU C 403 15.45 -17.42 -45.10
C GLU C 403 15.42 -18.25 -43.80
N LYS C 404 14.23 -18.45 -43.26
CA LYS C 404 14.04 -19.20 -42.03
C LYS C 404 12.84 -20.16 -42.04
N PHE C 405 11.88 -19.92 -42.93
CA PHE C 405 10.70 -20.78 -42.98
C PHE C 405 10.41 -21.32 -44.38
N MET D 1 -24.45 10.57 -10.68
CA MET D 1 -23.56 9.42 -10.32
C MET D 1 -22.50 9.83 -9.31
N ASP D 2 -22.28 8.96 -8.32
CA ASP D 2 -21.29 9.22 -7.28
C ASP D 2 -19.94 8.60 -7.66
N TYR D 3 -19.00 9.41 -8.14
CA TYR D 3 -17.70 8.89 -8.54
C TYR D 3 -16.82 8.53 -7.35
N THR D 4 -17.17 9.09 -6.20
CA THR D 4 -16.49 8.85 -4.94
C THR D 4 -16.21 7.36 -4.70
N LYS D 5 -17.14 6.52 -5.13
CA LYS D 5 -17.03 5.06 -4.96
C LYS D 5 -15.96 4.40 -5.82
N TYR D 6 -15.60 5.05 -6.92
CA TYR D 6 -14.62 4.51 -7.83
C TYR D 6 -13.21 4.95 -7.50
N LEU D 7 -13.09 5.92 -6.60
CA LEU D 7 -11.79 6.41 -6.18
C LEU D 7 -11.00 5.33 -5.48
N ALA D 8 -9.68 5.46 -5.53
CA ALA D 8 -8.80 4.52 -4.85
C ALA D 8 -8.64 5.09 -3.45
N GLY D 9 -8.61 4.23 -2.43
CA GLY D 9 -8.44 4.74 -1.10
C GLY D 9 -7.27 5.68 -0.96
N ARG D 10 -6.20 5.47 -1.71
CA ARG D 10 -5.04 6.35 -1.60
C ARG D 10 -5.38 7.74 -2.10
N ALA D 11 -6.45 7.85 -2.86
CA ALA D 11 -6.88 9.14 -3.36
C ALA D 11 -7.30 10.01 -2.17
N ASN D 12 -7.65 9.39 -1.04
CA ASN D 12 -8.01 10.19 0.13
C ASN D 12 -6.79 10.92 0.69
N TRP D 13 -5.58 10.52 0.28
CA TRP D 13 -4.34 11.17 0.76
C TRP D 13 -4.09 12.45 -0.02
N ILE D 14 -4.93 12.68 -1.03
CA ILE D 14 -4.86 13.87 -1.89
C ILE D 14 -5.73 14.93 -1.22
N LYS D 15 -5.18 16.09 -0.94
CA LYS D 15 -5.97 17.12 -0.30
C LYS D 15 -5.67 18.48 -0.89
N GLY D 16 -6.52 19.43 -0.53
CA GLY D 16 -6.35 20.78 -1.03
C GLY D 16 -5.10 21.44 -0.48
N SER D 17 -4.83 22.63 -1.01
CA SER D 17 -3.67 23.40 -0.60
C SER D 17 -4.13 24.63 0.19
N ALA D 18 -3.44 25.75 -0.04
CA ALA D 18 -3.72 27.03 0.58
C ALA D 18 -3.24 28.00 -0.50
N LEU D 19 -2.13 27.61 -1.13
CA LEU D 19 -1.55 28.37 -2.22
C LEU D 19 -2.46 28.05 -3.42
N ALA D 20 -3.68 27.63 -3.09
CA ALA D 20 -4.71 27.31 -4.06
C ALA D 20 -6.01 27.99 -3.64
N ASP D 21 -6.29 27.94 -2.34
CA ASP D 21 -7.50 28.55 -1.79
C ASP D 21 -7.43 30.08 -1.87
N VAL D 22 -6.24 30.63 -1.67
CA VAL D 22 -6.04 32.07 -1.73
C VAL D 22 -5.98 32.51 -3.18
N MET D 23 -5.40 31.67 -4.03
CA MET D 23 -5.28 31.97 -5.46
C MET D 23 -6.61 31.85 -6.19
N LYS D 24 -7.62 31.29 -5.51
CA LYS D 24 -8.95 31.13 -6.09
C LYS D 24 -9.81 32.32 -5.69
N LYS D 25 -9.49 32.90 -4.54
CA LYS D 25 -10.23 34.06 -4.04
C LYS D 25 -9.69 35.30 -4.73
N ALA D 26 -8.49 35.18 -5.28
CA ALA D 26 -7.85 36.29 -5.99
C ALA D 26 -8.32 36.29 -7.44
N SER D 27 -8.54 35.10 -7.99
CA SER D 27 -9.01 34.97 -9.36
C SER D 27 -10.50 35.28 -9.39
N GLU D 28 -11.15 35.15 -8.24
CA GLU D 28 -12.58 35.44 -8.10
C GLU D 28 -12.79 36.94 -8.04
N LEU D 29 -11.75 37.65 -7.62
CA LEU D 29 -11.79 39.11 -7.52
C LEU D 29 -11.28 39.71 -8.83
N GLN D 30 -10.49 38.92 -9.57
CA GLN D 30 -9.94 39.35 -10.85
C GLN D 30 -10.90 39.03 -11.98
N LYS D 31 -11.73 38.01 -11.78
CA LYS D 31 -12.71 37.64 -12.79
C LYS D 31 -13.61 38.84 -12.95
N LYS D 32 -14.21 39.25 -11.82
CA LYS D 32 -15.06 40.42 -11.82
C LYS D 32 -14.08 41.59 -11.71
N GLY D 33 -13.16 41.62 -12.65
CA GLY D 33 -12.12 42.62 -12.75
C GLY D 33 -11.91 43.72 -11.72
N VAL D 34 -11.08 43.47 -10.73
CA VAL D 34 -10.77 44.46 -9.70
C VAL D 34 -9.24 44.50 -9.57
N LYS D 35 -8.66 45.69 -9.62
CA LYS D 35 -7.20 45.84 -9.53
C LYS D 35 -6.62 45.25 -8.24
N LEU D 36 -5.42 44.68 -8.35
CA LEU D 36 -4.77 44.08 -7.17
C LEU D 36 -3.28 43.84 -7.40
N ILE D 37 -2.48 44.13 -6.37
CA ILE D 37 -1.04 43.91 -6.42
C ILE D 37 -0.76 42.54 -5.82
N SER D 38 0.07 41.75 -6.49
CA SER D 38 0.41 40.41 -6.02
C SER D 38 1.81 40.22 -5.46
N LEU D 39 1.87 39.68 -4.25
CA LEU D 39 3.12 39.37 -3.56
C LEU D 39 3.10 37.88 -3.19
N ALA D 40 2.10 37.17 -3.73
CA ALA D 40 1.91 35.75 -3.48
C ALA D 40 2.66 34.86 -4.46
N ALA D 41 2.49 35.14 -5.76
CA ALA D 41 3.13 34.39 -6.84
C ALA D 41 4.54 33.86 -6.54
N GLY D 42 4.96 32.84 -7.28
CA GLY D 42 6.28 32.27 -7.10
C GLY D 42 6.99 32.19 -8.44
N ASP D 43 6.64 33.09 -9.34
CA ASP D 43 7.23 33.13 -10.67
C ASP D 43 8.39 34.09 -10.81
N PRO D 44 9.30 33.82 -11.75
CA PRO D 44 10.44 34.71 -11.96
C PRO D 44 9.89 35.83 -12.84
N ASP D 45 10.53 36.99 -12.88
CA ASP D 45 10.04 38.10 -13.71
C ASP D 45 10.19 37.76 -15.20
N PRO D 46 9.06 37.56 -15.89
CA PRO D 46 9.15 37.22 -17.32
C PRO D 46 9.88 38.29 -18.15
N GLU D 47 9.98 39.51 -17.62
CA GLU D 47 10.67 40.59 -18.32
C GLU D 47 12.18 40.58 -18.09
N LEU D 48 12.60 39.90 -17.03
CA LEU D 48 14.03 39.81 -16.71
C LEU D 48 14.58 38.62 -17.47
N ILE D 49 13.69 37.94 -18.19
CA ILE D 49 14.05 36.78 -19.00
C ILE D 49 14.15 37.26 -20.45
N PRO D 50 15.19 36.82 -21.16
CA PRO D 50 15.40 37.20 -22.57
C PRO D 50 14.42 36.47 -23.49
N ARG D 51 13.12 36.73 -23.35
CA ARG D 51 12.14 36.04 -24.17
C ARG D 51 12.50 36.07 -25.65
N ALA D 52 12.64 37.29 -26.18
CA ALA D 52 13.00 37.48 -27.57
C ALA D 52 14.08 36.47 -27.99
N VAL D 53 15.18 36.45 -27.25
CA VAL D 53 16.28 35.54 -27.55
C VAL D 53 15.81 34.08 -27.61
N LEU D 54 15.17 33.63 -26.53
CA LEU D 54 14.67 32.26 -26.49
C LEU D 54 13.83 31.96 -27.72
N GLY D 55 12.93 32.89 -28.07
CA GLY D 55 12.11 32.71 -29.24
C GLY D 55 12.93 32.41 -30.50
N GLU D 56 14.00 33.16 -30.71
CA GLU D 56 14.84 32.95 -31.90
C GLU D 56 15.42 31.55 -31.90
N ILE D 57 15.90 31.10 -30.74
CA ILE D 57 16.50 29.78 -30.64
C ILE D 57 15.42 28.71 -30.76
N ALA D 58 14.20 29.06 -30.36
CA ALA D 58 13.07 28.15 -30.44
C ALA D 58 12.81 27.96 -31.94
N LYS D 59 12.81 29.08 -32.66
CA LYS D 59 12.59 29.08 -34.09
C LYS D 59 13.71 28.29 -34.77
N GLU D 60 14.95 28.53 -34.34
CA GLU D 60 16.10 27.82 -34.92
C GLU D 60 15.94 26.32 -34.73
N VAL D 61 15.82 25.92 -33.47
CA VAL D 61 15.67 24.52 -33.11
C VAL D 61 14.59 23.77 -33.90
N LEU D 62 13.37 24.30 -33.89
CA LEU D 62 12.27 23.65 -34.61
C LEU D 62 12.51 23.59 -36.11
N GLU D 63 13.04 24.68 -36.67
CA GLU D 63 13.33 24.78 -38.10
C GLU D 63 14.38 23.76 -38.57
N LYS D 64 15.52 23.70 -37.89
CA LYS D 64 16.60 22.82 -38.33
C LYS D 64 16.76 21.46 -37.67
N GLU D 65 16.10 21.23 -36.54
CA GLU D 65 16.24 19.96 -35.84
C GLU D 65 14.93 19.18 -35.74
N PRO D 66 14.81 18.10 -36.53
CA PRO D 66 13.61 17.26 -36.52
C PRO D 66 13.35 16.60 -35.16
N LYS D 67 14.40 16.38 -34.40
CA LYS D 67 14.27 15.75 -33.09
C LYS D 67 13.63 16.66 -32.04
N SER D 68 13.50 17.94 -32.37
CA SER D 68 12.90 18.92 -31.46
C SER D 68 11.38 18.83 -31.46
N VAL D 69 10.86 17.84 -32.16
CA VAL D 69 9.42 17.64 -32.26
C VAL D 69 9.04 16.21 -31.90
N MET D 70 10.06 15.38 -31.67
CA MET D 70 9.87 13.96 -31.35
C MET D 70 10.28 13.59 -29.91
N TYR D 71 10.08 12.32 -29.56
CA TYR D 71 10.44 11.82 -28.23
C TYR D 71 11.94 11.83 -28.02
N THR D 72 12.37 12.31 -26.85
CA THR D 72 13.79 12.30 -26.54
C THR D 72 13.93 11.08 -25.63
N PRO D 73 15.17 10.68 -25.30
CA PRO D 73 15.29 9.52 -24.41
C PRO D 73 14.65 9.87 -23.06
N ALA D 74 14.22 8.85 -22.31
CA ALA D 74 13.57 9.08 -21.02
C ALA D 74 14.41 9.96 -20.10
N ASN D 75 15.73 9.76 -20.09
CA ASN D 75 16.60 10.55 -19.24
C ASN D 75 17.07 11.86 -19.86
N GLY D 76 16.60 12.14 -21.07
CA GLY D 76 16.97 13.38 -21.74
C GLY D 76 18.01 13.21 -22.84
N ILE D 77 18.12 14.22 -23.72
CA ILE D 77 19.09 14.17 -24.82
C ILE D 77 20.51 14.29 -24.27
N PRO D 78 21.40 13.39 -24.70
CA PRO D 78 22.81 13.34 -24.28
C PRO D 78 23.52 14.69 -24.22
N GLU D 79 23.21 15.57 -25.16
CA GLU D 79 23.85 16.89 -25.21
C GLU D 79 23.42 17.80 -24.07
N LEU D 80 22.16 17.67 -23.63
CA LEU D 80 21.66 18.51 -22.54
C LEU D 80 22.29 18.05 -21.22
N ARG D 81 22.35 16.73 -21.05
CA ARG D 81 22.93 16.17 -19.83
C ARG D 81 24.42 16.50 -19.74
N GLU D 82 25.09 16.53 -20.89
CA GLU D 82 26.51 16.84 -20.93
C GLU D 82 26.76 18.31 -20.64
N GLU D 83 25.85 19.17 -21.11
CA GLU D 83 25.96 20.61 -20.88
C GLU D 83 25.64 20.94 -19.43
N LEU D 84 24.61 20.29 -18.89
CA LEU D 84 24.22 20.51 -17.49
C LEU D 84 25.36 20.15 -16.56
N ALA D 85 26.05 19.05 -16.87
CA ALA D 85 27.17 18.60 -16.06
C ALA D 85 28.24 19.69 -16.01
N ALA D 86 28.42 20.38 -17.13
CA ALA D 86 29.40 21.46 -17.24
C ALA D 86 28.88 22.72 -16.56
N PHE D 87 27.62 23.05 -16.80
CA PHE D 87 27.02 24.22 -16.21
C PHE D 87 27.04 24.15 -14.67
N LEU D 88 26.79 22.96 -14.15
CA LEU D 88 26.78 22.74 -12.70
C LEU D 88 28.20 22.80 -12.14
N LYS D 89 29.12 22.14 -12.82
CA LYS D 89 30.52 22.12 -12.39
C LYS D 89 31.12 23.52 -12.32
N LYS D 90 30.63 24.43 -13.15
CA LYS D 90 31.14 25.80 -13.18
C LYS D 90 30.43 26.77 -12.25
N TYR D 91 29.11 26.71 -12.20
CA TYR D 91 28.36 27.64 -11.36
C TYR D 91 27.77 27.09 -10.07
N ASP D 92 27.90 25.80 -9.82
CA ASP D 92 27.37 25.22 -8.59
C ASP D 92 28.39 24.32 -7.88
N HIS D 93 29.67 24.48 -8.25
CA HIS D 93 30.76 23.72 -7.63
C HIS D 93 30.51 22.21 -7.58
N LEU D 94 29.75 21.69 -8.53
CA LEU D 94 29.41 20.27 -8.56
C LEU D 94 29.98 19.49 -9.73
N GLU D 95 30.67 18.38 -9.43
CA GLU D 95 31.25 17.53 -10.46
C GLU D 95 30.38 16.28 -10.56
N VAL D 96 29.71 16.09 -11.69
CA VAL D 96 28.85 14.92 -11.87
C VAL D 96 28.89 14.44 -13.32
N SER D 97 28.75 13.14 -13.52
CA SER D 97 28.76 12.56 -14.86
C SER D 97 27.39 12.75 -15.51
N PRO D 98 27.37 12.96 -16.84
CA PRO D 98 26.11 13.16 -17.56
C PRO D 98 25.19 11.95 -17.43
N GLU D 99 25.81 10.79 -17.22
CA GLU D 99 25.07 9.53 -17.10
C GLU D 99 24.30 9.42 -15.79
N ASN D 100 24.60 10.31 -14.86
CA ASN D 100 23.95 10.31 -13.56
C ASN D 100 22.90 11.41 -13.43
N ILE D 101 22.61 12.09 -14.53
CA ILE D 101 21.61 13.15 -14.49
C ILE D 101 20.41 12.74 -15.36
N VAL D 102 19.21 13.07 -14.89
CA VAL D 102 17.97 12.72 -15.59
C VAL D 102 17.08 13.95 -15.71
N ILE D 103 16.77 14.35 -16.95
CA ILE D 103 15.93 15.52 -17.19
C ILE D 103 14.48 15.21 -16.90
N THR D 104 13.89 15.96 -15.96
CA THR D 104 12.51 15.75 -15.56
C THR D 104 11.63 16.95 -15.83
N ILE D 105 10.34 16.79 -15.54
CA ILE D 105 9.38 17.88 -15.71
C ILE D 105 9.62 18.79 -14.52
N GLY D 106 10.69 19.57 -14.59
CA GLY D 106 11.02 20.49 -13.51
C GLY D 106 11.37 19.77 -12.21
N GLY D 107 11.68 20.56 -11.18
CA GLY D 107 12.03 20.02 -9.88
C GLY D 107 10.87 19.23 -9.28
N THR D 108 9.64 19.69 -9.58
CA THR D 108 8.43 19.03 -9.12
C THR D 108 8.44 17.58 -9.59
N GLY D 109 8.50 17.40 -10.92
CA GLY D 109 8.53 16.05 -11.46
C GLY D 109 9.66 15.25 -10.86
N ALA D 110 10.80 15.90 -10.68
CA ALA D 110 11.95 15.23 -10.10
C ALA D 110 11.61 14.71 -8.70
N LEU D 111 11.04 15.58 -7.85
CA LEU D 111 10.66 15.19 -6.49
C LEU D 111 9.66 14.04 -6.48
N ASP D 112 8.70 14.06 -7.42
CA ASP D 112 7.67 13.00 -7.53
C ASP D 112 8.29 11.67 -7.96
N LEU D 113 9.14 11.70 -8.99
CA LEU D 113 9.81 10.47 -9.44
C LEU D 113 10.59 9.87 -8.27
N LEU D 114 11.24 10.74 -7.50
CA LEU D 114 12.04 10.29 -6.35
C LEU D 114 11.12 9.73 -5.26
N GLY D 115 10.01 10.41 -4.97
CA GLY D 115 9.08 9.91 -3.96
C GLY D 115 8.57 8.54 -4.35
N ARG D 116 8.15 8.38 -5.59
CA ARG D 116 7.64 7.09 -6.03
C ARG D 116 8.62 5.92 -5.87
N VAL D 117 9.92 6.19 -5.99
CA VAL D 117 10.91 5.11 -5.87
C VAL D 117 11.49 4.89 -4.47
N LEU D 118 11.36 5.89 -3.61
CA LEU D 118 11.93 5.83 -2.28
C LEU D 118 10.92 5.80 -1.15
N ILE D 119 9.65 6.00 -1.47
CA ILE D 119 8.64 6.01 -0.40
C ILE D 119 7.65 4.85 -0.39
N ASP D 120 7.49 4.20 0.75
CA ASP D 120 6.49 3.15 0.91
C ASP D 120 5.42 3.81 1.82
N PRO D 121 4.13 3.53 1.58
CA PRO D 121 3.17 4.19 2.49
C PRO D 121 3.51 4.00 3.98
N GLY D 122 3.46 5.11 4.73
CA GLY D 122 3.76 5.09 6.15
C GLY D 122 5.16 5.58 6.50
N ASP D 123 6.08 5.60 5.52
CA ASP D 123 7.42 6.06 5.78
C ASP D 123 7.42 7.49 6.29
N VAL D 124 8.28 7.77 7.26
CA VAL D 124 8.40 9.12 7.75
C VAL D 124 9.52 9.74 6.94
N VAL D 125 9.32 10.97 6.49
CA VAL D 125 10.36 11.68 5.78
C VAL D 125 10.54 12.96 6.57
N ILE D 126 11.78 13.28 6.87
CA ILE D 126 12.10 14.46 7.64
C ILE D 126 12.34 15.66 6.73
N THR D 127 11.73 16.80 7.08
CA THR D 127 11.88 18.03 6.32
C THR D 127 12.12 19.20 7.26
N GLU D 128 12.43 20.36 6.69
CA GLU D 128 12.60 21.55 7.48
C GLU D 128 11.16 21.92 7.85
N ASN D 129 10.99 22.75 8.87
CA ASN D 129 9.66 23.23 9.30
C ASN D 129 9.89 24.73 9.45
N PRO D 130 9.24 25.54 8.61
CA PRO D 130 8.35 25.08 7.55
C PRO D 130 9.13 24.60 6.34
N SER D 131 8.43 24.20 5.29
CA SER D 131 9.07 23.76 4.07
C SER D 131 8.16 24.08 2.90
N TYR D 132 8.60 23.71 1.70
CA TYR D 132 7.83 23.96 0.46
C TYR D 132 6.56 23.10 0.43
N ILE D 133 5.39 23.73 0.57
CA ILE D 133 4.12 23.00 0.56
C ILE D 133 3.94 21.90 -0.50
N ASN D 134 4.32 22.17 -1.74
CA ASN D 134 4.13 21.20 -2.81
C ASN D 134 4.87 19.88 -2.65
N THR D 135 6.01 19.94 -1.99
CA THR D 135 6.77 18.74 -1.75
C THR D 135 6.11 18.03 -0.58
N LEU D 136 5.68 18.79 0.42
CA LEU D 136 5.02 18.18 1.56
C LEU D 136 3.78 17.46 1.03
N LEU D 137 3.03 18.16 0.18
CA LEU D 137 1.81 17.62 -0.43
C LEU D 137 2.17 16.41 -1.31
N ALA D 138 3.19 16.57 -2.16
CA ALA D 138 3.59 15.47 -3.06
C ALA D 138 3.95 14.21 -2.30
N PHE D 139 4.74 14.35 -1.24
CA PHE D 139 5.14 13.19 -0.44
C PHE D 139 3.97 12.62 0.36
N GLU D 140 3.10 13.47 0.90
CA GLU D 140 1.99 12.92 1.65
C GLU D 140 0.99 12.16 0.77
N GLN D 141 0.74 12.61 -0.46
CA GLN D 141 -0.19 11.85 -1.27
C GLN D 141 0.42 10.51 -1.73
N LEU D 142 1.70 10.30 -1.44
CA LEU D 142 2.37 9.04 -1.74
C LEU D 142 2.28 8.21 -0.46
N GLY D 143 1.73 8.82 0.59
CA GLY D 143 1.54 8.12 1.85
C GLY D 143 2.58 8.32 2.94
N ALA D 144 3.48 9.27 2.74
CA ALA D 144 4.50 9.54 3.71
C ALA D 144 3.96 10.39 4.86
N LYS D 145 4.60 10.24 6.02
CA LYS D 145 4.26 11.00 7.20
C LYS D 145 5.37 12.03 7.31
N ILE D 146 5.00 13.32 7.43
CA ILE D 146 6.01 14.38 7.52
C ILE D 146 6.38 14.73 8.95
N GLU D 147 7.69 14.81 9.22
CA GLU D 147 8.19 15.20 10.53
C GLU D 147 9.10 16.40 10.30
N GLY D 148 8.72 17.55 10.83
CA GLY D 148 9.51 18.74 10.62
C GLY D 148 10.55 19.09 11.67
N VAL D 149 11.60 19.77 11.23
CA VAL D 149 12.69 20.20 12.09
C VAL D 149 12.83 21.72 11.95
N PRO D 150 12.72 22.45 13.06
CA PRO D 150 12.82 23.92 13.05
C PRO D 150 14.00 24.51 12.27
N VAL D 151 13.79 25.72 11.76
CA VAL D 151 14.83 26.42 11.03
C VAL D 151 14.96 27.83 11.63
N ASP D 152 16.13 28.44 11.45
CA ASP D 152 16.33 29.80 11.90
C ASP D 152 17.02 30.55 10.76
N ASN D 153 17.72 31.64 11.07
CA ASN D 153 18.38 32.41 10.03
C ASN D 153 19.53 31.66 9.38
N ASP D 154 19.93 30.54 9.96
CA ASP D 154 20.99 29.75 9.37
C ASP D 154 20.48 28.43 8.81
N GLY D 155 19.17 28.39 8.53
CA GLY D 155 18.57 27.19 7.99
C GLY D 155 18.15 26.17 9.03
N MET D 156 18.11 24.90 8.62
CA MET D 156 17.71 23.80 9.50
C MET D 156 18.57 23.69 10.77
N ARG D 157 17.90 23.62 11.92
CA ARG D 157 18.61 23.44 13.17
C ARG D 157 19.07 21.98 13.17
N VAL D 158 20.23 21.75 12.58
CA VAL D 158 20.80 20.40 12.47
C VAL D 158 20.81 19.63 13.78
N ASP D 159 21.21 20.29 14.86
CA ASP D 159 21.22 19.63 16.16
C ASP D 159 19.83 19.08 16.51
N LEU D 160 18.78 19.86 16.25
CA LEU D 160 17.42 19.41 16.55
C LEU D 160 17.04 18.30 15.55
N LEU D 161 17.73 18.27 14.41
CA LEU D 161 17.46 17.24 13.42
C LEU D 161 17.83 15.90 14.05
N GLU D 162 19.01 15.81 14.65
CA GLU D 162 19.40 14.57 15.28
C GLU D 162 18.47 14.26 16.45
N GLU D 163 18.01 15.29 17.13
CA GLU D 163 17.10 15.10 18.26
C GLU D 163 15.80 14.43 17.76
N LYS D 164 15.31 14.88 16.62
CA LYS D 164 14.09 14.35 16.02
C LYS D 164 14.29 12.89 15.62
N ILE D 165 15.45 12.60 15.05
CA ILE D 165 15.77 11.26 14.63
C ILE D 165 15.80 10.34 15.83
N LYS D 166 16.34 10.84 16.95
CA LYS D 166 16.44 10.07 18.18
C LYS D 166 15.07 9.87 18.80
N GLU D 167 14.22 10.88 18.69
CA GLU D 167 12.87 10.81 19.25
C GLU D 167 12.09 9.76 18.46
N LEU D 168 12.19 9.87 17.14
CA LEU D 168 11.51 8.97 16.21
C LEU D 168 11.95 7.53 16.45
N LYS D 169 13.26 7.31 16.49
CA LYS D 169 13.78 5.97 16.71
C LYS D 169 13.41 5.43 18.08
N ALA D 170 13.35 6.29 19.09
CA ALA D 170 12.98 5.85 20.42
C ALA D 170 11.57 5.26 20.35
N LYS D 171 10.74 5.81 19.46
CA LYS D 171 9.37 5.33 19.28
C LYS D 171 9.31 4.15 18.32
N GLY D 172 10.46 3.78 17.76
CA GLY D 172 10.50 2.68 16.82
C GLY D 172 10.06 3.07 15.42
N GLN D 173 10.06 4.37 15.14
CA GLN D 173 9.64 4.87 13.83
C GLN D 173 10.71 4.74 12.74
N LYS D 174 10.25 4.35 11.56
CA LYS D 174 11.12 4.18 10.42
C LYS D 174 11.22 5.46 9.61
N VAL D 175 12.46 5.85 9.35
CA VAL D 175 12.74 7.03 8.55
C VAL D 175 13.97 6.71 7.73
N LYS D 176 14.04 7.27 6.53
CA LYS D 176 15.21 7.04 5.68
C LYS D 176 15.64 8.29 4.90
N LEU D 177 14.68 9.20 4.65
CA LEU D 177 14.96 10.41 3.88
C LEU D 177 14.79 11.77 4.55
N ILE D 178 15.66 12.69 4.20
CA ILE D 178 15.61 14.03 4.73
C ILE D 178 15.51 14.95 3.50
N TYR D 179 14.47 15.77 3.45
CA TYR D 179 14.35 16.67 2.31
C TYR D 179 14.70 18.08 2.79
N THR D 180 15.69 18.68 2.15
CA THR D 180 16.14 20.02 2.51
C THR D 180 16.33 20.92 1.29
N ILE D 181 16.07 22.21 1.51
CA ILE D 181 16.19 23.28 0.51
C ILE D 181 17.24 24.19 1.17
N PRO D 182 18.53 23.82 1.06
CA PRO D 182 19.65 24.56 1.64
C PRO D 182 19.78 26.06 1.33
N THR D 183 19.63 26.43 0.07
CA THR D 183 19.78 27.84 -0.33
C THR D 183 18.46 28.55 -0.64
N GLY D 184 18.32 29.76 -0.10
CA GLY D 184 17.13 30.56 -0.34
C GLY D 184 15.87 29.72 -0.30
N GLN D 185 15.62 29.11 0.86
CA GLN D 185 14.47 28.25 1.05
C GLN D 185 13.14 28.91 0.80
N ASN D 186 12.18 28.10 0.35
CA ASN D 186 10.82 28.54 0.13
C ASN D 186 10.08 27.77 1.23
N PRO D 187 9.30 28.46 2.09
CA PRO D 187 8.95 29.88 2.20
C PRO D 187 9.80 30.82 3.07
N MET D 188 10.63 30.29 3.96
CA MET D 188 11.44 31.12 4.85
C MET D 188 12.47 32.06 4.22
N GLY D 189 13.08 31.64 3.12
CA GLY D 189 14.05 32.50 2.48
C GLY D 189 15.45 32.44 3.05
N VAL D 190 15.61 31.68 4.14
CA VAL D 190 16.93 31.56 4.78
C VAL D 190 17.75 30.49 4.07
N THR D 191 19.07 30.49 4.29
CA THR D 191 19.92 29.49 3.66
C THR D 191 20.85 28.84 4.70
N MET D 192 20.92 27.51 4.65
CA MET D 192 21.74 26.75 5.57
C MET D 192 23.21 27.19 5.48
N SER D 193 23.89 27.26 6.63
CA SER D 193 25.29 27.67 6.66
C SER D 193 26.20 26.48 6.31
N MET D 194 27.43 26.73 5.90
CA MET D 194 28.34 25.65 5.52
C MET D 194 28.64 24.78 6.72
N GLU D 195 28.60 25.41 7.88
CA GLU D 195 28.86 24.74 9.13
C GLU D 195 27.77 23.67 9.32
N ARG D 196 26.50 24.08 9.23
CA ARG D 196 25.39 23.13 9.40
C ARG D 196 25.30 22.10 8.28
N ARG D 197 25.72 22.48 7.08
CA ARG D 197 25.70 21.58 5.93
C ARG D 197 26.70 20.44 6.14
N LYS D 198 27.79 20.70 6.86
CA LYS D 198 28.76 19.65 7.12
C LYS D 198 28.27 18.70 8.20
N ALA D 199 27.55 19.24 9.18
CA ALA D 199 27.02 18.44 10.27
C ALA D 199 25.89 17.54 9.74
N LEU D 200 25.05 18.11 8.87
CA LEU D 200 23.94 17.36 8.27
C LEU D 200 24.42 16.10 7.57
N LEU D 201 25.47 16.23 6.78
CA LEU D 201 26.04 15.08 6.07
C LEU D 201 26.51 14.04 7.07
N GLU D 202 27.03 14.49 8.20
CA GLU D 202 27.50 13.56 9.21
C GLU D 202 26.35 12.85 9.91
N ILE D 203 25.24 13.55 10.09
CA ILE D 203 24.09 12.97 10.74
C ILE D 203 23.46 11.93 9.82
N ALA D 204 23.44 12.25 8.52
CA ALA D 204 22.88 11.34 7.53
C ALA D 204 23.73 10.06 7.45
N SER D 205 25.04 10.21 7.63
CA SER D 205 25.95 9.07 7.59
C SER D 205 25.84 8.22 8.87
N LYS D 206 25.72 8.90 10.01
CA LYS D 206 25.63 8.21 11.30
C LYS D 206 24.36 7.36 11.43
N TYR D 207 23.28 7.80 10.82
CA TYR D 207 22.02 7.05 10.90
C TYR D 207 21.68 6.40 9.56
N ASP D 208 22.67 6.38 8.68
CA ASP D 208 22.54 5.79 7.36
C ASP D 208 21.27 6.24 6.67
N LEU D 209 21.18 7.56 6.47
CA LEU D 209 20.04 8.18 5.83
C LEU D 209 20.46 8.79 4.49
N LEU D 210 19.47 9.07 3.64
CA LEU D 210 19.72 9.69 2.35
C LEU D 210 19.16 11.09 2.44
N ILE D 211 19.80 12.04 1.77
CA ILE D 211 19.34 13.42 1.76
C ILE D 211 18.92 13.82 0.36
N ILE D 212 17.79 14.51 0.26
CA ILE D 212 17.30 14.99 -1.01
C ILE D 212 17.49 16.50 -0.95
N GLU D 213 18.41 16.99 -1.78
CA GLU D 213 18.76 18.40 -1.82
C GLU D 213 18.10 19.13 -2.99
N ASP D 214 17.24 20.10 -2.65
CA ASP D 214 16.50 20.93 -3.58
C ASP D 214 17.30 22.18 -3.90
N THR D 215 17.88 22.19 -5.08
CA THR D 215 18.72 23.29 -5.54
C THR D 215 17.95 24.32 -6.36
N ALA D 216 16.63 24.34 -6.23
CA ALA D 216 15.83 25.28 -7.00
C ALA D 216 16.33 26.72 -7.00
N TYR D 217 16.81 27.19 -5.86
CA TYR D 217 17.25 28.58 -5.78
C TYR D 217 18.75 28.85 -5.65
N ASN D 218 19.56 27.87 -6.05
CA ASN D 218 21.01 28.03 -5.97
C ASN D 218 21.56 29.12 -6.88
N PHE D 219 20.81 29.46 -7.92
CA PHE D 219 21.27 30.48 -8.85
C PHE D 219 20.57 31.81 -8.67
N MET D 220 19.98 31.99 -7.49
CA MET D 220 19.29 33.22 -7.16
C MET D 220 19.86 33.80 -5.86
N ARG D 221 21.33 33.64 -5.70
CA ARG D 221 22.04 34.17 -4.54
C ARG D 221 22.54 35.60 -4.77
N TYR D 222 22.24 36.48 -3.82
CA TYR D 222 22.64 37.87 -3.93
C TYR D 222 23.88 38.17 -3.08
N GLU D 223 23.66 38.94 -2.02
CA GLU D 223 24.73 39.32 -1.10
C GLU D 223 25.25 38.13 -0.30
N GLY D 224 25.74 37.11 -1.00
CA GLY D 224 26.25 35.93 -0.32
C GLY D 224 27.72 35.68 -0.58
N GLY D 225 28.35 34.94 0.34
CA GLY D 225 29.76 34.64 0.21
C GLY D 225 30.00 33.53 -0.80
N ASP D 226 30.61 32.16 -0.30
CA ASP D 226 30.82 31.04 -1.19
C ASP D 226 30.22 29.78 -0.57
N ILE D 227 28.98 29.49 -0.93
CA ILE D 227 28.31 28.30 -0.41
C ILE D 227 28.27 27.22 -1.47
N VAL D 228 28.48 25.97 -1.08
CA VAL D 228 28.42 24.88 -2.03
C VAL D 228 27.33 23.91 -1.61
N PRO D 229 26.69 23.25 -2.59
CA PRO D 229 25.63 22.29 -2.26
C PRO D 229 26.16 21.09 -1.50
N LEU D 230 25.26 20.44 -0.78
CA LEU D 230 25.62 19.25 -0.02
C LEU D 230 26.18 18.20 -0.94
N LYS D 231 25.65 18.14 -2.16
CA LYS D 231 26.12 17.14 -3.11
C LYS D 231 27.60 17.30 -3.44
N ALA D 232 28.12 18.52 -3.32
CA ALA D 232 29.53 18.78 -3.60
C ALA D 232 30.41 18.19 -2.49
N LEU D 233 29.87 18.10 -1.27
CA LEU D 233 30.61 17.54 -0.14
C LEU D 233 30.23 16.07 0.09
N ASP D 234 29.25 15.59 -0.65
CA ASP D 234 28.76 14.22 -0.53
C ASP D 234 29.79 13.16 -0.92
N ASN D 235 30.69 12.84 0.02
CA ASN D 235 31.73 11.84 -0.23
C ASN D 235 31.22 10.38 -0.18
N GLU D 236 30.11 10.15 0.52
CA GLU D 236 29.55 8.78 0.62
C GLU D 236 28.50 8.51 -0.45
N GLY D 237 28.01 9.56 -1.08
CA GLY D 237 26.99 9.38 -2.11
C GLY D 237 25.63 9.19 -1.49
N ARG D 238 25.36 9.93 -0.41
CA ARG D 238 24.09 9.86 0.32
C ARG D 238 23.11 10.92 -0.12
N VAL D 239 23.53 11.88 -0.92
CA VAL D 239 22.58 12.89 -1.32
C VAL D 239 22.16 12.78 -2.77
N ILE D 240 20.90 13.15 -2.98
CA ILE D 240 20.27 13.13 -4.28
C ILE D 240 19.81 14.54 -4.47
N VAL D 241 20.03 15.09 -5.66
CA VAL D 241 19.57 16.44 -5.88
C VAL D 241 18.39 16.47 -6.83
N ALA D 242 17.55 17.47 -6.61
CA ALA D 242 16.37 17.72 -7.41
C ALA D 242 16.54 19.17 -7.81
N GLY D 243 17.09 19.40 -9.00
CA GLY D 243 17.31 20.76 -9.47
C GLY D 243 16.36 21.20 -10.56
N THR D 244 16.61 22.39 -11.11
CA THR D 244 15.75 22.93 -12.15
C THR D 244 16.29 24.26 -12.71
N LEU D 245 15.87 24.61 -13.92
CA LEU D 245 16.28 25.88 -14.54
C LEU D 245 15.08 26.82 -14.48
N SER D 246 14.03 26.37 -13.80
CA SER D 246 12.79 27.14 -13.69
C SER D 246 13.00 28.62 -13.38
N LYS D 247 13.83 28.90 -12.38
CA LYS D 247 14.11 30.27 -11.95
C LYS D 247 15.06 31.03 -12.89
N VAL D 248 15.85 30.28 -13.65
CA VAL D 248 16.84 30.84 -14.58
C VAL D 248 16.30 31.01 -16.01
N LEU D 249 15.93 29.88 -16.61
CA LEU D 249 15.43 29.84 -17.99
C LEU D 249 13.98 30.22 -18.15
N GLY D 250 13.16 29.87 -17.18
CA GLY D 250 11.74 30.16 -17.29
C GLY D 250 11.02 29.02 -16.60
N THR D 251 10.01 29.38 -15.85
CA THR D 251 9.28 28.42 -15.06
C THR D 251 8.24 27.60 -15.82
N GLY D 252 7.94 28.00 -17.05
CA GLY D 252 6.98 27.27 -17.83
C GLY D 252 7.61 26.22 -18.72
N PHE D 253 8.92 26.25 -18.90
CA PHE D 253 9.56 25.26 -19.78
C PHE D 253 9.53 23.84 -19.24
N ARG D 254 9.37 23.70 -17.92
CA ARG D 254 9.33 22.39 -17.29
C ARG D 254 10.65 21.66 -17.46
N ILE D 255 11.77 22.32 -17.14
CA ILE D 255 13.08 21.66 -17.25
C ILE D 255 13.77 21.57 -15.89
N GLY D 256 13.82 20.35 -15.37
CA GLY D 256 14.45 20.10 -14.09
C GLY D 256 15.25 18.83 -14.21
N TRP D 257 15.85 18.37 -13.13
CA TRP D 257 16.62 17.16 -13.19
C TRP D 257 16.83 16.50 -11.83
N ILE D 258 17.25 15.26 -11.91
CA ILE D 258 17.54 14.45 -10.74
C ILE D 258 18.99 14.01 -10.90
N ILE D 259 19.74 14.01 -9.80
CA ILE D 259 21.12 13.54 -9.85
C ILE D 259 21.17 12.46 -8.79
N ALA D 260 21.12 11.21 -9.23
CA ALA D 260 21.17 10.08 -8.33
C ALA D 260 22.22 9.11 -8.85
N GLU D 261 22.35 7.95 -8.19
CA GLU D 261 23.33 6.94 -8.55
C GLU D 261 22.90 5.49 -8.29
N GLY D 262 23.68 4.56 -8.81
CA GLY D 262 23.41 3.15 -8.63
C GLY D 262 21.99 2.72 -8.97
N GLU D 263 21.47 1.82 -8.15
CA GLU D 263 20.15 1.25 -8.34
C GLU D 263 18.99 2.23 -8.20
N ILE D 264 19.23 3.36 -7.54
CA ILE D 264 18.19 4.37 -7.39
C ILE D 264 18.03 5.06 -8.73
N LEU D 265 19.15 5.34 -9.39
CA LEU D 265 19.09 5.99 -10.69
C LEU D 265 18.39 5.04 -11.67
N LYS D 266 18.82 3.79 -11.66
CA LYS D 266 18.30 2.75 -12.54
C LYS D 266 16.77 2.65 -12.47
N LYS D 267 16.26 2.55 -11.25
CA LYS D 267 14.82 2.46 -11.03
C LYS D 267 14.11 3.73 -11.44
N VAL D 268 14.72 4.88 -11.15
CA VAL D 268 14.14 6.18 -11.52
C VAL D 268 13.97 6.28 -13.02
N LEU D 269 14.98 5.82 -13.76
CA LEU D 269 14.95 5.86 -15.22
C LEU D 269 13.94 4.88 -15.74
N MET D 270 14.00 3.67 -15.18
CA MET D 270 13.16 2.57 -15.59
C MET D 270 11.64 2.87 -15.51
N GLN D 271 11.24 3.71 -14.56
CA GLN D 271 9.82 4.05 -14.36
C GLN D 271 9.38 5.32 -15.08
N LYS D 272 10.33 6.10 -15.57
CA LYS D 272 10.02 7.36 -16.21
C LYS D 272 9.25 7.40 -17.53
N GLN D 273 9.56 6.49 -18.47
CA GLN D 273 8.85 6.53 -19.75
C GLN D 273 7.33 6.33 -19.62
N PRO D 274 6.90 5.46 -18.69
CA PRO D 274 5.46 5.22 -18.50
C PRO D 274 4.76 6.33 -17.68
N ILE D 275 5.53 7.27 -17.13
CA ILE D 275 5.00 8.37 -16.33
C ILE D 275 4.91 9.71 -17.09
N ASP D 276 6.03 10.15 -17.68
CA ASP D 276 6.01 11.39 -18.46
C ASP D 276 6.60 11.19 -19.85
N PHE D 277 7.06 9.96 -20.13
CA PHE D 277 7.68 9.61 -21.40
C PHE D 277 9.01 10.33 -21.58
N CYS D 278 8.98 11.65 -21.42
CA CYS D 278 10.19 12.45 -21.54
C CYS D 278 9.84 13.91 -21.31
N ALA D 279 10.87 14.70 -21.01
CA ALA D 279 10.72 16.13 -20.80
C ALA D 279 10.50 16.73 -22.19
N PRO D 280 9.86 17.91 -22.28
CA PRO D 280 9.60 18.56 -23.57
C PRO D 280 10.83 18.63 -24.45
N ALA D 281 10.66 18.24 -25.71
CA ALA D 281 11.74 18.25 -26.69
C ALA D 281 12.20 19.68 -26.94
N ILE D 282 11.25 20.59 -27.16
CA ILE D 282 11.62 21.99 -27.39
C ILE D 282 12.47 22.50 -26.25
N SER D 283 11.87 22.50 -25.06
CA SER D 283 12.54 22.98 -23.86
C SER D 283 13.95 22.43 -23.76
N GLN D 284 14.09 21.12 -23.93
CA GLN D 284 15.39 20.50 -23.85
C GLN D 284 16.39 21.14 -24.83
N TYR D 285 15.92 21.46 -26.03
CA TYR D 285 16.77 22.07 -27.05
C TYR D 285 16.97 23.56 -26.81
N ILE D 286 15.92 24.22 -26.32
CA ILE D 286 16.00 25.64 -26.01
C ILE D 286 17.00 25.84 -24.87
N ALA D 287 17.05 24.88 -23.95
CA ALA D 287 17.96 24.97 -22.82
C ALA D 287 19.39 24.63 -23.21
N LEU D 288 19.53 23.71 -24.16
CA LEU D 288 20.83 23.27 -24.64
C LEU D 288 21.58 24.45 -25.27
N GLU D 289 20.94 25.14 -26.20
CA GLU D 289 21.56 26.28 -26.86
C GLU D 289 21.81 27.41 -25.87
N TYR D 290 20.80 27.69 -25.05
CA TYR D 290 20.91 28.74 -24.05
C TYR D 290 22.20 28.59 -23.24
N LEU D 291 22.49 27.36 -22.85
CA LEU D 291 23.68 27.09 -22.05
C LEU D 291 24.96 27.07 -22.87
N LYS D 292 24.89 26.49 -24.07
CA LYS D 292 26.05 26.39 -24.94
C LYS D 292 26.63 27.74 -25.37
N ARG D 293 25.77 28.75 -25.50
CA ARG D 293 26.23 30.07 -25.92
C ARG D 293 26.32 31.08 -24.77
N GLY D 294 26.49 30.56 -23.56
CA GLY D 294 26.64 31.37 -22.36
C GLY D 294 25.64 32.47 -22.07
N TYR D 295 24.35 32.21 -22.24
CA TYR D 295 23.34 33.22 -21.97
C TYR D 295 22.97 33.26 -20.49
N PHE D 296 23.42 32.27 -19.74
CA PHE D 296 23.15 32.21 -18.31
C PHE D 296 23.84 33.39 -17.65
N GLU D 297 25.13 33.54 -17.99
CA GLU D 297 25.95 34.62 -17.46
C GLU D 297 25.60 35.95 -18.11
N LYS D 298 25.33 35.92 -19.41
CA LYS D 298 25.00 37.12 -20.16
C LYS D 298 23.67 37.76 -19.72
N TYR D 299 22.61 36.98 -19.62
CA TYR D 299 21.31 37.52 -19.24
C TYR D 299 20.87 37.34 -17.79
N HIS D 300 21.23 36.22 -17.18
CA HIS D 300 20.83 35.95 -15.79
C HIS D 300 21.78 36.50 -14.72
N LEU D 301 23.01 36.00 -14.72
CA LEU D 301 24.00 36.45 -13.75
C LEU D 301 24.17 37.97 -13.68
N GLU D 302 24.25 38.63 -14.83
CA GLU D 302 24.45 40.07 -14.83
C GLU D 302 23.25 40.86 -15.33
N GLY D 303 22.07 40.23 -15.31
CA GLY D 303 20.88 40.91 -15.75
C GLY D 303 19.70 40.67 -14.84
N ALA D 304 19.22 39.43 -14.82
CA ALA D 304 18.09 39.05 -13.99
C ALA D 304 18.45 39.05 -12.51
N LEU D 305 19.56 38.39 -12.19
CA LEU D 305 20.01 38.31 -10.81
C LEU D 305 20.08 39.69 -10.13
N LEU D 306 20.59 40.68 -10.85
CA LEU D 306 20.70 42.04 -10.31
C LEU D 306 19.31 42.67 -10.15
N GLY D 307 18.38 42.31 -11.03
CA GLY D 307 17.04 42.84 -10.92
C GLY D 307 16.36 42.29 -9.68
N TYR D 308 16.59 41.02 -9.39
CA TYR D 308 15.98 40.41 -8.22
C TYR D 308 16.59 40.99 -6.94
N LYS D 309 17.92 41.07 -6.91
CA LYS D 309 18.61 41.62 -5.75
C LYS D 309 18.04 42.99 -5.42
N GLU D 310 17.80 43.78 -6.46
CA GLU D 310 17.25 45.12 -6.31
C GLU D 310 15.85 45.09 -5.71
N LYS D 311 15.00 44.20 -6.20
CA LYS D 311 13.63 44.08 -5.67
C LYS D 311 13.68 43.58 -4.23
N ARG D 312 14.73 42.86 -3.90
CA ARG D 312 14.92 42.32 -2.56
C ARG D 312 15.11 43.50 -1.58
N ASP D 313 16.03 44.39 -1.94
CA ASP D 313 16.32 45.55 -1.09
C ASP D 313 15.15 46.50 -0.92
N ILE D 314 14.40 46.71 -2.00
CA ILE D 314 13.24 47.58 -1.99
C ILE D 314 12.19 47.05 -1.00
N MET D 315 11.88 45.76 -1.07
CA MET D 315 10.90 45.18 -0.16
C MET D 315 11.39 45.25 1.29
N LEU D 316 12.66 44.95 1.51
CA LEU D 316 13.19 45.01 2.86
C LEU D 316 13.20 46.43 3.39
N LYS D 317 13.68 47.38 2.59
CA LYS D 317 13.70 48.76 3.04
C LYS D 317 12.27 49.15 3.38
N ALA D 318 11.35 48.84 2.48
CA ALA D 318 9.93 49.14 2.67
C ALA D 318 9.42 48.56 3.99
N LEU D 319 9.72 47.28 4.22
CA LEU D 319 9.32 46.61 5.46
C LEU D 319 9.97 47.29 6.65
N GLU D 320 11.30 47.41 6.57
CA GLU D 320 12.05 48.03 7.66
C GLU D 320 11.54 49.43 7.96
N ASN D 321 11.10 50.12 6.91
CA ASN D 321 10.61 51.48 7.04
C ASN D 321 9.23 51.56 7.72
N HIS D 322 8.28 50.80 7.21
CA HIS D 322 6.92 50.82 7.74
C HIS D 322 6.63 49.91 8.95
N LEU D 323 7.18 48.70 8.96
CA LEU D 323 6.96 47.78 10.08
C LEU D 323 8.27 47.45 10.78
N PRO D 324 8.87 48.42 11.46
CA PRO D 324 10.14 48.19 12.16
C PRO D 324 9.98 47.35 13.43
N ASN D 325 8.79 47.38 14.03
CA ASN D 325 8.54 46.62 15.25
C ASN D 325 7.99 45.23 15.01
N ALA D 326 7.96 44.81 13.75
CA ALA D 326 7.46 43.49 13.43
C ALA D 326 8.65 42.65 12.97
N GLU D 327 8.47 41.33 12.93
CA GLU D 327 9.55 40.44 12.51
C GLU D 327 9.37 39.83 11.13
N PHE D 328 10.48 39.75 10.40
CA PHE D 328 10.52 39.19 9.05
C PHE D 328 11.95 38.76 8.70
N THR D 329 12.09 37.84 7.75
CA THR D 329 13.39 37.34 7.33
C THR D 329 14.12 38.27 6.38
N LYS D 330 15.44 38.13 6.35
CA LYS D 330 16.31 38.93 5.49
C LYS D 330 17.08 37.94 4.63
N PRO D 331 16.53 37.56 3.46
CA PRO D 331 17.14 36.62 2.53
C PRO D 331 18.42 37.07 1.85
N ILE D 332 19.31 36.11 1.62
CA ILE D 332 20.56 36.41 0.92
C ILE D 332 20.46 35.61 -0.37
N ALA D 333 19.31 34.95 -0.55
CA ALA D 333 19.02 34.13 -1.72
C ALA D 333 17.55 33.81 -1.83
N GLY D 334 17.17 33.23 -2.97
CA GLY D 334 15.78 32.87 -3.19
C GLY D 334 14.94 34.01 -3.73
N MET D 335 13.64 33.98 -3.43
CA MET D 335 12.72 35.01 -3.89
C MET D 335 11.62 35.36 -2.91
N PHE D 336 11.74 34.89 -1.68
CA PHE D 336 10.69 35.19 -0.70
C PHE D 336 11.19 35.79 0.61
N VAL D 337 10.26 36.42 1.32
CA VAL D 337 10.51 37.01 2.61
C VAL D 337 9.38 36.49 3.47
N MET D 338 9.69 36.00 4.67
CA MET D 338 8.61 35.52 5.53
C MET D 338 8.34 36.59 6.58
N PHE D 339 7.11 37.09 6.58
CA PHE D 339 6.68 38.12 7.51
C PHE D 339 5.88 37.52 8.65
N PHE D 340 6.11 38.04 9.85
CA PHE D 340 5.39 37.52 11.01
C PHE D 340 4.46 38.51 11.69
N LEU D 341 3.20 38.09 11.86
CA LEU D 341 2.20 38.90 12.54
C LEU D 341 2.49 38.77 14.03
N PRO D 342 1.74 39.48 14.89
CA PRO D 342 2.01 39.33 16.32
C PRO D 342 1.77 37.87 16.70
N GLU D 343 2.62 37.31 17.58
CA GLU D 343 2.47 35.92 17.99
C GLU D 343 1.05 35.64 18.50
N GLY D 344 0.30 34.85 17.75
CA GLY D 344 -1.07 34.51 18.13
C GLY D 344 -2.05 34.90 17.03
N ALA D 345 -1.67 35.88 16.21
CA ALA D 345 -2.51 36.36 15.12
C ALA D 345 -2.73 35.32 14.02
N ASP D 346 -3.94 35.31 13.47
CA ASP D 346 -4.31 34.40 12.41
C ASP D 346 -3.90 34.96 11.05
N GLY D 347 -2.83 34.42 10.48
CA GLY D 347 -2.35 34.90 9.20
C GLY D 347 -3.26 34.57 8.02
N ILE D 348 -3.98 33.45 8.12
CA ILE D 348 -4.87 33.03 7.05
C ILE D 348 -6.01 34.01 6.80
N SER D 349 -6.67 34.43 7.87
CA SER D 349 -7.77 35.38 7.74
C SER D 349 -7.23 36.77 7.43
N PHE D 350 -6.05 37.07 7.98
CA PHE D 350 -5.41 38.35 7.76
C PHE D 350 -5.16 38.54 6.26
N ALA D 351 -4.65 37.48 5.64
CA ALA D 351 -4.38 37.51 4.21
C ALA D 351 -5.68 37.75 3.47
N ASN D 352 -6.76 37.11 3.92
CA ASN D 352 -8.06 37.28 3.27
C ASN D 352 -8.56 38.71 3.48
N GLU D 353 -8.33 39.25 4.67
CA GLU D 353 -8.77 40.59 5.01
C GLU D 353 -7.94 41.66 4.27
N LEU D 354 -6.69 41.32 3.97
CA LEU D 354 -5.80 42.24 3.26
C LEU D 354 -6.20 42.29 1.79
N MET D 355 -6.69 41.16 1.28
CA MET D 355 -7.11 41.08 -0.11
C MET D 355 -8.50 41.67 -0.29
N GLU D 356 -9.37 41.47 0.70
CA GLU D 356 -10.72 42.00 0.63
C GLU D 356 -10.79 43.51 0.84
N ARG D 357 -9.94 44.03 1.71
CA ARG D 357 -9.96 45.46 2.01
C ARG D 357 -8.92 46.33 1.31
N GLU D 358 -7.74 45.77 1.02
CA GLU D 358 -6.71 46.58 0.38
C GLU D 358 -6.28 46.17 -1.04
N GLY D 359 -6.69 44.99 -1.49
CA GLY D 359 -6.34 44.56 -2.83
C GLY D 359 -4.97 43.95 -3.05
N VAL D 360 -4.27 43.57 -1.98
CA VAL D 360 -2.95 42.97 -2.10
C VAL D 360 -3.04 41.48 -1.78
N VAL D 361 -2.34 40.66 -2.55
CA VAL D 361 -2.35 39.22 -2.36
C VAL D 361 -1.04 38.68 -1.79
N VAL D 362 -1.15 38.04 -0.63
CA VAL D 362 -0.01 37.43 0.07
C VAL D 362 -0.40 35.99 0.46
N VAL D 363 0.59 35.12 0.57
CA VAL D 363 0.35 33.72 0.92
C VAL D 363 0.48 33.48 2.43
N PRO D 364 -0.58 32.94 3.05
CA PRO D 364 -0.62 32.65 4.49
C PRO D 364 0.69 32.10 5.07
N GLY D 365 1.13 30.93 4.68
CA GLY D 365 2.36 30.45 5.28
C GLY D 365 2.13 29.32 6.26
N LYS D 366 1.10 29.44 7.09
CA LYS D 366 0.75 28.39 8.05
C LYS D 366 0.74 27.02 7.36
N PRO D 367 0.19 26.95 6.15
CA PRO D 367 0.14 25.67 5.41
C PRO D 367 1.50 25.09 5.03
N PHE D 368 2.58 25.88 5.21
CA PHE D 368 3.94 25.43 4.90
C PHE D 368 4.57 24.78 6.12
N TYR D 369 3.87 24.86 7.25
CA TYR D 369 4.39 24.27 8.49
C TYR D 369 3.98 22.82 8.65
N THR D 370 4.83 22.07 9.35
CA THR D 370 4.58 20.64 9.56
C THR D 370 3.86 20.32 10.85
N ASP D 371 3.81 21.28 11.76
CA ASP D 371 3.13 21.05 13.03
C ASP D 371 2.13 22.18 13.28
N GLU D 372 1.86 22.50 14.54
CA GLU D 372 0.88 23.53 14.86
C GLU D 372 1.39 24.97 14.89
N SER D 373 2.67 25.18 14.60
CA SER D 373 3.21 26.52 14.61
C SER D 373 3.09 27.23 13.24
N GLY D 374 3.46 28.50 13.21
CA GLY D 374 3.40 29.27 11.98
C GLY D 374 2.06 29.93 11.71
N LYS D 375 1.16 29.85 12.68
CA LYS D 375 -0.17 30.44 12.53
C LYS D 375 -0.11 31.92 12.14
N ASN D 376 0.86 32.64 12.69
CA ASN D 376 1.03 34.07 12.44
C ASN D 376 1.93 34.40 11.26
N ALA D 377 2.35 33.39 10.50
CA ALA D 377 3.25 33.59 9.38
C ALA D 377 2.55 34.07 8.10
N ILE D 378 3.28 34.81 7.27
CA ILE D 378 2.79 35.32 5.99
C ILE D 378 3.99 35.34 5.02
N ARG D 379 3.88 34.66 3.89
CA ARG D 379 4.97 34.61 2.91
C ARG D 379 4.84 35.74 1.89
N LEU D 380 5.96 36.38 1.57
CA LEU D 380 5.98 37.48 0.61
C LEU D 380 6.97 37.23 -0.52
N ASN D 381 6.50 37.39 -1.75
CA ASN D 381 7.35 37.21 -2.93
C ASN D 381 7.78 38.54 -3.55
N PHE D 382 9.07 38.64 -3.89
CA PHE D 382 9.58 39.86 -4.48
C PHE D 382 10.20 39.72 -5.88
N SER D 383 10.21 38.52 -6.45
CA SER D 383 10.82 38.34 -7.77
C SER D 383 9.91 38.66 -8.97
N ARG D 384 8.61 38.60 -8.77
CA ARG D 384 7.67 38.85 -9.87
C ARG D 384 7.10 40.26 -9.92
N PRO D 385 6.67 40.79 -8.77
CA PRO D 385 6.11 42.15 -8.78
C PRO D 385 7.14 43.18 -9.25
N SER D 386 6.65 44.34 -9.68
CA SER D 386 7.49 45.43 -10.18
C SER D 386 8.04 46.28 -9.02
N LYS D 387 9.15 46.97 -9.27
CA LYS D 387 9.78 47.83 -8.25
C LYS D 387 8.78 48.84 -7.68
N GLU D 388 7.80 49.20 -8.50
CA GLU D 388 6.77 50.16 -8.12
C GLU D 388 5.69 49.50 -7.27
N GLU D 389 5.37 48.25 -7.59
CA GLU D 389 4.35 47.54 -6.85
C GLU D 389 4.75 47.22 -5.41
N ILE D 390 5.99 46.78 -5.23
CA ILE D 390 6.47 46.40 -3.91
C ILE D 390 6.15 47.41 -2.78
N PRO D 391 6.71 48.63 -2.87
CA PRO D 391 6.45 49.65 -1.84
C PRO D 391 4.96 49.81 -1.55
N ILE D 392 4.17 49.94 -2.60
CA ILE D 392 2.72 50.08 -2.48
C ILE D 392 2.15 48.80 -1.85
N GLY D 393 2.75 47.67 -2.22
CA GLY D 393 2.30 46.39 -1.69
C GLY D 393 2.38 46.28 -0.18
N ILE D 394 3.61 46.32 0.37
CA ILE D 394 3.79 46.21 1.81
C ILE D 394 3.22 47.43 2.53
N LYS D 395 3.05 48.52 1.79
CA LYS D 395 2.48 49.75 2.32
C LYS D 395 1.10 49.40 2.83
N LYS D 396 0.26 48.89 1.92
CA LYS D 396 -1.11 48.49 2.24
C LYS D 396 -1.12 47.39 3.30
N LEU D 397 -0.09 46.54 3.27
CA LEU D 397 0.04 45.45 4.22
C LEU D 397 0.23 46.05 5.61
N ALA D 398 0.96 47.15 5.68
CA ALA D 398 1.21 47.82 6.94
C ALA D 398 -0.04 48.52 7.47
N LYS D 399 -0.87 49.01 6.55
CA LYS D 399 -2.10 49.70 6.95
C LYS D 399 -3.03 48.77 7.70
N LEU D 400 -3.25 47.58 7.17
CA LEU D 400 -4.11 46.60 7.83
C LEU D 400 -3.40 46.12 9.09
N TYR D 401 -2.07 46.05 9.02
CA TYR D 401 -1.28 45.61 10.17
C TYR D 401 -1.58 46.48 11.38
N LYS D 402 -1.13 47.74 11.33
CA LYS D 402 -1.34 48.68 12.43
C LYS D 402 -2.81 48.92 12.71
N GLU D 403 -3.63 48.63 11.70
CA GLU D 403 -5.07 48.77 11.80
C GLU D 403 -5.57 47.82 12.89
N LYS D 404 -4.98 46.63 12.92
CA LYS D 404 -5.34 45.61 13.90
C LYS D 404 -4.32 45.51 15.05
N PHE D 405 -3.04 45.68 14.74
CA PHE D 405 -1.99 45.60 15.76
C PHE D 405 -1.18 46.90 15.85
ZN ZN E . 3.65 -17.62 -5.01
N1 PMP F . 5.75 -23.55 10.28
C2 PMP F . 5.77 -24.70 9.57
C2A PMP F . 7.01 -24.95 8.71
C3 PMP F . 4.70 -25.63 9.63
O3 PMP F . 4.77 -26.80 8.88
C4 PMP F . 3.56 -25.34 10.47
C4A PMP F . 2.40 -26.35 10.53
N4A PMP F . 1.14 -25.82 10.04
C5 PMP F . 3.58 -24.00 11.25
C6 PMP F . 4.70 -23.15 11.11
C5A PMP F . 2.43 -23.57 12.18
O4P PMP F . 2.37 -24.27 13.02
P PMP F . 1.20 -23.81 14.12
O1P PMP F . 1.75 -23.23 15.84
O2P PMP F . 0.14 -25.39 14.39
O3P PMP F . 0.10 -22.51 13.48
N1 IMD G . 2.67 -21.32 -3.87
C2 IMD G . 3.40 -20.37 -4.45
N3 IMD G . 3.10 -19.21 -3.88
C4 IMD G . 2.15 -19.44 -2.92
C5 IMD G . 1.90 -20.76 -2.92
ZN ZN H . -7.19 7.55 15.68
N1 PMP I . -15.55 -5.67 20.53
C2 PMP I . -15.77 -4.90 21.63
C2A PMP I . -16.73 -3.72 21.47
C3 PMP I . -15.13 -5.19 22.87
O3 PMP I . -15.39 -4.39 23.96
C4 PMP I . -14.24 -6.32 22.95
C4A PMP I . -13.55 -6.64 24.30
N4A PMP I . -12.09 -6.60 24.23
C5 PMP I . -14.02 -7.15 21.66
C6 PMP I . -14.70 -6.77 20.48
C5A PMP I . -13.10 -8.38 21.61
O4P PMP I . -13.63 -9.19 22.13
P PMP I . -12.78 -10.63 22.12
O1P PMP I . -13.67 -12.15 21.47
O2P PMP I . -12.36 -10.95 23.95
O3P PMP I . -11.23 -10.55 21.18
N1 IMD J . -8.05 6.47 19.33
C2 IMD J . -8.18 7.12 18.18
N3 IMD J . -7.47 6.47 17.26
C4 IMD J . -6.89 5.40 17.85
C5 IMD J . -7.26 5.40 19.14
ZN ZN K . 2.12 -7.35 -17.18
N1 PMP L . -1.56 6.01 -25.71
C2 PMP L . -1.19 5.27 -26.78
C2A PMP L . -2.09 4.09 -27.16
C3 PMP L . -0.01 5.56 -27.50
O3 PMP L . 0.33 4.77 -28.59
C4 PMP L . 0.79 6.69 -27.09
C4A PMP L . 2.07 7.01 -27.89
N4A PMP L . 3.26 6.28 -27.44
C5 PMP L . 0.32 7.49 -25.87
C6 PMP L . -0.87 7.11 -25.22
C5A PMP L . 1.08 8.70 -25.34
O4P PMP L . 1.11 9.47 -26.13
P PMP L . 1.87 10.82 -25.58
O1P PMP L . 0.87 12.42 -25.42
O2P PMP L . 3.25 11.16 -26.86
O3P PMP L . 2.66 10.56 -23.96
N1 IMD M . 3.72 -6.47 -20.76
C2 IMD M . 2.93 -7.05 -19.89
N3 IMD M . 2.94 -6.35 -18.76
C4 IMD M . 3.76 -5.28 -18.93
C5 IMD M . 4.24 -5.36 -20.19
ZN ZN N . 1.23 17.70 6.35
N1 PMP O . 11.63 23.39 -5.22
C2 PMP O . 11.13 24.46 -4.56
C2A PMP O . 11.43 24.54 -3.07
C3 PMP O . 10.36 25.44 -5.23
O3 PMP O . 9.86 26.53 -4.52
C4 PMP O . 10.13 25.30 -6.66
C4A PMP O . 9.30 26.38 -7.38
N4A PMP O . 7.93 26.53 -6.89
C5 PMP O . 10.75 24.06 -7.35
C6 PMP O . 11.49 23.15 -6.57
C5A PMP O . 10.63 23.78 -8.85
O4P PMP O . 9.61 23.91 -9.23
P PMP O . 9.71 23.56 -10.86
O1P PMP O . 11.36 23.01 -11.61
O2P PMP O . 9.22 25.18 -11.73
O3P PMP O . 8.51 22.28 -11.32
N1 IMD P . 1.67 21.39 4.88
C2 IMD P . 1.81 20.40 5.75
N3 IMD P . 1.36 19.29 5.21
C4 IMD P . 0.93 19.55 3.97
C5 IMD P . 1.12 20.87 3.75
#